data_7YFU
# 
_entry.id   7YFU 
# 
_audit_conform.dict_name       mmcif_pdbx.dic 
_audit_conform.dict_version    5.392 
_audit_conform.dict_location   http://mmcif.pdb.org/dictionaries/ascii/mmcif_pdbx.dic 
# 
loop_
_database_2.database_id 
_database_2.database_code 
_database_2.pdbx_database_accession 
_database_2.pdbx_DOI 
PDB   7YFU         pdb_00007yfu 10.2210/pdb7yfu/pdb 
WWPDB D_1300030834 ?            ?                   
# 
loop_
_pdbx_audit_revision_history.ordinal 
_pdbx_audit_revision_history.data_content_type 
_pdbx_audit_revision_history.major_revision 
_pdbx_audit_revision_history.minor_revision 
_pdbx_audit_revision_history.revision_date 
1 'Structure model' 1 0 2023-05-17 
2 'Structure model' 1 1 2024-05-29 
# 
_pdbx_audit_revision_details.ordinal             1 
_pdbx_audit_revision_details.revision_ordinal    1 
_pdbx_audit_revision_details.data_content_type   'Structure model' 
_pdbx_audit_revision_details.provider            repository 
_pdbx_audit_revision_details.type                'Initial release' 
_pdbx_audit_revision_details.description         ? 
_pdbx_audit_revision_details.details             ? 
# 
_pdbx_audit_revision_group.ordinal             1 
_pdbx_audit_revision_group.revision_ordinal    2 
_pdbx_audit_revision_group.data_content_type   'Structure model' 
_pdbx_audit_revision_group.group               'Data collection' 
# 
loop_
_pdbx_audit_revision_category.ordinal 
_pdbx_audit_revision_category.revision_ordinal 
_pdbx_audit_revision_category.data_content_type 
_pdbx_audit_revision_category.category 
1 2 'Structure model' chem_comp_atom 
2 2 'Structure model' chem_comp_bond 
# 
_pdbx_database_status.status_code                     REL 
_pdbx_database_status.status_code_sf                  REL 
_pdbx_database_status.status_code_mr                  ? 
_pdbx_database_status.entry_id                        7YFU 
_pdbx_database_status.recvd_initial_deposition_date   2022-07-09 
_pdbx_database_status.SG_entry                        N 
_pdbx_database_status.deposit_site                    PDBJ 
_pdbx_database_status.process_site                    PDBJ 
_pdbx_database_status.status_code_cs                  ? 
_pdbx_database_status.status_code_nmr_data            ? 
_pdbx_database_status.methods_development_category    ? 
_pdbx_database_status.pdb_format_compatible           Y 
# 
_pdbx_contact_author.id                 2 
_pdbx_contact_author.email              lijch@scut.edu.cn 
_pdbx_contact_author.name_first         Jianchao 
_pdbx_contact_author.name_last          Li 
_pdbx_contact_author.name_mi            ? 
_pdbx_contact_author.role               'principal investigator/group leader' 
_pdbx_contact_author.identifier_ORCID   0000-0002-8921-1626 
# 
loop_
_audit_author.name 
_audit_author.pdbx_ordinal 
_audit_author.identifier_ORCID 
'He, R.'   1 ?                   
'Chen, G.' 2 ?                   
'Li, Z.'   3 ?                   
'Li, J.'   4 0000-0002-8921-1626 
# 
_citation.abstract                  ? 
_citation.abstract_id_CAS           ? 
_citation.book_id_ISBN              ? 
_citation.book_publisher            ? 
_citation.book_publisher_city       ? 
_citation.book_title                ? 
_citation.coordinate_linkage        ? 
_citation.country                   US 
_citation.database_id_Medline       ? 
_citation.details                   ? 
_citation.id                        primary 
_citation.journal_abbrev            Iscience 
_citation.journal_id_ASTM           ? 
_citation.journal_id_CSD            ? 
_citation.journal_id_ISSN           2589-0042 
_citation.journal_full              ? 
_citation.journal_issue             ? 
_citation.journal_volume            26 
_citation.language                  ? 
_citation.page_first                106249 
_citation.page_last                 106249 
_citation.title                     'Structure of the N-terminal coiled-coil domains of the ciliary protein Rpgrip1l.' 
_citation.year                      2023 
_citation.database_id_CSD           ? 
_citation.pdbx_database_id_DOI      10.1016/j.isci.2023.106249 
_citation.pdbx_database_id_PubMed   36915689 
_citation.pdbx_database_id_patent   ? 
_citation.unpublished_flag          ? 
# 
loop_
_citation_author.citation_id 
_citation_author.name 
_citation_author.ordinal 
_citation_author.identifier_ORCID 
primary 'He, R.'   1 ? 
primary 'Chen, G.' 2 ? 
primary 'Li, Z.'   3 ? 
primary 'Li, J.'   4 ? 
# 
loop_
_entity.id 
_entity.type 
_entity.src_method 
_entity.pdbx_description 
_entity.formula_weight 
_entity.pdbx_number_of_molecules 
_entity.pdbx_ec 
_entity.pdbx_mutation 
_entity.pdbx_fragment 
_entity.details 
1 polymer man 'Protein fantom' 5252.910 2   ? ? ? ? 
2 water   nat water            18.015   112 ? ? ? ? 
# 
_entity_name_com.entity_id   1 
_entity_name_com.name        'Nephrocystin-8,RPGR-interacting protein 1-like protein,RPGRIP1-like protein' 
# 
_entity_poly.entity_id                      1 
_entity_poly.type                           'polypeptide(L)' 
_entity_poly.nstd_linkage                   no 
_entity_poly.nstd_monomer                   no 
_entity_poly.pdbx_seq_one_letter_code       GPGSRDVEMEEMIEQLQEKVHELERQNEVLKNRLISAKQQLQVQG 
_entity_poly.pdbx_seq_one_letter_code_can   GPGSRDVEMEEMIEQLQEKVHELERQNEVLKNRLISAKQQLQVQG 
_entity_poly.pdbx_strand_id                 A,B 
_entity_poly.pdbx_target_identifier         ? 
# 
_pdbx_entity_nonpoly.entity_id   2 
_pdbx_entity_nonpoly.name        water 
_pdbx_entity_nonpoly.comp_id     HOH 
# 
loop_
_entity_poly_seq.entity_id 
_entity_poly_seq.num 
_entity_poly_seq.mon_id 
_entity_poly_seq.hetero 
1 1  GLY n 
1 2  PRO n 
1 3  GLY n 
1 4  SER n 
1 5  ARG n 
1 6  ASP n 
1 7  VAL n 
1 8  GLU n 
1 9  MET n 
1 10 GLU n 
1 11 GLU n 
1 12 MET n 
1 13 ILE n 
1 14 GLU n 
1 15 GLN n 
1 16 LEU n 
1 17 GLN n 
1 18 GLU n 
1 19 LYS n 
1 20 VAL n 
1 21 HIS n 
1 22 GLU n 
1 23 LEU n 
1 24 GLU n 
1 25 ARG n 
1 26 GLN n 
1 27 ASN n 
1 28 GLU n 
1 29 VAL n 
1 30 LEU n 
1 31 LYS n 
1 32 ASN n 
1 33 ARG n 
1 34 LEU n 
1 35 ILE n 
1 36 SER n 
1 37 ALA n 
1 38 LYS n 
1 39 GLN n 
1 40 GLN n 
1 41 LEU n 
1 42 GLN n 
1 43 VAL n 
1 44 GLN n 
1 45 GLY n 
# 
_entity_src_gen.entity_id                          1 
_entity_src_gen.pdbx_src_id                        1 
_entity_src_gen.pdbx_alt_source_flag               sample 
_entity_src_gen.pdbx_seq_type                      'Biological sequence' 
_entity_src_gen.pdbx_beg_seq_num                   1 
_entity_src_gen.pdbx_end_seq_num                   45 
_entity_src_gen.gene_src_common_name               'house mouse' 
_entity_src_gen.gene_src_genus                     ? 
_entity_src_gen.pdbx_gene_src_gene                 'Rpgrip1l, Ftm, Nphp8' 
_entity_src_gen.gene_src_species                   ? 
_entity_src_gen.gene_src_strain                    ? 
_entity_src_gen.gene_src_tissue                    ? 
_entity_src_gen.gene_src_tissue_fraction           ? 
_entity_src_gen.gene_src_details                   ? 
_entity_src_gen.pdbx_gene_src_fragment             ? 
_entity_src_gen.pdbx_gene_src_scientific_name      'Mus musculus' 
_entity_src_gen.pdbx_gene_src_ncbi_taxonomy_id     10090 
_entity_src_gen.pdbx_gene_src_variant              ? 
_entity_src_gen.pdbx_gene_src_cell_line            ? 
_entity_src_gen.pdbx_gene_src_atcc                 ? 
_entity_src_gen.pdbx_gene_src_organ                ? 
_entity_src_gen.pdbx_gene_src_organelle            ? 
_entity_src_gen.pdbx_gene_src_cell                 ? 
_entity_src_gen.pdbx_gene_src_cellular_location    ? 
_entity_src_gen.host_org_common_name               ? 
_entity_src_gen.pdbx_host_org_scientific_name      'Escherichia coli' 
_entity_src_gen.pdbx_host_org_ncbi_taxonomy_id     562 
_entity_src_gen.host_org_genus                     ? 
_entity_src_gen.pdbx_host_org_gene                 ? 
_entity_src_gen.pdbx_host_org_organ                ? 
_entity_src_gen.host_org_species                   ? 
_entity_src_gen.pdbx_host_org_tissue               ? 
_entity_src_gen.pdbx_host_org_tissue_fraction      ? 
_entity_src_gen.pdbx_host_org_strain               ? 
_entity_src_gen.pdbx_host_org_variant              ? 
_entity_src_gen.pdbx_host_org_cell_line            ? 
_entity_src_gen.pdbx_host_org_atcc                 ? 
_entity_src_gen.pdbx_host_org_culture_collection   ? 
_entity_src_gen.pdbx_host_org_cell                 ? 
_entity_src_gen.pdbx_host_org_organelle            ? 
_entity_src_gen.pdbx_host_org_cellular_location    ? 
_entity_src_gen.pdbx_host_org_vector_type          ? 
_entity_src_gen.pdbx_host_org_vector               ? 
_entity_src_gen.host_org_details                   ? 
_entity_src_gen.expression_system_id               ? 
_entity_src_gen.plasmid_name                       ? 
_entity_src_gen.plasmid_details                    ? 
_entity_src_gen.pdbx_description                   ? 
# 
loop_
_chem_comp.id 
_chem_comp.type 
_chem_comp.mon_nstd_flag 
_chem_comp.name 
_chem_comp.pdbx_synonyms 
_chem_comp.formula 
_chem_comp.formula_weight 
ALA 'L-peptide linking' y ALANINE         ? 'C3 H7 N O2'     89.093  
ARG 'L-peptide linking' y ARGININE        ? 'C6 H15 N4 O2 1' 175.209 
ASN 'L-peptide linking' y ASPARAGINE      ? 'C4 H8 N2 O3'    132.118 
ASP 'L-peptide linking' y 'ASPARTIC ACID' ? 'C4 H7 N O4'     133.103 
GLN 'L-peptide linking' y GLUTAMINE       ? 'C5 H10 N2 O3'   146.144 
GLU 'L-peptide linking' y 'GLUTAMIC ACID' ? 'C5 H9 N O4'     147.129 
GLY 'peptide linking'   y GLYCINE         ? 'C2 H5 N O2'     75.067  
HIS 'L-peptide linking' y HISTIDINE       ? 'C6 H10 N3 O2 1' 156.162 
HOH non-polymer         . WATER           ? 'H2 O'           18.015  
ILE 'L-peptide linking' y ISOLEUCINE      ? 'C6 H13 N O2'    131.173 
LEU 'L-peptide linking' y LEUCINE         ? 'C6 H13 N O2'    131.173 
LYS 'L-peptide linking' y LYSINE          ? 'C6 H15 N2 O2 1' 147.195 
MET 'L-peptide linking' y METHIONINE      ? 'C5 H11 N O2 S'  149.211 
PRO 'L-peptide linking' y PROLINE         ? 'C5 H9 N O2'     115.130 
SER 'L-peptide linking' y SERINE          ? 'C3 H7 N O3'     105.093 
VAL 'L-peptide linking' y VALINE          ? 'C5 H11 N O2'    117.146 
# 
loop_
_pdbx_poly_seq_scheme.asym_id 
_pdbx_poly_seq_scheme.entity_id 
_pdbx_poly_seq_scheme.seq_id 
_pdbx_poly_seq_scheme.mon_id 
_pdbx_poly_seq_scheme.ndb_seq_num 
_pdbx_poly_seq_scheme.pdb_seq_num 
_pdbx_poly_seq_scheme.auth_seq_num 
_pdbx_poly_seq_scheme.pdb_mon_id 
_pdbx_poly_seq_scheme.auth_mon_id 
_pdbx_poly_seq_scheme.pdb_strand_id 
_pdbx_poly_seq_scheme.pdb_ins_code 
_pdbx_poly_seq_scheme.hetero 
A 1 1  GLY 1  -3 -3 GLY GLY A . n 
A 1 2  PRO 2  -2 -2 PRO PRO A . n 
A 1 3  GLY 3  -1 -1 GLY GLY A . n 
A 1 4  SER 4  0  0  SER SER A . n 
A 1 5  ARG 5  1  1  ARG ARG A . n 
A 1 6  ASP 6  2  2  ASP ASP A . n 
A 1 7  VAL 7  3  3  VAL VAL A . n 
A 1 8  GLU 8  4  4  GLU GLU A . n 
A 1 9  MET 9  5  5  MET MET A . n 
A 1 10 GLU 10 6  6  GLU GLU A . n 
A 1 11 GLU 11 7  7  GLU GLU A . n 
A 1 12 MET 12 8  8  MET MET A . n 
A 1 13 ILE 13 9  9  ILE ILE A . n 
A 1 14 GLU 14 10 10 GLU GLU A . n 
A 1 15 GLN 15 11 11 GLN GLN A . n 
A 1 16 LEU 16 12 12 LEU LEU A . n 
A 1 17 GLN 17 13 13 GLN GLN A . n 
A 1 18 GLU 18 14 14 GLU GLU A . n 
A 1 19 LYS 19 15 15 LYS LYS A . n 
A 1 20 VAL 20 16 16 VAL VAL A . n 
A 1 21 HIS 21 17 17 HIS HIS A . n 
A 1 22 GLU 22 18 18 GLU GLU A . n 
A 1 23 LEU 23 19 19 LEU LEU A . n 
A 1 24 GLU 24 20 20 GLU GLU A . n 
A 1 25 ARG 25 21 21 ARG ARG A . n 
A 1 26 GLN 26 22 22 GLN GLN A . n 
A 1 27 ASN 27 23 23 ASN ASN A . n 
A 1 28 GLU 28 24 24 GLU GLU A . n 
A 1 29 VAL 29 25 25 VAL VAL A . n 
A 1 30 LEU 30 26 26 LEU LEU A . n 
A 1 31 LYS 31 27 27 LYS LYS A . n 
A 1 32 ASN 32 28 28 ASN ASN A . n 
A 1 33 ARG 33 29 29 ARG ARG A . n 
A 1 34 LEU 34 30 30 LEU LEU A . n 
A 1 35 ILE 35 31 31 ILE ILE A . n 
A 1 36 SER 36 32 32 SER SER A . n 
A 1 37 ALA 37 33 33 ALA ALA A . n 
A 1 38 LYS 38 34 34 LYS LYS A . n 
A 1 39 GLN 39 35 35 GLN GLN A . n 
A 1 40 GLN 40 36 36 GLN GLN A . n 
A 1 41 LEU 41 37 37 LEU LEU A . n 
A 1 42 GLN 42 38 38 GLN GLN A . n 
A 1 43 VAL 43 39 39 VAL VAL A . n 
A 1 44 GLN 44 40 40 GLN GLN A . n 
A 1 45 GLY 45 41 ?  ?   ?   A . n 
B 1 1  GLY 1  -3 -3 GLY GLY B . n 
B 1 2  PRO 2  -2 -2 PRO PRO B . n 
B 1 3  GLY 3  -1 -1 GLY GLY B . n 
B 1 4  SER 4  0  0  SER SER B . n 
B 1 5  ARG 5  1  1  ARG ARG B . n 
B 1 6  ASP 6  2  2  ASP ASP B . n 
B 1 7  VAL 7  3  3  VAL VAL B . n 
B 1 8  GLU 8  4  4  GLU GLU B . n 
B 1 9  MET 9  5  5  MET MET B . n 
B 1 10 GLU 10 6  6  GLU GLU B . n 
B 1 11 GLU 11 7  7  GLU GLU B . n 
B 1 12 MET 12 8  8  MET MET B . n 
B 1 13 ILE 13 9  9  ILE ILE B . n 
B 1 14 GLU 14 10 10 GLU GLU B . n 
B 1 15 GLN 15 11 11 GLN GLN B . n 
B 1 16 LEU 16 12 12 LEU LEU B . n 
B 1 17 GLN 17 13 13 GLN GLN B . n 
B 1 18 GLU 18 14 14 GLU GLU B . n 
B 1 19 LYS 19 15 15 LYS LYS B . n 
B 1 20 VAL 20 16 16 VAL VAL B . n 
B 1 21 HIS 21 17 17 HIS HIS B . n 
B 1 22 GLU 22 18 18 GLU GLU B . n 
B 1 23 LEU 23 19 19 LEU LEU B . n 
B 1 24 GLU 24 20 20 GLU GLU B . n 
B 1 25 ARG 25 21 21 ARG ARG B . n 
B 1 26 GLN 26 22 22 GLN GLN B . n 
B 1 27 ASN 27 23 23 ASN ASN B . n 
B 1 28 GLU 28 24 24 GLU GLU B . n 
B 1 29 VAL 29 25 25 VAL VAL B . n 
B 1 30 LEU 30 26 26 LEU LEU B . n 
B 1 31 LYS 31 27 27 LYS LYS B . n 
B 1 32 ASN 32 28 28 ASN ASN B . n 
B 1 33 ARG 33 29 29 ARG ARG B . n 
B 1 34 LEU 34 30 30 LEU LEU B . n 
B 1 35 ILE 35 31 31 ILE ILE B . n 
B 1 36 SER 36 32 32 SER SER B . n 
B 1 37 ALA 37 33 33 ALA ALA B . n 
B 1 38 LYS 38 34 34 LYS LYS B . n 
B 1 39 GLN 39 35 35 GLN GLN B . n 
B 1 40 GLN 40 36 36 GLN GLN B . n 
B 1 41 LEU 41 37 37 LEU LEU B . n 
B 1 42 GLN 42 38 38 GLN GLN B . n 
B 1 43 VAL 43 39 39 VAL VAL B . n 
B 1 44 GLN 44 40 40 GLN GLN B . n 
B 1 45 GLY 45 41 ?  ?   ?   B . n 
# 
loop_
_pdbx_nonpoly_scheme.asym_id 
_pdbx_nonpoly_scheme.entity_id 
_pdbx_nonpoly_scheme.mon_id 
_pdbx_nonpoly_scheme.ndb_seq_num 
_pdbx_nonpoly_scheme.pdb_seq_num 
_pdbx_nonpoly_scheme.auth_seq_num 
_pdbx_nonpoly_scheme.pdb_mon_id 
_pdbx_nonpoly_scheme.auth_mon_id 
_pdbx_nonpoly_scheme.pdb_strand_id 
_pdbx_nonpoly_scheme.pdb_ins_code 
C 2 HOH 1  101 80  HOH HOH A . 
C 2 HOH 2  102 99  HOH HOH A . 
C 2 HOH 3  103 35  HOH HOH A . 
C 2 HOH 4  104 82  HOH HOH A . 
C 2 HOH 5  105 87  HOH HOH A . 
C 2 HOH 6  106 43  HOH HOH A . 
C 2 HOH 7  107 9   HOH HOH A . 
C 2 HOH 8  108 65  HOH HOH A . 
C 2 HOH 9  109 66  HOH HOH A . 
C 2 HOH 10 110 2   HOH HOH A . 
C 2 HOH 11 111 15  HOH HOH A . 
C 2 HOH 12 112 54  HOH HOH A . 
C 2 HOH 13 113 57  HOH HOH A . 
C 2 HOH 14 114 51  HOH HOH A . 
C 2 HOH 15 115 74  HOH HOH A . 
C 2 HOH 16 116 88  HOH HOH A . 
C 2 HOH 17 117 27  HOH HOH A . 
C 2 HOH 18 118 12  HOH HOH A . 
C 2 HOH 19 119 32  HOH HOH A . 
C 2 HOH 20 120 26  HOH HOH A . 
C 2 HOH 21 121 94  HOH HOH A . 
C 2 HOH 22 122 10  HOH HOH A . 
C 2 HOH 23 123 107 HOH HOH A . 
C 2 HOH 24 124 14  HOH HOH A . 
C 2 HOH 25 125 11  HOH HOH A . 
C 2 HOH 26 126 21  HOH HOH A . 
C 2 HOH 27 127 111 HOH HOH A . 
C 2 HOH 28 128 105 HOH HOH A . 
C 2 HOH 29 129 39  HOH HOH A . 
C 2 HOH 30 130 18  HOH HOH A . 
C 2 HOH 31 131 20  HOH HOH A . 
C 2 HOH 32 132 53  HOH HOH A . 
C 2 HOH 33 133 68  HOH HOH A . 
C 2 HOH 34 134 100 HOH HOH A . 
C 2 HOH 35 135 104 HOH HOH A . 
C 2 HOH 36 136 47  HOH HOH A . 
C 2 HOH 37 137 49  HOH HOH A . 
C 2 HOH 38 138 77  HOH HOH A . 
C 2 HOH 39 139 90  HOH HOH A . 
C 2 HOH 40 140 73  HOH HOH A . 
C 2 HOH 41 141 61  HOH HOH A . 
C 2 HOH 42 142 55  HOH HOH A . 
C 2 HOH 43 143 108 HOH HOH A . 
C 2 HOH 44 144 33  HOH HOH A . 
C 2 HOH 45 145 31  HOH HOH A . 
C 2 HOH 46 146 92  HOH HOH A . 
C 2 HOH 47 147 41  HOH HOH A . 
C 2 HOH 48 148 59  HOH HOH A . 
C 2 HOH 49 149 85  HOH HOH A . 
C 2 HOH 50 150 30  HOH HOH A . 
C 2 HOH 51 151 64  HOH HOH A . 
D 2 HOH 1  101 79  HOH HOH B . 
D 2 HOH 2  102 93  HOH HOH B . 
D 2 HOH 3  103 84  HOH HOH B . 
D 2 HOH 4  104 16  HOH HOH B . 
D 2 HOH 5  105 110 HOH HOH B . 
D 2 HOH 6  106 25  HOH HOH B . 
D 2 HOH 7  107 56  HOH HOH B . 
D 2 HOH 8  108 102 HOH HOH B . 
D 2 HOH 9  109 86  HOH HOH B . 
D 2 HOH 10 110 22  HOH HOH B . 
D 2 HOH 11 111 69  HOH HOH B . 
D 2 HOH 12 112 81  HOH HOH B . 
D 2 HOH 13 113 112 HOH HOH B . 
D 2 HOH 14 114 17  HOH HOH B . 
D 2 HOH 15 115 7   HOH HOH B . 
D 2 HOH 16 116 97  HOH HOH B . 
D 2 HOH 17 117 96  HOH HOH B . 
D 2 HOH 18 118 45  HOH HOH B . 
D 2 HOH 19 119 75  HOH HOH B . 
D 2 HOH 20 120 1   HOH HOH B . 
D 2 HOH 21 121 42  HOH HOH B . 
D 2 HOH 22 122 4   HOH HOH B . 
D 2 HOH 23 123 71  HOH HOH B . 
D 2 HOH 24 124 44  HOH HOH B . 
D 2 HOH 25 125 3   HOH HOH B . 
D 2 HOH 26 126 46  HOH HOH B . 
D 2 HOH 27 127 6   HOH HOH B . 
D 2 HOH 28 128 8   HOH HOH B . 
D 2 HOH 29 129 89  HOH HOH B . 
D 2 HOH 30 130 62  HOH HOH B . 
D 2 HOH 31 131 5   HOH HOH B . 
D 2 HOH 32 132 23  HOH HOH B . 
D 2 HOH 33 133 72  HOH HOH B . 
D 2 HOH 34 134 78  HOH HOH B . 
D 2 HOH 35 135 95  HOH HOH B . 
D 2 HOH 36 136 98  HOH HOH B . 
D 2 HOH 37 137 48  HOH HOH B . 
D 2 HOH 38 138 38  HOH HOH B . 
D 2 HOH 39 139 36  HOH HOH B . 
D 2 HOH 40 140 101 HOH HOH B . 
D 2 HOH 41 141 28  HOH HOH B . 
D 2 HOH 42 142 50  HOH HOH B . 
D 2 HOH 43 143 34  HOH HOH B . 
D 2 HOH 44 144 63  HOH HOH B . 
D 2 HOH 45 145 58  HOH HOH B . 
D 2 HOH 46 146 91  HOH HOH B . 
D 2 HOH 47 147 67  HOH HOH B . 
D 2 HOH 48 148 37  HOH HOH B . 
D 2 HOH 49 149 109 HOH HOH B . 
D 2 HOH 50 150 83  HOH HOH B . 
D 2 HOH 51 151 29  HOH HOH B . 
D 2 HOH 52 152 52  HOH HOH B . 
D 2 HOH 53 153 40  HOH HOH B . 
D 2 HOH 54 154 103 HOH HOH B . 
D 2 HOH 55 155 60  HOH HOH B . 
D 2 HOH 56 156 76  HOH HOH B . 
D 2 HOH 57 157 106 HOH HOH B . 
D 2 HOH 58 158 13  HOH HOH B . 
D 2 HOH 59 159 70  HOH HOH B . 
D 2 HOH 60 160 19  HOH HOH B . 
D 2 HOH 61 161 24  HOH HOH B . 
# 
loop_
_pdbx_unobs_or_zero_occ_atoms.id 
_pdbx_unobs_or_zero_occ_atoms.PDB_model_num 
_pdbx_unobs_or_zero_occ_atoms.polymer_flag 
_pdbx_unobs_or_zero_occ_atoms.occupancy_flag 
_pdbx_unobs_or_zero_occ_atoms.auth_asym_id 
_pdbx_unobs_or_zero_occ_atoms.auth_comp_id 
_pdbx_unobs_or_zero_occ_atoms.auth_seq_id 
_pdbx_unobs_or_zero_occ_atoms.PDB_ins_code 
_pdbx_unobs_or_zero_occ_atoms.auth_atom_id 
_pdbx_unobs_or_zero_occ_atoms.label_alt_id 
_pdbx_unobs_or_zero_occ_atoms.label_asym_id 
_pdbx_unobs_or_zero_occ_atoms.label_comp_id 
_pdbx_unobs_or_zero_occ_atoms.label_seq_id 
_pdbx_unobs_or_zero_occ_atoms.label_atom_id 
1 1 Y 1 A GLN 40 ? CG  ? A GLN 44 CG  
2 1 Y 1 A GLN 40 ? CD  ? A GLN 44 CD  
3 1 Y 1 A GLN 40 ? OE1 ? A GLN 44 OE1 
4 1 Y 1 A GLN 40 ? NE2 ? A GLN 44 NE2 
5 1 Y 1 B GLN 40 ? CG  ? B GLN 44 CG  
6 1 Y 1 B GLN 40 ? CD  ? B GLN 44 CD  
7 1 Y 1 B GLN 40 ? OE1 ? B GLN 44 OE1 
8 1 Y 1 B GLN 40 ? NE2 ? B GLN 44 NE2 
# 
loop_
_software.citation_id 
_software.classification 
_software.compiler_name 
_software.compiler_version 
_software.contact_author 
_software.contact_author_email 
_software.date 
_software.description 
_software.dependencies 
_software.hardware 
_software.language 
_software.location 
_software.mods 
_software.name 
_software.os 
_software.os_version 
_software.type 
_software.version 
_software.pdbx_ordinal 
? 'data reduction'  ? ? ? ? ? ? ? ? ? ? ? DENZO       ? ? ? .      1 
? 'data scaling'    ? ? ? ? ? ? ? ? ? ? ? SCALEPACK   ? ? ? .      2 
? refinement        ? ? ? ? ? ? ? ? ? ? ? PHENIX      ? ? ? 1.18.2 3 
? 'data extraction' ? ? ? ? ? ? ? ? ? ? ? PDB_EXTRACT ? ? ? 3.27   4 
? phasing           ? ? ? ? ? ? ? ? ? ? ? Arcimboldo  ? ? ? .      5 
# 
_cell.angle_alpha                  90.000 
_cell.angle_alpha_esd              ? 
_cell.angle_beta                   90.690 
_cell.angle_beta_esd               ? 
_cell.angle_gamma                  90.000 
_cell.angle_gamma_esd              ? 
_cell.entry_id                     7YFU 
_cell.details                      ? 
_cell.formula_units_Z              ? 
_cell.length_a                     81.620 
_cell.length_a_esd                 ? 
_cell.length_b                     26.939 
_cell.length_b_esd                 ? 
_cell.length_c                     37.469 
_cell.length_c_esd                 ? 
_cell.volume                       ? 
_cell.volume_esd                   ? 
_cell.Z_PDB                        8 
_cell.reciprocal_angle_alpha       ? 
_cell.reciprocal_angle_beta        ? 
_cell.reciprocal_angle_gamma       ? 
_cell.reciprocal_angle_alpha_esd   ? 
_cell.reciprocal_angle_beta_esd    ? 
_cell.reciprocal_angle_gamma_esd   ? 
_cell.reciprocal_length_a          ? 
_cell.reciprocal_length_b          ? 
_cell.reciprocal_length_c          ? 
_cell.reciprocal_length_a_esd      ? 
_cell.reciprocal_length_b_esd      ? 
_cell.reciprocal_length_c_esd      ? 
_cell.pdbx_unique_axis             ? 
_cell.pdbx_esd_method              ? 
# 
_symmetry.entry_id                         7YFU 
_symmetry.cell_setting                     ? 
_symmetry.Int_Tables_number                5 
_symmetry.space_group_name_Hall            ? 
_symmetry.space_group_name_H-M             'C 1 2 1' 
_symmetry.pdbx_full_space_group_name_H-M   ? 
# 
_exptl.absorpt_coefficient_mu     ? 
_exptl.absorpt_correction_T_max   ? 
_exptl.absorpt_correction_T_min   ? 
_exptl.absorpt_correction_type    ? 
_exptl.absorpt_process_details    ? 
_exptl.entry_id                   7YFU 
_exptl.crystals_number            1 
_exptl.details                    ? 
_exptl.method                     'X-RAY DIFFRACTION' 
_exptl.method_details             ? 
# 
_exptl_crystal.colour                       ? 
_exptl_crystal.density_diffrn               ? 
_exptl_crystal.density_Matthews             1.96 
_exptl_crystal.density_method               ? 
_exptl_crystal.density_percent_sol          37.26 
_exptl_crystal.description                  ? 
_exptl_crystal.F_000                        ? 
_exptl_crystal.id                           1 
_exptl_crystal.preparation                  ? 
_exptl_crystal.size_max                     ? 
_exptl_crystal.size_mid                     ? 
_exptl_crystal.size_min                     ? 
_exptl_crystal.size_rad                     ? 
_exptl_crystal.colour_lustre                ? 
_exptl_crystal.colour_modifier              ? 
_exptl_crystal.colour_primary               ? 
_exptl_crystal.density_meas                 ? 
_exptl_crystal.density_meas_esd             ? 
_exptl_crystal.density_meas_gt              ? 
_exptl_crystal.density_meas_lt              ? 
_exptl_crystal.density_meas_temp            ? 
_exptl_crystal.density_meas_temp_esd        ? 
_exptl_crystal.density_meas_temp_gt         ? 
_exptl_crystal.density_meas_temp_lt         ? 
_exptl_crystal.pdbx_crystal_image_url       ? 
_exptl_crystal.pdbx_crystal_image_format    ? 
_exptl_crystal.pdbx_mosaicity               ? 
_exptl_crystal.pdbx_mosaicity_esd           ? 
_exptl_crystal.pdbx_mosaic_method           ? 
_exptl_crystal.pdbx_mosaic_block_size       ? 
_exptl_crystal.pdbx_mosaic_block_size_esd   ? 
# 
_exptl_crystal_grow.apparatus       ? 
_exptl_crystal_grow.atmosphere      ? 
_exptl_crystal_grow.crystal_id      1 
_exptl_crystal_grow.details         ? 
_exptl_crystal_grow.method          'VAPOR DIFFUSION' 
_exptl_crystal_grow.method_ref      ? 
_exptl_crystal_grow.pH              ? 
_exptl_crystal_grow.pressure        ? 
_exptl_crystal_grow.pressure_esd    ? 
_exptl_crystal_grow.seeding         ? 
_exptl_crystal_grow.seeding_ref     ? 
_exptl_crystal_grow.temp            289 
_exptl_crystal_grow.temp_details    ? 
_exptl_crystal_grow.temp_esd        ? 
_exptl_crystal_grow.time            ? 
_exptl_crystal_grow.pdbx_details    '2.0 M ammonium sulfate' 
_exptl_crystal_grow.pdbx_pH_range   ? 
# 
_diffrn.ambient_environment              ? 
_diffrn.ambient_temp                     100 
_diffrn.ambient_temp_details             ? 
_diffrn.ambient_temp_esd                 ? 
_diffrn.crystal_id                       1 
_diffrn.crystal_support                  ? 
_diffrn.crystal_treatment                ? 
_diffrn.details                          ? 
_diffrn.id                               1 
_diffrn.ambient_pressure                 ? 
_diffrn.ambient_pressure_esd             ? 
_diffrn.ambient_pressure_gt              ? 
_diffrn.ambient_pressure_lt              ? 
_diffrn.ambient_temp_gt                  ? 
_diffrn.ambient_temp_lt                  ? 
_diffrn.pdbx_serial_crystal_experiment   N 
# 
_diffrn_detector.details                      ? 
_diffrn_detector.detector                     PIXEL 
_diffrn_detector.diffrn_id                    1 
_diffrn_detector.type                         'DECTRIS PILATUS 6M' 
_diffrn_detector.area_resol_mean              ? 
_diffrn_detector.dtime                        ? 
_diffrn_detector.pdbx_frames_total            ? 
_diffrn_detector.pdbx_collection_time_total   ? 
_diffrn_detector.pdbx_collection_date         2021-01-08 
_diffrn_detector.pdbx_frequency               ? 
# 
_diffrn_radiation.collimation                      ? 
_diffrn_radiation.diffrn_id                        1 
_diffrn_radiation.filter_edge                      ? 
_diffrn_radiation.inhomogeneity                    ? 
_diffrn_radiation.monochromator                    ? 
_diffrn_radiation.polarisn_norm                    ? 
_diffrn_radiation.polarisn_ratio                   ? 
_diffrn_radiation.probe                            ? 
_diffrn_radiation.type                             ? 
_diffrn_radiation.xray_symbol                      ? 
_diffrn_radiation.wavelength_id                    1 
_diffrn_radiation.pdbx_monochromatic_or_laue_m_l   M 
_diffrn_radiation.pdbx_wavelength_list             ? 
_diffrn_radiation.pdbx_wavelength                  ? 
_diffrn_radiation.pdbx_diffrn_protocol             'SINGLE WAVELENGTH' 
_diffrn_radiation.pdbx_analyzer                    ? 
_diffrn_radiation.pdbx_scattering_type             x-ray 
# 
_diffrn_radiation_wavelength.id           1 
_diffrn_radiation_wavelength.wavelength   0.97915 
_diffrn_radiation_wavelength.wt           1.0 
# 
_diffrn_source.current                     ? 
_diffrn_source.details                     ? 
_diffrn_source.diffrn_id                   1 
_diffrn_source.power                       ? 
_diffrn_source.size                        ? 
_diffrn_source.source                      SYNCHROTRON 
_diffrn_source.target                      ? 
_diffrn_source.type                        'SSRF BEAMLINE BL18U1' 
_diffrn_source.voltage                     ? 
_diffrn_source.take-off_angle              ? 
_diffrn_source.pdbx_wavelength_list        0.97915 
_diffrn_source.pdbx_wavelength             ? 
_diffrn_source.pdbx_synchrotron_beamline   BL18U1 
_diffrn_source.pdbx_synchrotron_site       SSRF 
# 
_reflns.B_iso_Wilson_estimate                          ? 
_reflns.entry_id                                       7YFU 
_reflns.data_reduction_details                         ? 
_reflns.data_reduction_method                          ? 
_reflns.d_resolution_high                              1.500 
_reflns.d_resolution_low                               30.000 
_reflns.details                                        ? 
_reflns.limit_h_max                                    ? 
_reflns.limit_h_min                                    ? 
_reflns.limit_k_max                                    ? 
_reflns.limit_k_min                                    ? 
_reflns.limit_l_max                                    ? 
_reflns.limit_l_min                                    ? 
_reflns.number_all                                     ? 
_reflns.number_obs                                     13124 
_reflns.observed_criterion                             ? 
_reflns.observed_criterion_F_max                       ? 
_reflns.observed_criterion_F_min                       ? 
_reflns.observed_criterion_I_max                       ? 
_reflns.observed_criterion_I_min                       ? 
_reflns.observed_criterion_sigma_F                     ? 
_reflns.observed_criterion_sigma_I                     ? 
_reflns.percent_possible_obs                           98.700 
_reflns.R_free_details                                 ? 
_reflns.Rmerge_F_all                                   ? 
_reflns.Rmerge_F_obs                                   ? 
_reflns.Friedel_coverage                               ? 
_reflns.number_gt                                      ? 
_reflns.threshold_expression                           ? 
_reflns.pdbx_redundancy                                5.900 
_reflns.pdbx_Rmerge_I_obs                              0.065 
_reflns.pdbx_Rmerge_I_all                              ? 
_reflns.pdbx_Rsym_value                                ? 
_reflns.pdbx_netI_over_av_sigmaI                       ? 
_reflns.pdbx_netI_over_sigmaI                          9.800 
_reflns.pdbx_res_netI_over_av_sigmaI_2                 ? 
_reflns.pdbx_res_netI_over_sigmaI_2                    ? 
_reflns.pdbx_chi_squared                               1.260 
_reflns.pdbx_scaling_rejects                           ? 
_reflns.pdbx_d_res_high_opt                            ? 
_reflns.pdbx_d_res_low_opt                             ? 
_reflns.pdbx_d_res_opt_method                          ? 
_reflns.phase_calculation_details                      ? 
_reflns.pdbx_Rrim_I_all                                0.071 
_reflns.pdbx_Rpim_I_all                                0.029 
_reflns.pdbx_d_opt                                     ? 
_reflns.pdbx_number_measured_all                       77240 
_reflns.pdbx_diffrn_id                                 1 
_reflns.pdbx_ordinal                                   1 
_reflns.pdbx_CC_half                                   ? 
_reflns.pdbx_CC_star                                   ? 
_reflns.pdbx_R_split                                   ? 
_reflns.pdbx_aniso_diffraction_limit_axis_1_ortho[1]   ? 
_reflns.pdbx_aniso_diffraction_limit_axis_1_ortho[2]   ? 
_reflns.pdbx_aniso_diffraction_limit_axis_1_ortho[3]   ? 
_reflns.pdbx_aniso_diffraction_limit_axis_2_ortho[1]   ? 
_reflns.pdbx_aniso_diffraction_limit_axis_2_ortho[2]   ? 
_reflns.pdbx_aniso_diffraction_limit_axis_2_ortho[3]   ? 
_reflns.pdbx_aniso_diffraction_limit_axis_3_ortho[1]   ? 
_reflns.pdbx_aniso_diffraction_limit_axis_3_ortho[2]   ? 
_reflns.pdbx_aniso_diffraction_limit_axis_3_ortho[3]   ? 
_reflns.pdbx_aniso_diffraction_limit_1                 ? 
_reflns.pdbx_aniso_diffraction_limit_2                 ? 
_reflns.pdbx_aniso_diffraction_limit_3                 ? 
_reflns.pdbx_aniso_B_tensor_eigenvector_1_ortho[1]     ? 
_reflns.pdbx_aniso_B_tensor_eigenvector_1_ortho[2]     ? 
_reflns.pdbx_aniso_B_tensor_eigenvector_1_ortho[3]     ? 
_reflns.pdbx_aniso_B_tensor_eigenvector_2_ortho[1]     ? 
_reflns.pdbx_aniso_B_tensor_eigenvector_2_ortho[2]     ? 
_reflns.pdbx_aniso_B_tensor_eigenvector_2_ortho[3]     ? 
_reflns.pdbx_aniso_B_tensor_eigenvector_3_ortho[1]     ? 
_reflns.pdbx_aniso_B_tensor_eigenvector_3_ortho[2]     ? 
_reflns.pdbx_aniso_B_tensor_eigenvector_3_ortho[3]     ? 
_reflns.pdbx_aniso_B_tensor_eigenvalue_1               ? 
_reflns.pdbx_aniso_B_tensor_eigenvalue_2               ? 
_reflns.pdbx_aniso_B_tensor_eigenvalue_3               ? 
_reflns.pdbx_orthogonalization_convention              ? 
_reflns.pdbx_percent_possible_ellipsoidal              ? 
_reflns.pdbx_percent_possible_spherical                ? 
_reflns.pdbx_percent_possible_ellipsoidal_anomalous    ? 
_reflns.pdbx_percent_possible_spherical_anomalous      ? 
_reflns.pdbx_redundancy_anomalous                      ? 
_reflns.pdbx_CC_half_anomalous                         ? 
_reflns.pdbx_absDiff_over_sigma_anomalous              ? 
_reflns.pdbx_percent_possible_anomalous                ? 
_reflns.pdbx_observed_signal_threshold                 ? 
_reflns.pdbx_signal_type                               ? 
_reflns.pdbx_signal_details                            ? 
_reflns.pdbx_signal_software_id                        ? 
_reflns.pdbx_CC_split_method                           ? 
# 
loop_
_reflns_shell.d_res_high 
_reflns_shell.d_res_low 
_reflns_shell.meanI_over_sigI_all 
_reflns_shell.meanI_over_sigI_obs 
_reflns_shell.number_measured_all 
_reflns_shell.number_measured_obs 
_reflns_shell.number_possible 
_reflns_shell.number_unique_all 
_reflns_shell.number_unique_obs 
_reflns_shell.percent_possible_all 
_reflns_shell.percent_possible_obs 
_reflns_shell.Rmerge_F_all 
_reflns_shell.Rmerge_F_obs 
_reflns_shell.Rmerge_I_all 
_reflns_shell.Rmerge_I_obs 
_reflns_shell.meanI_over_sigI_gt 
_reflns_shell.meanI_over_uI_all 
_reflns_shell.meanI_over_uI_gt 
_reflns_shell.number_measured_gt 
_reflns_shell.number_unique_gt 
_reflns_shell.percent_possible_gt 
_reflns_shell.Rmerge_F_gt 
_reflns_shell.Rmerge_I_gt 
_reflns_shell.pdbx_redundancy 
_reflns_shell.pdbx_Rsym_value 
_reflns_shell.pdbx_chi_squared 
_reflns_shell.pdbx_netI_over_sigmaI_all 
_reflns_shell.pdbx_netI_over_sigmaI_obs 
_reflns_shell.pdbx_Rrim_I_all 
_reflns_shell.pdbx_Rpim_I_all 
_reflns_shell.pdbx_rejects 
_reflns_shell.pdbx_ordinal 
_reflns_shell.pdbx_diffrn_id 
_reflns_shell.pdbx_CC_half 
_reflns_shell.pdbx_CC_star 
_reflns_shell.pdbx_R_split 
_reflns_shell.pdbx_percent_possible_ellipsoidal 
_reflns_shell.pdbx_percent_possible_spherical 
_reflns_shell.pdbx_percent_possible_ellipsoidal_anomalous 
_reflns_shell.pdbx_percent_possible_spherical_anomalous 
_reflns_shell.pdbx_redundancy_anomalous 
_reflns_shell.pdbx_CC_half_anomalous 
_reflns_shell.pdbx_absDiff_over_sigma_anomalous 
_reflns_shell.pdbx_percent_possible_anomalous 
1.500 1.530  ? ? ? ? ? ? 551 85.200  ? ? ? ? 0.336 ? ? ? ? ? ? ? ? 4.100 ? 1.159 ? ? 0.383 0.177 ? 1  1 0.958 ? ? ? ? ? ? ? ? ? ? 
1.530 1.550  ? ? ? ? ? ? 600 92.200  ? ? ? ? 0.397 ? ? ? ? ? ? ? ? 4.700 ? 0.998 ? ? 0.447 0.199 ? 2  1 0.938 ? ? ? ? ? ? ? ? ? ? 
1.550 1.580  ? ? ? ? ? ? 667 98.200  ? ? ? ? 0.356 ? ? ? ? ? ? ? ? 5.600 ? 0.926 ? ? 0.392 0.162 ? 3  1 0.958 ? ? ? ? ? ? ? ? ? ? 
1.580 1.620  ? ? ? ? ? ? 620 99.500  ? ? ? ? 0.325 ? ? ? ? ? ? ? ? 6.100 ? 0.911 ? ? 0.354 0.139 ? 4  1 0.973 ? ? ? ? ? ? ? ? ? ? 
1.620 1.650  ? ? ? ? ? ? 673 99.700  ? ? ? ? 0.295 ? ? ? ? ? ? ? ? 6.300 ? 0.832 ? ? 0.321 0.125 ? 5  1 0.972 ? ? ? ? ? ? ? ? ? ? 
1.650 1.690  ? ? ? ? ? ? 662 99.800  ? ? ? ? 0.260 ? ? ? ? ? ? ? ? 6.200 ? 0.734 ? ? 0.283 0.111 ? 6  1 0.976 ? ? ? ? ? ? ? ? ? ? 
1.690 1.730  ? ? ? ? ? ? 652 100.000 ? ? ? ? 0.229 ? ? ? ? ? ? ? ? 6.100 ? 0.746 ? ? 0.250 0.099 ? 7  1 0.981 ? ? ? ? ? ? ? ? ? ? 
1.730 1.780  ? ? ? ? ? ? 679 100.000 ? ? ? ? 0.198 ? ? ? ? ? ? ? ? 5.800 ? 0.748 ? ? 0.217 0.089 ? 8  1 0.982 ? ? ? ? ? ? ? ? ? ? 
1.780 1.830  ? ? ? ? ? ? 632 100.000 ? ? ? ? 0.162 ? ? ? ? ? ? ? ? 5.800 ? 0.829 ? ? 0.178 0.073 ? 9  1 0.986 ? ? ? ? ? ? ? ? ? ? 
1.830 1.890  ? ? ? ? ? ? 663 100.000 ? ? ? ? 0.141 ? ? ? ? ? ? ? ? 6.300 ? 0.813 ? ? 0.153 0.059 ? 10 1 0.992 ? ? ? ? ? ? ? ? ? ? 
1.890 1.960  ? ? ? ? ? ? 670 99.900  ? ? ? ? 0.131 ? ? ? ? ? ? ? ? 6.400 ? 0.940 ? ? 0.143 0.055 ? 11 1 0.992 ? ? ? ? ? ? ? ? ? ? 
1.960 2.040  ? ? ? ? ? ? 654 100.000 ? ? ? ? 0.105 ? ? ? ? ? ? ? ? 6.200 ? 0.995 ? ? 0.114 0.045 ? 12 1 0.993 ? ? ? ? ? ? ? ? ? ? 
2.040 2.130  ? ? ? ? ? ? 666 100.000 ? ? ? ? 0.083 ? ? ? ? ? ? ? ? 5.700 ? 1.193 ? ? 0.091 0.037 ? 13 1 0.994 ? ? ? ? ? ? ? ? ? ? 
2.130 2.240  ? ? ? ? ? ? 666 100.000 ? ? ? ? 0.073 ? ? ? ? ? ? ? ? 5.900 ? 1.487 ? ? 0.080 0.033 ? 14 1 0.995 ? ? ? ? ? ? ? ? ? ? 
2.240 2.380  ? ? ? ? ? ? 670 100.000 ? ? ? ? 0.066 ? ? ? ? ? ? ? ? 6.300 ? 1.491 ? ? 0.072 0.028 ? 15 1 0.996 ? ? ? ? ? ? ? ? ? ? 
2.380 2.560  ? ? ? ? ? ? 664 100.000 ? ? ? ? 0.061 ? ? ? ? ? ? ? ? 6.300 ? 1.698 ? ? 0.066 0.026 ? 16 1 0.996 ? ? ? ? ? ? ? ? ? ? 
2.560 2.820  ? ? ? ? ? ? 664 99.800  ? ? ? ? 0.053 ? ? ? ? ? ? ? ? 5.800 ? 1.684 ? ? 0.058 0.024 ? 17 1 0.998 ? ? ? ? ? ? ? ? ? ? 
2.820 3.230  ? ? ? ? ? ? 674 99.900  ? ? ? ? 0.050 ? ? ? ? ? ? ? ? 6.300 ? 2.030 ? ? 0.055 0.022 ? 18 1 0.998 ? ? ? ? ? ? ? ? ? ? 
3.230 4.070  ? ? ? ? ? ? 688 100.000 ? ? ? ? 0.046 ? ? ? ? ? ? ? ? 5.800 ? 2.342 ? ? 0.051 0.021 ? 19 1 0.998 ? ? ? ? ? ? ? ? ? ? 
4.070 30.000 ? ? ? ? ? ? 709 99.400  ? ? ? ? 0.048 ? ? ? ? ? ? ? ? 5.700 ? 2.458 ? ? 0.053 0.022 ? 20 1 0.997 ? ? ? ? ? ? ? ? ? ? 
# 
_refine.aniso_B[1][1]                            ? 
_refine.aniso_B[1][2]                            ? 
_refine.aniso_B[1][3]                            ? 
_refine.aniso_B[2][2]                            ? 
_refine.aniso_B[2][3]                            ? 
_refine.aniso_B[3][3]                            ? 
_refine.B_iso_max                                106.230 
_refine.B_iso_mean                               27.9743 
_refine.B_iso_min                                10.090 
_refine.correlation_coeff_Fo_to_Fc               ? 
_refine.correlation_coeff_Fo_to_Fc_free          ? 
_refine.details                                  ? 
_refine.diff_density_max                         ? 
_refine.diff_density_max_esd                     ? 
_refine.diff_density_min                         ? 
_refine.diff_density_min_esd                     ? 
_refine.diff_density_rms                         ? 
_refine.diff_density_rms_esd                     ? 
_refine.entry_id                                 7YFU 
_refine.pdbx_refine_id                           'X-RAY DIFFRACTION' 
_refine.ls_abs_structure_details                 ? 
_refine.ls_abs_structure_Flack                   ? 
_refine.ls_abs_structure_Flack_esd               ? 
_refine.ls_abs_structure_Rogers                  ? 
_refine.ls_abs_structure_Rogers_esd              ? 
_refine.ls_d_res_high                            1.5000 
_refine.ls_d_res_low                             21.1600 
_refine.ls_extinction_coef                       ? 
_refine.ls_extinction_coef_esd                   ? 
_refine.ls_extinction_expression                 ? 
_refine.ls_extinction_method                     ? 
_refine.ls_goodness_of_fit_all                   ? 
_refine.ls_goodness_of_fit_all_esd               ? 
_refine.ls_goodness_of_fit_obs                   ? 
_refine.ls_goodness_of_fit_obs_esd               ? 
_refine.ls_hydrogen_treatment                    ? 
_refine.ls_matrix_type                           ? 
_refine.ls_number_constraints                    ? 
_refine.ls_number_parameters                     ? 
_refine.ls_number_reflns_all                     ? 
_refine.ls_number_reflns_obs                     13120 
_refine.ls_number_reflns_R_free                  628 
_refine.ls_number_reflns_R_work                  12492 
_refine.ls_number_restraints                     ? 
_refine.ls_percent_reflns_obs                    98.5900 
_refine.ls_percent_reflns_R_free                 4.7900 
_refine.ls_R_factor_all                          ? 
_refine.ls_R_factor_obs                          0.1791 
_refine.ls_R_factor_R_free                       0.2154 
_refine.ls_R_factor_R_free_error                 ? 
_refine.ls_R_factor_R_free_error_details         ? 
_refine.ls_R_factor_R_work                       0.1773 
_refine.ls_R_Fsqd_factor_obs                     ? 
_refine.ls_R_I_factor_obs                        ? 
_refine.ls_redundancy_reflns_all                 ? 
_refine.ls_redundancy_reflns_obs                 ? 
_refine.ls_restrained_S_all                      ? 
_refine.ls_restrained_S_obs                      ? 
_refine.ls_shift_over_esd_max                    ? 
_refine.ls_shift_over_esd_mean                   ? 
_refine.ls_structure_factor_coef                 ? 
_refine.ls_weighting_details                     ? 
_refine.ls_weighting_scheme                      ? 
_refine.ls_wR_factor_all                         ? 
_refine.ls_wR_factor_obs                         ? 
_refine.ls_wR_factor_R_free                      ? 
_refine.ls_wR_factor_R_work                      ? 
_refine.occupancy_max                            ? 
_refine.occupancy_min                            ? 
_refine.solvent_model_details                    'FLAT BULK SOLVENT MODEL' 
_refine.solvent_model_param_bsol                 ? 
_refine.solvent_model_param_ksol                 ? 
_refine.pdbx_R_complete                          ? 
_refine.ls_R_factor_gt                           ? 
_refine.ls_goodness_of_fit_gt                    ? 
_refine.ls_goodness_of_fit_ref                   ? 
_refine.ls_shift_over_su_max                     ? 
_refine.ls_shift_over_su_max_lt                  ? 
_refine.ls_shift_over_su_mean                    ? 
_refine.ls_shift_over_su_mean_lt                 ? 
_refine.pdbx_ls_sigma_I                          ? 
_refine.pdbx_ls_sigma_F                          0.000 
_refine.pdbx_ls_sigma_Fsqd                       ? 
_refine.pdbx_data_cutoff_high_absF               ? 
_refine.pdbx_data_cutoff_high_rms_absF           ? 
_refine.pdbx_data_cutoff_low_absF                ? 
_refine.pdbx_isotropic_thermal_model             ? 
_refine.pdbx_ls_cross_valid_method               THROUGHOUT 
_refine.pdbx_method_to_determine_struct          'AB INITIO PHASING' 
_refine.pdbx_starting_model                      ? 
_refine.pdbx_stereochemistry_target_values       ML 
_refine.pdbx_R_Free_selection_details            ? 
_refine.pdbx_stereochem_target_val_spec_case     ? 
_refine.pdbx_overall_ESU_R                       ? 
_refine.pdbx_overall_ESU_R_Free                  ? 
_refine.pdbx_solvent_vdw_probe_radii             1.1100 
_refine.pdbx_solvent_ion_probe_radii             ? 
_refine.pdbx_solvent_shrinkage_radii             0.9000 
_refine.pdbx_real_space_R                        ? 
_refine.pdbx_density_correlation                 ? 
_refine.pdbx_pd_number_of_powder_patterns        ? 
_refine.pdbx_pd_number_of_points                 ? 
_refine.pdbx_pd_meas_number_of_points            ? 
_refine.pdbx_pd_proc_ls_prof_R_factor            ? 
_refine.pdbx_pd_proc_ls_prof_wR_factor           ? 
_refine.pdbx_pd_Marquardt_correlation_coeff      ? 
_refine.pdbx_pd_Fsqrd_R_factor                   ? 
_refine.pdbx_pd_ls_matrix_band_width             ? 
_refine.pdbx_overall_phase_error                 22.5400 
_refine.pdbx_overall_SU_R_free_Cruickshank_DPI   ? 
_refine.pdbx_overall_SU_R_free_Blow_DPI          ? 
_refine.pdbx_overall_SU_R_Blow_DPI               ? 
_refine.pdbx_TLS_residual_ADP_flag               ? 
_refine.pdbx_diffrn_id                           1 
_refine.overall_SU_B                             ? 
_refine.overall_SU_ML                            0.1300 
_refine.overall_SU_R_Cruickshank_DPI             ? 
_refine.overall_SU_R_free                        ? 
_refine.overall_FOM_free_R_set                   ? 
_refine.overall_FOM_work_R_set                   ? 
_refine.pdbx_average_fsc_overall                 ? 
_refine.pdbx_average_fsc_work                    ? 
_refine.pdbx_average_fsc_free                    ? 
# 
_refine_hist.pdbx_refine_id                   'X-RAY DIFFRACTION' 
_refine_hist.cycle_id                         final 
_refine_hist.details                          ? 
_refine_hist.d_res_high                       1.5000 
_refine_hist.d_res_low                        21.1600 
_refine_hist.number_atoms_solvent             112 
_refine_hist.number_atoms_total               826 
_refine_hist.number_reflns_all                ? 
_refine_hist.number_reflns_obs                ? 
_refine_hist.number_reflns_R_free             ? 
_refine_hist.number_reflns_R_work             ? 
_refine_hist.R_factor_all                     ? 
_refine_hist.R_factor_obs                     ? 
_refine_hist.R_factor_R_free                  ? 
_refine_hist.R_factor_R_work                  ? 
_refine_hist.pdbx_number_residues_total       88 
_refine_hist.pdbx_B_iso_mean_ligand           ? 
_refine_hist.pdbx_B_iso_mean_solvent          37.18 
_refine_hist.pdbx_number_atoms_protein        714 
_refine_hist.pdbx_number_atoms_nucleic_acid   0 
_refine_hist.pdbx_number_atoms_ligand         0 
_refine_hist.pdbx_number_atoms_lipid          ? 
_refine_hist.pdbx_number_atoms_carb           ? 
_refine_hist.pdbx_pseudo_atom_details         ? 
# 
loop_
_refine_ls_shell.pdbx_refine_id 
_refine_ls_shell.d_res_high 
_refine_ls_shell.d_res_low 
_refine_ls_shell.number_reflns_all 
_refine_ls_shell.number_reflns_obs 
_refine_ls_shell.number_reflns_R_free 
_refine_ls_shell.number_reflns_R_work 
_refine_ls_shell.percent_reflns_obs 
_refine_ls_shell.percent_reflns_R_free 
_refine_ls_shell.R_factor_all 
_refine_ls_shell.R_factor_obs 
_refine_ls_shell.R_factor_R_free 
_refine_ls_shell.R_factor_R_free_error 
_refine_ls_shell.R_factor_R_work 
_refine_ls_shell.redundancy_reflns_all 
_refine_ls_shell.redundancy_reflns_obs 
_refine_ls_shell.wR_factor_all 
_refine_ls_shell.wR_factor_obs 
_refine_ls_shell.wR_factor_R_free 
_refine_ls_shell.wR_factor_R_work 
_refine_ls_shell.pdbx_R_complete 
_refine_ls_shell.pdbx_total_number_of_bins_used 
_refine_ls_shell.pdbx_phase_error 
_refine_ls_shell.pdbx_fsc_work 
_refine_ls_shell.pdbx_fsc_free 
'X-RAY DIFFRACTION' 1.5000 1.6500  3105 . 145 2960 94.0000  . . . 0.1957 0.0000 0.1771 . . . . . . . 4 . . . 
'X-RAY DIFFRACTION' 1.6500 1.8900  3286 . 157 3129 100.0000 . . . 0.2237 0.0000 0.1953 . . . . . . . 4 . . . 
'X-RAY DIFFRACTION' 1.8900 2.3800  3325 . 159 3166 100.0000 . . . 0.2212 0.0000 0.1898 . . . . . . . 4 . . . 
'X-RAY DIFFRACTION' 2.3800 21.1600 3404 . 167 3237 100.0000 . . . 0.2139 0.0000 0.1681 . . . . . . . 4 . . . 
# 
_struct.entry_id                     7YFU 
_struct.title                        'Structure of Rpgrip1l CC2' 
_struct.pdbx_model_details           ? 
_struct.pdbx_formula_weight          ? 
_struct.pdbx_formula_weight_method   ? 
_struct.pdbx_model_type_details      ? 
_struct.pdbx_CASP_flag               N 
# 
_struct_keywords.entry_id        7YFU 
_struct_keywords.text            'STRUCTURAL PROTEIN, PROTEIN BINDING' 
_struct_keywords.pdbx_keywords   'PROTEIN BINDING' 
# 
loop_
_struct_asym.id 
_struct_asym.pdbx_blank_PDB_chainid_flag 
_struct_asym.pdbx_modified 
_struct_asym.entity_id 
_struct_asym.details 
A N N 1 ? 
B N N 1 ? 
C N N 2 ? 
D N N 2 ? 
# 
_struct_ref.id                         1 
_struct_ref.db_name                    UNP 
_struct_ref.db_code                    FTM_MOUSE 
_struct_ref.pdbx_db_accession          Q8CG73 
_struct_ref.pdbx_db_isoform            ? 
_struct_ref.entity_id                  1 
_struct_ref.pdbx_seq_one_letter_code   RDVEMEEMIEQLQEKVHELERQNEVLKNRLISAKQQLQVQG 
_struct_ref.pdbx_align_begin           104 
# 
loop_
_struct_ref_seq.align_id 
_struct_ref_seq.ref_id 
_struct_ref_seq.pdbx_PDB_id_code 
_struct_ref_seq.pdbx_strand_id 
_struct_ref_seq.seq_align_beg 
_struct_ref_seq.pdbx_seq_align_beg_ins_code 
_struct_ref_seq.seq_align_end 
_struct_ref_seq.pdbx_seq_align_end_ins_code 
_struct_ref_seq.pdbx_db_accession 
_struct_ref_seq.db_align_beg 
_struct_ref_seq.pdbx_db_align_beg_ins_code 
_struct_ref_seq.db_align_end 
_struct_ref_seq.pdbx_db_align_end_ins_code 
_struct_ref_seq.pdbx_auth_seq_align_beg 
_struct_ref_seq.pdbx_auth_seq_align_end 
1 1 7YFU A 5 ? 45 ? Q8CG73 104 ? 144 ? 1 41 
2 1 7YFU B 5 ? 45 ? Q8CG73 104 ? 144 ? 1 41 
# 
loop_
_struct_ref_seq_dif.align_id 
_struct_ref_seq_dif.pdbx_pdb_id_code 
_struct_ref_seq_dif.mon_id 
_struct_ref_seq_dif.pdbx_pdb_strand_id 
_struct_ref_seq_dif.seq_num 
_struct_ref_seq_dif.pdbx_pdb_ins_code 
_struct_ref_seq_dif.pdbx_seq_db_name 
_struct_ref_seq_dif.pdbx_seq_db_accession_code 
_struct_ref_seq_dif.db_mon_id 
_struct_ref_seq_dif.pdbx_seq_db_seq_num 
_struct_ref_seq_dif.details 
_struct_ref_seq_dif.pdbx_auth_seq_num 
_struct_ref_seq_dif.pdbx_ordinal 
1 7YFU GLY A 1 ? UNP Q8CG73 ? ? 'expression tag' -3 1 
1 7YFU PRO A 2 ? UNP Q8CG73 ? ? 'expression tag' -2 2 
1 7YFU GLY A 3 ? UNP Q8CG73 ? ? 'expression tag' -1 3 
1 7YFU SER A 4 ? UNP Q8CG73 ? ? 'expression tag' 0  4 
2 7YFU GLY B 1 ? UNP Q8CG73 ? ? 'expression tag' -3 5 
2 7YFU PRO B 2 ? UNP Q8CG73 ? ? 'expression tag' -2 6 
2 7YFU GLY B 3 ? UNP Q8CG73 ? ? 'expression tag' -1 7 
2 7YFU SER B 4 ? UNP Q8CG73 ? ? 'expression tag' 0  8 
# 
_pdbx_struct_assembly.id                   1 
_pdbx_struct_assembly.details              author_and_software_defined_assembly 
_pdbx_struct_assembly.method_details       PISA 
_pdbx_struct_assembly.oligomeric_details   dimeric 
_pdbx_struct_assembly.oligomeric_count     2 
# 
loop_
_pdbx_struct_assembly_prop.biol_id 
_pdbx_struct_assembly_prop.type 
_pdbx_struct_assembly_prop.value 
_pdbx_struct_assembly_prop.details 
1 'ABSA (A^2)' 1290 ? 
1 MORE         -13  ? 
1 'SSA (A^2)'  7820 ? 
# 
_pdbx_struct_assembly_gen.assembly_id       1 
_pdbx_struct_assembly_gen.oper_expression   1 
_pdbx_struct_assembly_gen.asym_id_list      A,B,C,D 
# 
_pdbx_struct_assembly_auth_evidence.id                     1 
_pdbx_struct_assembly_auth_evidence.assembly_id            1 
_pdbx_struct_assembly_auth_evidence.experimental_support   'light scattering' 
_pdbx_struct_assembly_auth_evidence.details                ? 
# 
_pdbx_struct_oper_list.id                   1 
_pdbx_struct_oper_list.type                 'identity operation' 
_pdbx_struct_oper_list.name                 1_555 
_pdbx_struct_oper_list.symmetry_operation   x,y,z 
_pdbx_struct_oper_list.matrix[1][1]         1.0000000000 
_pdbx_struct_oper_list.matrix[1][2]         0.0000000000 
_pdbx_struct_oper_list.matrix[1][3]         0.0000000000 
_pdbx_struct_oper_list.vector[1]            0.0000000000 
_pdbx_struct_oper_list.matrix[2][1]         0.0000000000 
_pdbx_struct_oper_list.matrix[2][2]         1.0000000000 
_pdbx_struct_oper_list.matrix[2][3]         0.0000000000 
_pdbx_struct_oper_list.vector[2]            0.0000000000 
_pdbx_struct_oper_list.matrix[3][1]         0.0000000000 
_pdbx_struct_oper_list.matrix[3][2]         0.0000000000 
_pdbx_struct_oper_list.matrix[3][3]         1.0000000000 
_pdbx_struct_oper_list.vector[3]            0.0000000000 
# 
loop_
_struct_conf.conf_type_id 
_struct_conf.id 
_struct_conf.pdbx_PDB_helix_id 
_struct_conf.beg_label_comp_id 
_struct_conf.beg_label_asym_id 
_struct_conf.beg_label_seq_id 
_struct_conf.pdbx_beg_PDB_ins_code 
_struct_conf.end_label_comp_id 
_struct_conf.end_label_asym_id 
_struct_conf.end_label_seq_id 
_struct_conf.pdbx_end_PDB_ins_code 
_struct_conf.beg_auth_comp_id 
_struct_conf.beg_auth_asym_id 
_struct_conf.beg_auth_seq_id 
_struct_conf.end_auth_comp_id 
_struct_conf.end_auth_asym_id 
_struct_conf.end_auth_seq_id 
_struct_conf.pdbx_PDB_helix_class 
_struct_conf.details 
_struct_conf.pdbx_PDB_helix_length 
HELX_P HELX_P1 AA1 ASP A 6 ? VAL A 43 ? ASP A 2 VAL A 39 1 ? 38 
HELX_P HELX_P2 AA2 ASP B 6 ? GLN B 42 ? ASP B 2 GLN B 38 1 ? 37 
# 
_struct_conf_type.id          HELX_P 
_struct_conf_type.criteria    ? 
_struct_conf_type.reference   ? 
# 
loop_
_pdbx_validate_close_contact.id 
_pdbx_validate_close_contact.PDB_model_num 
_pdbx_validate_close_contact.auth_atom_id_1 
_pdbx_validate_close_contact.auth_asym_id_1 
_pdbx_validate_close_contact.auth_comp_id_1 
_pdbx_validate_close_contact.auth_seq_id_1 
_pdbx_validate_close_contact.PDB_ins_code_1 
_pdbx_validate_close_contact.label_alt_id_1 
_pdbx_validate_close_contact.auth_atom_id_2 
_pdbx_validate_close_contact.auth_asym_id_2 
_pdbx_validate_close_contact.auth_comp_id_2 
_pdbx_validate_close_contact.auth_seq_id_2 
_pdbx_validate_close_contact.PDB_ins_code_2 
_pdbx_validate_close_contact.label_alt_id_2 
_pdbx_validate_close_contact.dist 
1 1 O   A HOH 136 ? ? O A HOH 147 ? ? 2.01 
2 1 O   B PRO -2  ? ? O B HOH 101 ? ? 2.02 
3 1 OE2 B GLU 7   ? ? O B HOH 102 ? ? 2.08 
# 
_pdbx_validate_symm_contact.id                1 
_pdbx_validate_symm_contact.PDB_model_num     1 
_pdbx_validate_symm_contact.auth_atom_id_1    O 
_pdbx_validate_symm_contact.auth_asym_id_1    A 
_pdbx_validate_symm_contact.auth_comp_id_1    HOH 
_pdbx_validate_symm_contact.auth_seq_id_1     133 
_pdbx_validate_symm_contact.PDB_ins_code_1    ? 
_pdbx_validate_symm_contact.label_alt_id_1    ? 
_pdbx_validate_symm_contact.site_symmetry_1   1_555 
_pdbx_validate_symm_contact.auth_atom_id_2    O 
_pdbx_validate_symm_contact.auth_asym_id_2    B 
_pdbx_validate_symm_contact.auth_comp_id_2    HOH 
_pdbx_validate_symm_contact.auth_seq_id_2     121 
_pdbx_validate_symm_contact.PDB_ins_code_2    ? 
_pdbx_validate_symm_contact.label_alt_id_2    ? 
_pdbx_validate_symm_contact.site_symmetry_2   2_556 
_pdbx_validate_symm_contact.dist              2.14 
# 
loop_
_pdbx_refine_tls.id 
_pdbx_refine_tls.pdbx_refine_id 
_pdbx_refine_tls.details 
_pdbx_refine_tls.method 
_pdbx_refine_tls.origin_x 
_pdbx_refine_tls.origin_y 
_pdbx_refine_tls.origin_z 
_pdbx_refine_tls.T[1][1] 
_pdbx_refine_tls.T[1][1]_esd 
_pdbx_refine_tls.T[1][2] 
_pdbx_refine_tls.T[1][2]_esd 
_pdbx_refine_tls.T[1][3] 
_pdbx_refine_tls.T[1][3]_esd 
_pdbx_refine_tls.T[2][2] 
_pdbx_refine_tls.T[2][2]_esd 
_pdbx_refine_tls.T[2][3] 
_pdbx_refine_tls.T[2][3]_esd 
_pdbx_refine_tls.T[3][3] 
_pdbx_refine_tls.T[3][3]_esd 
_pdbx_refine_tls.L[1][1] 
_pdbx_refine_tls.L[1][1]_esd 
_pdbx_refine_tls.L[1][2] 
_pdbx_refine_tls.L[1][2]_esd 
_pdbx_refine_tls.L[1][3] 
_pdbx_refine_tls.L[1][3]_esd 
_pdbx_refine_tls.L[2][2] 
_pdbx_refine_tls.L[2][2]_esd 
_pdbx_refine_tls.L[2][3] 
_pdbx_refine_tls.L[2][3]_esd 
_pdbx_refine_tls.L[3][3] 
_pdbx_refine_tls.L[3][3]_esd 
_pdbx_refine_tls.S[1][1] 
_pdbx_refine_tls.S[1][1]_esd 
_pdbx_refine_tls.S[1][2] 
_pdbx_refine_tls.S[1][2]_esd 
_pdbx_refine_tls.S[1][3] 
_pdbx_refine_tls.S[1][3]_esd 
_pdbx_refine_tls.S[2][1] 
_pdbx_refine_tls.S[2][1]_esd 
_pdbx_refine_tls.S[2][2] 
_pdbx_refine_tls.S[2][2]_esd 
_pdbx_refine_tls.S[2][3] 
_pdbx_refine_tls.S[2][3]_esd 
_pdbx_refine_tls.S[3][1] 
_pdbx_refine_tls.S[3][1]_esd 
_pdbx_refine_tls.S[3][2] 
_pdbx_refine_tls.S[3][2]_esd 
_pdbx_refine_tls.S[3][3] 
_pdbx_refine_tls.S[3][3]_esd 
1 'X-RAY DIFFRACTION' ? refined 8.5716  -3.8003  29.0773 0.3530 ? -0.0578 ? -0.0175 ? 0.3177 ? 0.0040  ? 0.2639 ? 2.1971 ? 2.4522  ? 4.3427  ? 4.2524 ? 5.1478  ? 9.8892 ? 0.6642  ? -0.8213 ? -0.1937 ? 1.0631  ? -0.0138 ? -0.1164 ? 0.9738  ? 0.5244  ? -0.8114 ? 
2 'X-RAY DIFFRACTION' ? refined -1.4616 5.6846   -0.3786 0.1758 ? 0.0007  ? -0.0101 ? 0.1238 ? 0.0012  ? 0.1718 ? 1.4923 ? -1.3403 ? 2.2491  ? 0.9862 ? -2.8609 ? 4.0174 ? -0.1440 ? -0.0539 ? 0.0684  ? 0.1381  ? 0.0869  ? -0.0136 ? -0.2035 ? -0.2016 ? -0.0054 ? 
3 'X-RAY DIFFRACTION' ? refined 3.8177  -20.6801 17.5825 0.2487 ? 0.0632  ? -0.0285 ? 0.2632 ? -0.0495 ? 0.4746 ? 1.4183 ? 0.4137  ? 1.9708  ? 3.5373 ? -1.9992 ? 7.1773 ? 0.1181  ? 0.1209  ? -1.2197 ? -0.5643 ? 0.1956  ? -0.2550 ? 0.7335  ? 0.6465  ? -0.3585 ? 
4 'X-RAY DIFFRACTION' ? refined -0.3822 -2.8484  -5.2070 0.1670 ? -0.0131 ? -0.0130 ? 0.1196 ? 0.0261  ? 0.2002 ? 0.2116 ? 0.4642  ? -0.4055 ? 2.1516 ? -3.8082 ? 5.1273 ? 0.0479  ? -0.0315 ? -0.0630 ? -0.1581 ? 0.0525  ? 0.0621  ? 0.3280  ? -0.0508 ? -0.1259 ? 
# 
loop_
_pdbx_refine_tls_group.id 
_pdbx_refine_tls_group.pdbx_refine_id 
_pdbx_refine_tls_group.refine_tls_id 
_pdbx_refine_tls_group.beg_label_asym_id 
_pdbx_refine_tls_group.beg_label_seq_id 
_pdbx_refine_tls_group.beg_auth_asym_id 
_pdbx_refine_tls_group.beg_auth_seq_id 
_pdbx_refine_tls_group.beg_PDB_ins_code 
_pdbx_refine_tls_group.end_label_asym_id 
_pdbx_refine_tls_group.end_label_seq_id 
_pdbx_refine_tls_group.end_auth_asym_id 
_pdbx_refine_tls_group.end_auth_seq_id 
_pdbx_refine_tls_group.end_PDB_ins_code 
_pdbx_refine_tls_group.selection 
_pdbx_refine_tls_group.selection_details 
1 'X-RAY DIFFRACTION' 1 ? ? A -3 ? ? ? A 2  ? ? 
;chain 'A' and (resid -3 through 2 )
;
2 'X-RAY DIFFRACTION' 2 ? ? A 3  ? ? ? A 40 ? ? 
;chain 'A' and (resid 3 through 40 )
;
3 'X-RAY DIFFRACTION' 3 ? ? B -3 ? ? ? B 2  ? ? 
;chain 'B' and (resid -3 through 2 )
;
4 'X-RAY DIFFRACTION' 4 ? ? B 3  ? ? ? B 40 ? ? 
;chain 'B' and (resid 3 through 40 )
;
# 
loop_
_pdbx_unobs_or_zero_occ_residues.id 
_pdbx_unobs_or_zero_occ_residues.PDB_model_num 
_pdbx_unobs_or_zero_occ_residues.polymer_flag 
_pdbx_unobs_or_zero_occ_residues.occupancy_flag 
_pdbx_unobs_or_zero_occ_residues.auth_asym_id 
_pdbx_unobs_or_zero_occ_residues.auth_comp_id 
_pdbx_unobs_or_zero_occ_residues.auth_seq_id 
_pdbx_unobs_or_zero_occ_residues.PDB_ins_code 
_pdbx_unobs_or_zero_occ_residues.label_asym_id 
_pdbx_unobs_or_zero_occ_residues.label_comp_id 
_pdbx_unobs_or_zero_occ_residues.label_seq_id 
1 1 Y 1 A GLY 41 ? A GLY 45 
2 1 Y 1 B GLY 41 ? B GLY 45 
# 
loop_
_chem_comp_atom.comp_id 
_chem_comp_atom.atom_id 
_chem_comp_atom.type_symbol 
_chem_comp_atom.pdbx_aromatic_flag 
_chem_comp_atom.pdbx_stereo_config 
_chem_comp_atom.pdbx_ordinal 
ALA N    N N N 1   
ALA CA   C N S 2   
ALA C    C N N 3   
ALA O    O N N 4   
ALA CB   C N N 5   
ALA OXT  O N N 6   
ALA H    H N N 7   
ALA H2   H N N 8   
ALA HA   H N N 9   
ALA HB1  H N N 10  
ALA HB2  H N N 11  
ALA HB3  H N N 12  
ALA HXT  H N N 13  
ARG N    N N N 14  
ARG CA   C N S 15  
ARG C    C N N 16  
ARG O    O N N 17  
ARG CB   C N N 18  
ARG CG   C N N 19  
ARG CD   C N N 20  
ARG NE   N N N 21  
ARG CZ   C N N 22  
ARG NH1  N N N 23  
ARG NH2  N N N 24  
ARG OXT  O N N 25  
ARG H    H N N 26  
ARG H2   H N N 27  
ARG HA   H N N 28  
ARG HB2  H N N 29  
ARG HB3  H N N 30  
ARG HG2  H N N 31  
ARG HG3  H N N 32  
ARG HD2  H N N 33  
ARG HD3  H N N 34  
ARG HE   H N N 35  
ARG HH11 H N N 36  
ARG HH12 H N N 37  
ARG HH21 H N N 38  
ARG HH22 H N N 39  
ARG HXT  H N N 40  
ASN N    N N N 41  
ASN CA   C N S 42  
ASN C    C N N 43  
ASN O    O N N 44  
ASN CB   C N N 45  
ASN CG   C N N 46  
ASN OD1  O N N 47  
ASN ND2  N N N 48  
ASN OXT  O N N 49  
ASN H    H N N 50  
ASN H2   H N N 51  
ASN HA   H N N 52  
ASN HB2  H N N 53  
ASN HB3  H N N 54  
ASN HD21 H N N 55  
ASN HD22 H N N 56  
ASN HXT  H N N 57  
ASP N    N N N 58  
ASP CA   C N S 59  
ASP C    C N N 60  
ASP O    O N N 61  
ASP CB   C N N 62  
ASP CG   C N N 63  
ASP OD1  O N N 64  
ASP OD2  O N N 65  
ASP OXT  O N N 66  
ASP H    H N N 67  
ASP H2   H N N 68  
ASP HA   H N N 69  
ASP HB2  H N N 70  
ASP HB3  H N N 71  
ASP HD2  H N N 72  
ASP HXT  H N N 73  
GLN N    N N N 74  
GLN CA   C N S 75  
GLN C    C N N 76  
GLN O    O N N 77  
GLN CB   C N N 78  
GLN CG   C N N 79  
GLN CD   C N N 80  
GLN OE1  O N N 81  
GLN NE2  N N N 82  
GLN OXT  O N N 83  
GLN H    H N N 84  
GLN H2   H N N 85  
GLN HA   H N N 86  
GLN HB2  H N N 87  
GLN HB3  H N N 88  
GLN HG2  H N N 89  
GLN HG3  H N N 90  
GLN HE21 H N N 91  
GLN HE22 H N N 92  
GLN HXT  H N N 93  
GLU N    N N N 94  
GLU CA   C N S 95  
GLU C    C N N 96  
GLU O    O N N 97  
GLU CB   C N N 98  
GLU CG   C N N 99  
GLU CD   C N N 100 
GLU OE1  O N N 101 
GLU OE2  O N N 102 
GLU OXT  O N N 103 
GLU H    H N N 104 
GLU H2   H N N 105 
GLU HA   H N N 106 
GLU HB2  H N N 107 
GLU HB3  H N N 108 
GLU HG2  H N N 109 
GLU HG3  H N N 110 
GLU HE2  H N N 111 
GLU HXT  H N N 112 
GLY N    N N N 113 
GLY CA   C N N 114 
GLY C    C N N 115 
GLY O    O N N 116 
GLY OXT  O N N 117 
GLY H    H N N 118 
GLY H2   H N N 119 
GLY HA2  H N N 120 
GLY HA3  H N N 121 
GLY HXT  H N N 122 
HIS N    N N N 123 
HIS CA   C N S 124 
HIS C    C N N 125 
HIS O    O N N 126 
HIS CB   C N N 127 
HIS CG   C Y N 128 
HIS ND1  N Y N 129 
HIS CD2  C Y N 130 
HIS CE1  C Y N 131 
HIS NE2  N Y N 132 
HIS OXT  O N N 133 
HIS H    H N N 134 
HIS H2   H N N 135 
HIS HA   H N N 136 
HIS HB2  H N N 137 
HIS HB3  H N N 138 
HIS HD1  H N N 139 
HIS HD2  H N N 140 
HIS HE1  H N N 141 
HIS HE2  H N N 142 
HIS HXT  H N N 143 
HOH O    O N N 144 
HOH H1   H N N 145 
HOH H2   H N N 146 
ILE N    N N N 147 
ILE CA   C N S 148 
ILE C    C N N 149 
ILE O    O N N 150 
ILE CB   C N S 151 
ILE CG1  C N N 152 
ILE CG2  C N N 153 
ILE CD1  C N N 154 
ILE OXT  O N N 155 
ILE H    H N N 156 
ILE H2   H N N 157 
ILE HA   H N N 158 
ILE HB   H N N 159 
ILE HG12 H N N 160 
ILE HG13 H N N 161 
ILE HG21 H N N 162 
ILE HG22 H N N 163 
ILE HG23 H N N 164 
ILE HD11 H N N 165 
ILE HD12 H N N 166 
ILE HD13 H N N 167 
ILE HXT  H N N 168 
LEU N    N N N 169 
LEU CA   C N S 170 
LEU C    C N N 171 
LEU O    O N N 172 
LEU CB   C N N 173 
LEU CG   C N N 174 
LEU CD1  C N N 175 
LEU CD2  C N N 176 
LEU OXT  O N N 177 
LEU H    H N N 178 
LEU H2   H N N 179 
LEU HA   H N N 180 
LEU HB2  H N N 181 
LEU HB3  H N N 182 
LEU HG   H N N 183 
LEU HD11 H N N 184 
LEU HD12 H N N 185 
LEU HD13 H N N 186 
LEU HD21 H N N 187 
LEU HD22 H N N 188 
LEU HD23 H N N 189 
LEU HXT  H N N 190 
LYS N    N N N 191 
LYS CA   C N S 192 
LYS C    C N N 193 
LYS O    O N N 194 
LYS CB   C N N 195 
LYS CG   C N N 196 
LYS CD   C N N 197 
LYS CE   C N N 198 
LYS NZ   N N N 199 
LYS OXT  O N N 200 
LYS H    H N N 201 
LYS H2   H N N 202 
LYS HA   H N N 203 
LYS HB2  H N N 204 
LYS HB3  H N N 205 
LYS HG2  H N N 206 
LYS HG3  H N N 207 
LYS HD2  H N N 208 
LYS HD3  H N N 209 
LYS HE2  H N N 210 
LYS HE3  H N N 211 
LYS HZ1  H N N 212 
LYS HZ2  H N N 213 
LYS HZ3  H N N 214 
LYS HXT  H N N 215 
MET N    N N N 216 
MET CA   C N S 217 
MET C    C N N 218 
MET O    O N N 219 
MET CB   C N N 220 
MET CG   C N N 221 
MET SD   S N N 222 
MET CE   C N N 223 
MET OXT  O N N 224 
MET H    H N N 225 
MET H2   H N N 226 
MET HA   H N N 227 
MET HB2  H N N 228 
MET HB3  H N N 229 
MET HG2  H N N 230 
MET HG3  H N N 231 
MET HE1  H N N 232 
MET HE2  H N N 233 
MET HE3  H N N 234 
MET HXT  H N N 235 
PRO N    N N N 236 
PRO CA   C N S 237 
PRO C    C N N 238 
PRO O    O N N 239 
PRO CB   C N N 240 
PRO CG   C N N 241 
PRO CD   C N N 242 
PRO OXT  O N N 243 
PRO H    H N N 244 
PRO HA   H N N 245 
PRO HB2  H N N 246 
PRO HB3  H N N 247 
PRO HG2  H N N 248 
PRO HG3  H N N 249 
PRO HD2  H N N 250 
PRO HD3  H N N 251 
PRO HXT  H N N 252 
SER N    N N N 253 
SER CA   C N S 254 
SER C    C N N 255 
SER O    O N N 256 
SER CB   C N N 257 
SER OG   O N N 258 
SER OXT  O N N 259 
SER H    H N N 260 
SER H2   H N N 261 
SER HA   H N N 262 
SER HB2  H N N 263 
SER HB3  H N N 264 
SER HG   H N N 265 
SER HXT  H N N 266 
VAL N    N N N 267 
VAL CA   C N S 268 
VAL C    C N N 269 
VAL O    O N N 270 
VAL CB   C N N 271 
VAL CG1  C N N 272 
VAL CG2  C N N 273 
VAL OXT  O N N 274 
VAL H    H N N 275 
VAL H2   H N N 276 
VAL HA   H N N 277 
VAL HB   H N N 278 
VAL HG11 H N N 279 
VAL HG12 H N N 280 
VAL HG13 H N N 281 
VAL HG21 H N N 282 
VAL HG22 H N N 283 
VAL HG23 H N N 284 
VAL HXT  H N N 285 
# 
loop_
_chem_comp_bond.comp_id 
_chem_comp_bond.atom_id_1 
_chem_comp_bond.atom_id_2 
_chem_comp_bond.value_order 
_chem_comp_bond.pdbx_aromatic_flag 
_chem_comp_bond.pdbx_stereo_config 
_chem_comp_bond.pdbx_ordinal 
ALA N   CA   sing N N 1   
ALA N   H    sing N N 2   
ALA N   H2   sing N N 3   
ALA CA  C    sing N N 4   
ALA CA  CB   sing N N 5   
ALA CA  HA   sing N N 6   
ALA C   O    doub N N 7   
ALA C   OXT  sing N N 8   
ALA CB  HB1  sing N N 9   
ALA CB  HB2  sing N N 10  
ALA CB  HB3  sing N N 11  
ALA OXT HXT  sing N N 12  
ARG N   CA   sing N N 13  
ARG N   H    sing N N 14  
ARG N   H2   sing N N 15  
ARG CA  C    sing N N 16  
ARG CA  CB   sing N N 17  
ARG CA  HA   sing N N 18  
ARG C   O    doub N N 19  
ARG C   OXT  sing N N 20  
ARG CB  CG   sing N N 21  
ARG CB  HB2  sing N N 22  
ARG CB  HB3  sing N N 23  
ARG CG  CD   sing N N 24  
ARG CG  HG2  sing N N 25  
ARG CG  HG3  sing N N 26  
ARG CD  NE   sing N N 27  
ARG CD  HD2  sing N N 28  
ARG CD  HD3  sing N N 29  
ARG NE  CZ   sing N N 30  
ARG NE  HE   sing N N 31  
ARG CZ  NH1  sing N N 32  
ARG CZ  NH2  doub N N 33  
ARG NH1 HH11 sing N N 34  
ARG NH1 HH12 sing N N 35  
ARG NH2 HH21 sing N N 36  
ARG NH2 HH22 sing N N 37  
ARG OXT HXT  sing N N 38  
ASN N   CA   sing N N 39  
ASN N   H    sing N N 40  
ASN N   H2   sing N N 41  
ASN CA  C    sing N N 42  
ASN CA  CB   sing N N 43  
ASN CA  HA   sing N N 44  
ASN C   O    doub N N 45  
ASN C   OXT  sing N N 46  
ASN CB  CG   sing N N 47  
ASN CB  HB2  sing N N 48  
ASN CB  HB3  sing N N 49  
ASN CG  OD1  doub N N 50  
ASN CG  ND2  sing N N 51  
ASN ND2 HD21 sing N N 52  
ASN ND2 HD22 sing N N 53  
ASN OXT HXT  sing N N 54  
ASP N   CA   sing N N 55  
ASP N   H    sing N N 56  
ASP N   H2   sing N N 57  
ASP CA  C    sing N N 58  
ASP CA  CB   sing N N 59  
ASP CA  HA   sing N N 60  
ASP C   O    doub N N 61  
ASP C   OXT  sing N N 62  
ASP CB  CG   sing N N 63  
ASP CB  HB2  sing N N 64  
ASP CB  HB3  sing N N 65  
ASP CG  OD1  doub N N 66  
ASP CG  OD2  sing N N 67  
ASP OD2 HD2  sing N N 68  
ASP OXT HXT  sing N N 69  
GLN N   CA   sing N N 70  
GLN N   H    sing N N 71  
GLN N   H2   sing N N 72  
GLN CA  C    sing N N 73  
GLN CA  CB   sing N N 74  
GLN CA  HA   sing N N 75  
GLN C   O    doub N N 76  
GLN C   OXT  sing N N 77  
GLN CB  CG   sing N N 78  
GLN CB  HB2  sing N N 79  
GLN CB  HB3  sing N N 80  
GLN CG  CD   sing N N 81  
GLN CG  HG2  sing N N 82  
GLN CG  HG3  sing N N 83  
GLN CD  OE1  doub N N 84  
GLN CD  NE2  sing N N 85  
GLN NE2 HE21 sing N N 86  
GLN NE2 HE22 sing N N 87  
GLN OXT HXT  sing N N 88  
GLU N   CA   sing N N 89  
GLU N   H    sing N N 90  
GLU N   H2   sing N N 91  
GLU CA  C    sing N N 92  
GLU CA  CB   sing N N 93  
GLU CA  HA   sing N N 94  
GLU C   O    doub N N 95  
GLU C   OXT  sing N N 96  
GLU CB  CG   sing N N 97  
GLU CB  HB2  sing N N 98  
GLU CB  HB3  sing N N 99  
GLU CG  CD   sing N N 100 
GLU CG  HG2  sing N N 101 
GLU CG  HG3  sing N N 102 
GLU CD  OE1  doub N N 103 
GLU CD  OE2  sing N N 104 
GLU OE2 HE2  sing N N 105 
GLU OXT HXT  sing N N 106 
GLY N   CA   sing N N 107 
GLY N   H    sing N N 108 
GLY N   H2   sing N N 109 
GLY CA  C    sing N N 110 
GLY CA  HA2  sing N N 111 
GLY CA  HA3  sing N N 112 
GLY C   O    doub N N 113 
GLY C   OXT  sing N N 114 
GLY OXT HXT  sing N N 115 
HIS N   CA   sing N N 116 
HIS N   H    sing N N 117 
HIS N   H2   sing N N 118 
HIS CA  C    sing N N 119 
HIS CA  CB   sing N N 120 
HIS CA  HA   sing N N 121 
HIS C   O    doub N N 122 
HIS C   OXT  sing N N 123 
HIS CB  CG   sing N N 124 
HIS CB  HB2  sing N N 125 
HIS CB  HB3  sing N N 126 
HIS CG  ND1  sing Y N 127 
HIS CG  CD2  doub Y N 128 
HIS ND1 CE1  doub Y N 129 
HIS ND1 HD1  sing N N 130 
HIS CD2 NE2  sing Y N 131 
HIS CD2 HD2  sing N N 132 
HIS CE1 NE2  sing Y N 133 
HIS CE1 HE1  sing N N 134 
HIS NE2 HE2  sing N N 135 
HIS OXT HXT  sing N N 136 
HOH O   H1   sing N N 137 
HOH O   H2   sing N N 138 
ILE N   CA   sing N N 139 
ILE N   H    sing N N 140 
ILE N   H2   sing N N 141 
ILE CA  C    sing N N 142 
ILE CA  CB   sing N N 143 
ILE CA  HA   sing N N 144 
ILE C   O    doub N N 145 
ILE C   OXT  sing N N 146 
ILE CB  CG1  sing N N 147 
ILE CB  CG2  sing N N 148 
ILE CB  HB   sing N N 149 
ILE CG1 CD1  sing N N 150 
ILE CG1 HG12 sing N N 151 
ILE CG1 HG13 sing N N 152 
ILE CG2 HG21 sing N N 153 
ILE CG2 HG22 sing N N 154 
ILE CG2 HG23 sing N N 155 
ILE CD1 HD11 sing N N 156 
ILE CD1 HD12 sing N N 157 
ILE CD1 HD13 sing N N 158 
ILE OXT HXT  sing N N 159 
LEU N   CA   sing N N 160 
LEU N   H    sing N N 161 
LEU N   H2   sing N N 162 
LEU CA  C    sing N N 163 
LEU CA  CB   sing N N 164 
LEU CA  HA   sing N N 165 
LEU C   O    doub N N 166 
LEU C   OXT  sing N N 167 
LEU CB  CG   sing N N 168 
LEU CB  HB2  sing N N 169 
LEU CB  HB3  sing N N 170 
LEU CG  CD1  sing N N 171 
LEU CG  CD2  sing N N 172 
LEU CG  HG   sing N N 173 
LEU CD1 HD11 sing N N 174 
LEU CD1 HD12 sing N N 175 
LEU CD1 HD13 sing N N 176 
LEU CD2 HD21 sing N N 177 
LEU CD2 HD22 sing N N 178 
LEU CD2 HD23 sing N N 179 
LEU OXT HXT  sing N N 180 
LYS N   CA   sing N N 181 
LYS N   H    sing N N 182 
LYS N   H2   sing N N 183 
LYS CA  C    sing N N 184 
LYS CA  CB   sing N N 185 
LYS CA  HA   sing N N 186 
LYS C   O    doub N N 187 
LYS C   OXT  sing N N 188 
LYS CB  CG   sing N N 189 
LYS CB  HB2  sing N N 190 
LYS CB  HB3  sing N N 191 
LYS CG  CD   sing N N 192 
LYS CG  HG2  sing N N 193 
LYS CG  HG3  sing N N 194 
LYS CD  CE   sing N N 195 
LYS CD  HD2  sing N N 196 
LYS CD  HD3  sing N N 197 
LYS CE  NZ   sing N N 198 
LYS CE  HE2  sing N N 199 
LYS CE  HE3  sing N N 200 
LYS NZ  HZ1  sing N N 201 
LYS NZ  HZ2  sing N N 202 
LYS NZ  HZ3  sing N N 203 
LYS OXT HXT  sing N N 204 
MET N   CA   sing N N 205 
MET N   H    sing N N 206 
MET N   H2   sing N N 207 
MET CA  C    sing N N 208 
MET CA  CB   sing N N 209 
MET CA  HA   sing N N 210 
MET C   O    doub N N 211 
MET C   OXT  sing N N 212 
MET CB  CG   sing N N 213 
MET CB  HB2  sing N N 214 
MET CB  HB3  sing N N 215 
MET CG  SD   sing N N 216 
MET CG  HG2  sing N N 217 
MET CG  HG3  sing N N 218 
MET SD  CE   sing N N 219 
MET CE  HE1  sing N N 220 
MET CE  HE2  sing N N 221 
MET CE  HE3  sing N N 222 
MET OXT HXT  sing N N 223 
PRO N   CA   sing N N 224 
PRO N   CD   sing N N 225 
PRO N   H    sing N N 226 
PRO CA  C    sing N N 227 
PRO CA  CB   sing N N 228 
PRO CA  HA   sing N N 229 
PRO C   O    doub N N 230 
PRO C   OXT  sing N N 231 
PRO CB  CG   sing N N 232 
PRO CB  HB2  sing N N 233 
PRO CB  HB3  sing N N 234 
PRO CG  CD   sing N N 235 
PRO CG  HG2  sing N N 236 
PRO CG  HG3  sing N N 237 
PRO CD  HD2  sing N N 238 
PRO CD  HD3  sing N N 239 
PRO OXT HXT  sing N N 240 
SER N   CA   sing N N 241 
SER N   H    sing N N 242 
SER N   H2   sing N N 243 
SER CA  C    sing N N 244 
SER CA  CB   sing N N 245 
SER CA  HA   sing N N 246 
SER C   O    doub N N 247 
SER C   OXT  sing N N 248 
SER CB  OG   sing N N 249 
SER CB  HB2  sing N N 250 
SER CB  HB3  sing N N 251 
SER OG  HG   sing N N 252 
SER OXT HXT  sing N N 253 
VAL N   CA   sing N N 254 
VAL N   H    sing N N 255 
VAL N   H2   sing N N 256 
VAL CA  C    sing N N 257 
VAL CA  CB   sing N N 258 
VAL CA  HA   sing N N 259 
VAL C   O    doub N N 260 
VAL C   OXT  sing N N 261 
VAL CB  CG1  sing N N 262 
VAL CB  CG2  sing N N 263 
VAL CB  HB   sing N N 264 
VAL CG1 HG11 sing N N 265 
VAL CG1 HG12 sing N N 266 
VAL CG1 HG13 sing N N 267 
VAL CG2 HG21 sing N N 268 
VAL CG2 HG22 sing N N 269 
VAL CG2 HG23 sing N N 270 
VAL OXT HXT  sing N N 271 
# 
_pdbx_audit_support.funding_organization   'National Natural Science Foundation of China (NSFC)' 
_pdbx_audit_support.country                China 
_pdbx_audit_support.grant_number           ? 
_pdbx_audit_support.ordinal                1 
# 
_atom_sites.entry_id                    7YFU 
_atom_sites.Cartn_transf_matrix[1][1]   ? 
_atom_sites.Cartn_transf_matrix[1][2]   ? 
_atom_sites.Cartn_transf_matrix[1][3]   ? 
_atom_sites.Cartn_transf_matrix[2][1]   ? 
_atom_sites.Cartn_transf_matrix[2][2]   ? 
_atom_sites.Cartn_transf_matrix[2][3]   ? 
_atom_sites.Cartn_transf_matrix[3][1]   ? 
_atom_sites.Cartn_transf_matrix[3][2]   ? 
_atom_sites.Cartn_transf_matrix[3][3]   ? 
_atom_sites.Cartn_transf_vector[1]      ? 
_atom_sites.Cartn_transf_vector[2]      ? 
_atom_sites.Cartn_transf_vector[3]      ? 
_atom_sites.fract_transf_matrix[1][1]   -0.00044040 
_atom_sites.fract_transf_matrix[1][2]   0.00217940 
_atom_sites.fract_transf_matrix[1][3]   -0.01204947 
_atom_sites.fract_transf_matrix[2][1]   -0.01133746 
_atom_sites.fract_transf_matrix[2][2]   0.03470803 
_atom_sites.fract_transf_matrix[2][3]   0.00669205 
_atom_sites.fract_transf_matrix[3][1]   0.02538410 
_atom_sites.fract_transf_matrix[3][2]   0.00824629 
_atom_sites.fract_transf_matrix[3][3]   0.00023591 
_atom_sites.fract_transf_vector[1]      0.007551 
_atom_sites.fract_transf_vector[2]      -0.208702 
_atom_sites.fract_transf_vector[3]      0.257721 
_atom_sites.solution_primary            ? 
_atom_sites.solution_secondary          ? 
_atom_sites.solution_hydrogens          ? 
_atom_sites.special_details             ? 
# 
loop_
_atom_type.symbol 
C 
N 
O 
S 
# 
loop_
_atom_site.group_PDB 
_atom_site.id 
_atom_site.type_symbol 
_atom_site.label_atom_id 
_atom_site.label_alt_id 
_atom_site.label_comp_id 
_atom_site.label_asym_id 
_atom_site.label_entity_id 
_atom_site.label_seq_id 
_atom_site.pdbx_PDB_ins_code 
_atom_site.Cartn_x 
_atom_site.Cartn_y 
_atom_site.Cartn_z 
_atom_site.occupancy 
_atom_site.B_iso_or_equiv 
_atom_site.pdbx_formal_charge 
_atom_site.auth_seq_id 
_atom_site.auth_comp_id 
_atom_site.auth_asym_id 
_atom_site.auth_atom_id 
_atom_site.pdbx_PDB_model_num 
ATOM   1   N N   . GLY A 1 1  ? 14.869  -4.675  36.438  1.00 61.59  ? -3  GLY A N   1 
ATOM   2   C CA  . GLY A 1 1  ? 14.134  -5.683  35.694  1.00 67.48  ? -3  GLY A CA  1 
ATOM   3   C C   . GLY A 1 1  ? 13.474  -5.097  34.459  1.00 41.57  ? -3  GLY A C   1 
ATOM   4   O O   . GLY A 1 1  ? 13.120  -3.917  34.462  1.00 50.80  ? -3  GLY A O   1 
ATOM   5   N N   . PRO A 1 2  ? 13.298  -5.908  33.416  1.00 47.32  ? -2  PRO A N   1 
ATOM   6   C CA  . PRO A 1 2  ? 12.749  -5.371  32.163  1.00 71.88  ? -2  PRO A CA  1 
ATOM   7   C C   . PRO A 1 2  ? 11.377  -4.758  32.397  1.00 36.99  ? -2  PRO A C   1 
ATOM   8   O O   . PRO A 1 2  ? 10.620  -5.182  33.277  1.00 46.87  ? -2  PRO A O   1 
ATOM   9   C CB  . PRO A 1 2  ? 12.664  -6.596  31.239  1.00 58.06  ? -2  PRO A CB  1 
ATOM   10  C CG  . PRO A 1 2  ? 13.453  -7.678  31.907  1.00 49.24  ? -2  PRO A CG  1 
ATOM   11  C CD  . PRO A 1 2  ? 13.492  -7.368  33.376  1.00 60.61  ? -2  PRO A CD  1 
ATOM   12  N N   . GLY A 1 3  ? 11.064  -3.737  31.604  1.00 30.95  ? -1  GLY A N   1 
ATOM   13  C CA  . GLY A 1 3  ? 9.756   -3.132  31.686  1.00 36.14  ? -1  GLY A CA  1 
ATOM   14  C C   . GLY A 1 3  ? 8.672   -4.062  31.173  1.00 28.83  ? -1  GLY A C   1 
ATOM   15  O O   . GLY A 1 3  ? 8.919   -4.987  30.395  1.00 31.41  ? -1  GLY A O   1 
ATOM   16  N N   . SER A 1 4  ? 7.437   -3.791  31.612  1.00 28.98  ? 0   SER A N   1 
ATOM   17  C CA  . SER A 1 4  ? 6.295   -4.564  31.139  1.00 28.90  ? 0   SER A CA  1 
ATOM   18  C C   . SER A 1 4  ? 6.105   -4.437  29.636  1.00 25.96  ? 0   SER A C   1 
ATOM   19  O O   . SER A 1 4  ? 5.674   -5.393  28.987  1.00 26.51  ? 0   SER A O   1 
ATOM   20  C CB  . SER A 1 4  ? 5.012   -4.136  31.872  1.00 31.35  ? 0   SER A CB  1 
ATOM   21  O OG  . SER A 1 4  ? 4.555   -2.854  31.481  1.00 49.09  ? 0   SER A OG  1 
ATOM   22  N N   . ARG A 1 5  ? 6.437   -3.302  29.049  1.00 23.34  ? 1   ARG A N   1 
ATOM   23  C CA  . ARG A 1 5  ? 6.137   -3.104  27.647  1.00 20.67  ? 1   ARG A CA  1 
ATOM   24  C C   . ARG A 1 5  ? 7.262   -3.648  26.787  1.00 20.00  ? 1   ARG A C   1 
ATOM   25  O O   . ARG A 1 5  ? 8.435   -3.530  27.141  1.00 21.10  ? 1   ARG A O   1 
ATOM   26  C CB  . ARG A 1 5  ? 5.944   -1.620  27.339  1.00 19.32  ? 1   ARG A CB  1 
ATOM   27  C CG  . ARG A 1 5  ? 4.634   -1.082  27.851  1.00 20.15  ? 1   ARG A CG  1 
ATOM   28  C CD  . ARG A 1 5  ? 4.684   0.439   27.789  1.00 21.55  ? 1   ARG A CD  1 
ATOM   29  N NE  . ARG A 1 5  ? 4.867   0.915   26.428  1.00 22.70  ? 1   ARG A NE  1 
ATOM   30  C CZ  . ARG A 1 5  ? 4.988   2.199   26.127  1.00 23.76  ? 1   ARG A CZ  1 
ATOM   31  N NH1 . ARG A 1 5  ? 4.909   3.098   27.115  1.00 22.82  ? 1   ARG A NH1 1 
ATOM   32  N NH2 . ARG A 1 5  ? 5.157   2.582   24.869  1.00 25.54  ? 1   ARG A NH2 1 
ATOM   33  N N   . ASP A 1 6  ? 6.893   -4.220  25.642  1.00 18.51  ? 2   ASP A N   1 
ATOM   34  C CA  . ASP A 1 6  ? 7.836   -4.578  24.582  1.00 17.84  ? 2   ASP A CA  1 
ATOM   35  C C   . ASP A 1 6  ? 7.802   -3.472  23.517  1.00 15.71  ? 2   ASP A C   1 
ATOM   36  O O   . ASP A 1 6  ? 7.011   -3.511  22.571  1.00 14.31  ? 2   ASP A O   1 
ATOM   37  C CB  . ASP A 1 6  ? 7.479   -5.937  23.993  1.00 18.58  ? 2   ASP A CB  1 
ATOM   38  C CG  . ASP A 1 6  ? 8.523   -6.426  23.016  1.00 28.75  ? 2   ASP A CG  1 
ATOM   39  O OD1 . ASP A 1 6  ? 9.357   -5.614  22.557  1.00 24.54  ? 2   ASP A OD1 1 
ATOM   40  O OD2 . ASP A 1 6  ? 8.458   -7.603  22.639  1.00 34.34  ? 2   ASP A OD2 1 
ATOM   41  N N   . VAL A 1 7  ? 8.701   -2.489  23.640  1.00 16.09  ? 3   VAL A N   1 
ATOM   42  C CA  . VAL A 1 7  ? 8.687   -1.339  22.741  1.00 13.83  ? 3   VAL A CA  1 
ATOM   43  C C   . VAL A 1 7  ? 9.005   -1.740  21.309  1.00 13.39  ? 3   VAL A C   1 
ATOM   44  O O   . VAL A 1 7  ? 8.467   -1.168  20.354  1.00 15.91  ? 3   VAL A O   1 
ATOM   45  C CB  . VAL A 1 7  ? 9.663   -0.274  23.268  1.00 18.68  ? 3   VAL A CB  1 
ATOM   46  C CG1 . VAL A 1 7  ? 9.679   0.932   22.319  1.00 25.31  ? 3   VAL A CG1 1 
ATOM   47  C CG2 . VAL A 1 7  ? 9.236   0.136   24.640  1.00 19.35  ? 3   VAL A CG2 1 
ATOM   48  N N   . GLU A 1 8  ? 9.864   -2.747  21.132  1.00 13.64  ? 4   GLU A N   1 
ATOM   49  C CA  . GLU A 1 8  ? 10.197  -3.199  19.801  1.00 13.99  ? 4   GLU A CA  1 
ATOM   50  C C   . GLU A 1 8  ? 8.972   -3.818  19.107  1.00 12.51  ? 4   GLU A C   1 
ATOM   51  O O   . GLU A 1 8  ? 8.732   -3.535  17.908  1.00 14.93  ? 4   GLU A O   1 
ATOM   52  C CB  . GLU A 1 8  ? 11.367  -4.177  19.916  1.00 21.95  ? 4   GLU A CB  1 
ATOM   53  C CG  . GLU A 1 8  ? 11.544  -5.033  18.722  1.00 40.08  ? 4   GLU A CG  1 
ATOM   54  C CD  . GLU A 1 8  ? 12.708  -5.995  18.831  1.00 23.22  ? 4   GLU A CD  1 
ATOM   55  O OE1 . GLU A 1 8  ? 12.662  -6.953  19.628  1.00 28.69  ? 4   GLU A OE1 1 
ATOM   56  O OE2 . GLU A 1 8  ? 13.718  -5.668  18.157  1.00 33.51  ? 4   GLU A OE2 1 
ATOM   57  N N   . MET A 1 9  ? 8.170   -4.610  19.826  1.00 15.01  ? 5   MET A N   1 
ATOM   58  C CA  . MET A 1 9  ? 6.927   -5.099  19.261  1.00 15.51  ? 5   MET A CA  1 
ATOM   59  C C   . MET A 1 9  ? 6.025   -3.965  18.833  1.00 11.10  ? 5   MET A C   1 
ATOM   60  O O   . MET A 1 9  ? 5.462   -3.989  17.716  1.00 12.76  ? 5   MET A O   1 
ATOM   61  C CB  . MET A 1 9  ? 6.232   -5.998  20.270  1.00 13.87  ? 5   MET A CB  1 
ATOM   62  C CG  . MET A 1 9  ? 4.902   -6.596  19.758  1.00 19.44  ? 5   MET A CG  1 
ATOM   63  S SD  . MET A 1 9  ? 5.092   -7.795  18.436  1.00 25.66  ? 5   MET A SD  1 
ATOM   64  C CE  . MET A 1 9  ? 4.896   -9.259  19.448  1.00 24.45  ? 5   MET A CE  1 
ATOM   65  N N   . GLU A 1 10 ? 5.869   -2.965  19.702  1.00 13.37  ? 6   GLU A N   1 
ATOM   66  C CA  . GLU A 1 10 ? 5.015   -1.810  19.388  1.00 15.44  ? 6   GLU A CA  1 
ATOM   67  C C   . GLU A 1 10 ? 5.440   -1.152  18.091  1.00 14.46  ? 6   GLU A C   1 
ATOM   68  O O   . GLU A 1 10 ? 4.613   -0.889  17.211  1.00 13.83  ? 6   GLU A O   1 
ATOM   69  C CB  . GLU A 1 10 ? 5.048   -0.805  20.550  1.00 15.39  ? 6   GLU A CB  1 
ATOM   70  C CG  . GLU A 1 10 ? 4.661   -1.384  21.888  1.00 15.21  ? 6   GLU A CG  1 
ATOM   71  C CD  . GLU A 1 10 ? 4.779   -0.410  23.041  1.00 18.05  ? 6   GLU A CD  1 
ATOM   72  O OE1 . GLU A 1 10 ? 5.226   0.724   22.790  1.00 24.62  ? 6   GLU A OE1 1 
ATOM   73  O OE2 . GLU A 1 10 ? 4.384   -0.783  24.173  1.00 22.76  ? 6   GLU A OE2 1 
ATOM   74  N N   . GLU A 1 11 ? 6.752   -0.961  17.923  1.00 13.10  ? 7   GLU A N   1 
ATOM   75  C CA  . GLU A 1 11 ? 7.262   -0.274  16.756  1.00 13.06  ? 7   GLU A CA  1 
ATOM   76  C C   . GLU A 1 11 ? 7.115   -1.121  15.511  1.00 13.72  ? 7   GLU A C   1 
ATOM   77  O O   . GLU A 1 11 ? 6.741   -0.584  14.445  1.00 15.98  ? 7   GLU A O   1 
ATOM   78  C CB  . GLU A 1 11 ? 8.724   0.152   16.996  1.00 14.59  ? 7   GLU A CB  1 
ATOM   79  C CG  . GLU A 1 11 ? 9.250   1.095   15.889  1.00 27.76  ? 7   GLU A CG  1 
ATOM   80  C CD  . GLU A 1 11 ? 9.620   0.392   14.524  1.00 74.09  ? 7   GLU A CD  1 
ATOM   81  O OE1 . GLU A 1 11 ? 9.996   -0.816  14.486  1.00 31.50  ? 7   GLU A OE1 1 
ATOM   82  O OE2 . GLU A 1 11 ? 9.567   1.079   13.471  1.00 40.66  ? 7   GLU A OE2 1 
ATOM   83  N N   . MET A 1 12 ? 7.317   -2.448  15.631  1.00 12.96  ? 8   MET A N   1 
ATOM   84  C CA  . MET A 1 12 ? 7.192   -3.315  14.459  1.00 12.08  ? 8   MET A CA  1 
ATOM   85  C C   . MET A 1 12 ? 5.765   -3.262  13.941  1.00 13.92  ? 8   MET A C   1 
ATOM   86  O O   . MET A 1 12 ? 5.530   -3.161  12.733  1.00 15.72  ? 8   MET A O   1 
ATOM   87  C CB  . MET A 1 12 ? 7.578   -4.728  14.869  1.00 16.60  ? 8   MET A CB  1 
ATOM   88  C CG  . MET A 1 12 ? 9.086   -4.924  14.921  1.00 15.80  ? 8   MET A CG  1 
ATOM   89  S SD  . MET A 1 12 ? 9.410   -6.647  15.354  1.00 21.99  ? 8   MET A SD  1 
ATOM   90  C CE  . MET A 1 12 ? 11.156  -6.530  15.694  1.00 25.54  ? 8   MET A CE  1 
ATOM   91  N N   . ILE A 1 13 ? 4.786   -3.309  14.851  1.00 13.64  ? 9   ILE A N   1 
ATOM   92  C CA  . ILE A 1 13 ? 3.400   -3.280  14.409  1.00 13.43  ? 9   ILE A CA  1 
ATOM   93  C C   . ILE A 1 13 ? 3.075   -1.938  13.786  1.00 15.83  ? 9   ILE A C   1 
ATOM   94  O O   . ILE A 1 13 ? 2.425   -1.864  12.733  1.00 14.45  ? 9   ILE A O   1 
ATOM   95  C CB  . ILE A 1 13 ? 2.449   -3.607  15.577  1.00 11.88  ? 9   ILE A CB  1 
ATOM   96  C CG1 . ILE A 1 13 ? 2.656   -5.076  16.008  1.00 12.85  ? 9   ILE A CG1 1 
ATOM   97  C CG2 . ILE A 1 13 ? 0.991   -3.384  15.182  1.00 13.45  ? 9   ILE A CG2 1 
ATOM   98  C CD1 . ILE A 1 13 ? 1.989   -5.404  17.349  1.00 13.72  ? 9   ILE A CD1 1 
ATOM   99  N N   . GLU A 1 14 ? 3.493   -0.857  14.454  1.00 14.96  ? 10  GLU A N   1 
ATOM   100 C CA  . GLU A 1 14 ? 3.202   0.495   13.982  1.00 19.02  ? 10  GLU A CA  1 
ATOM   101 C C   . GLU A 1 14 ? 3.811   0.680   12.594  1.00 18.83  ? 10  GLU A C   1 
ATOM   102 O O   . GLU A 1 14 ? 3.208   1.311   11.723  1.00 18.42  ? 10  GLU A O   1 
ATOM   103 C CB  . GLU A 1 14 ? 3.795   1.477   15.005  1.00 20.08  ? 10  GLU A CB  1 
ATOM   104 C CG  . GLU A 1 14 ? 3.587   2.989   14.898  1.00 42.14  ? 10  GLU A CG  1 
ATOM   105 C CD  . GLU A 1 14 ? 2.131   3.426   15.074  1.00 83.59  ? 10  GLU A CD  1 
ATOM   106 O OE1 . GLU A 1 14 ? 1.913   4.574   15.537  1.00 104.09 ? 10  GLU A OE1 1 
ATOM   107 O OE2 . GLU A 1 14 ? 1.206   2.636   14.794  1.00 98.00  ? 10  GLU A OE2 1 
ATOM   108 N N   . GLN A 1 15 ? 5.017   0.146   12.379  1.00 15.27  ? 11  GLN A N   1 
ATOM   109 C CA  . GLN A 1 15 ? 5.658   0.277   11.072  1.00 19.27  ? 11  GLN A CA  1 
ATOM   110 C C   . GLN A 1 15 ? 4.827   -0.384  9.990   1.00 17.45  ? 11  GLN A C   1 
ATOM   111 O O   . GLN A 1 15 ? 4.684   0.174   8.889   1.00 19.54  ? 11  GLN A O   1 
ATOM   112 C CB  . GLN A 1 15 ? 7.058   -0.328  11.118  1.00 21.34  ? 11  GLN A CB  1 
ATOM   113 C CG  . GLN A 1 15 ? 7.866   -0.121  9.858   1.00 32.57  ? 11  GLN A CG  1 
ATOM   114 C CD  . GLN A 1 15 ? 9.308   -0.542  10.060  1.00 93.17  ? 11  GLN A CD  1 
ATOM   115 O OE1 . GLN A 1 15 ? 9.787   -0.610  11.194  1.00 45.25  ? 11  GLN A OE1 1 
ATOM   116 N NE2 . GLN A 1 15 ? 10.006  -0.827  8.967   1.00 72.63  ? 11  GLN A NE2 1 
ATOM   117 N N   . LEU A 1 16 ? 4.268   -1.571  10.277  1.00 14.58  ? 12  LEU A N   1 
ATOM   118 C CA  . LEU A 1 16 ? 3.479   -2.264  9.263   1.00 14.27  ? 12  LEU A CA  1 
ATOM   119 C C   . LEU A 1 16 ? 2.199   -1.488  8.957   1.00 16.98  ? 12  LEU A C   1 
ATOM   120 O O   . LEU A 1 16 ? 1.838   -1.293  7.786   1.00 16.46  ? 12  LEU A O   1 
ATOM   121 C CB  . LEU A 1 16 ? 3.202   -3.718  9.716   1.00 15.09  ? 12  LEU A CB  1 
ATOM   122 C CG  . LEU A 1 16 ? 2.231   -4.585  8.896   1.00 19.82  ? 12  LEU A CG  1 
ATOM   123 C CD1 . LEU A 1 16 ? 2.667   -4.659  7.445   1.00 19.77  ? 12  LEU A CD1 1 
ATOM   124 C CD2 . LEU A 1 16 ? 2.157   -6.001  9.504   1.00 19.83  ? 12  LEU A CD2 1 
ATOM   125 N N   . GLN A 1 17 ? 1.508   -1.016  9.992   1.00 15.29  ? 13  GLN A N   1 
ATOM   126 C CA  A GLN A 1 17 ? 0.291   -0.229  9.801   0.50 15.98  ? 13  GLN A CA  1 
ATOM   127 C CA  B GLN A 1 17 ? 0.292   -0.232  9.793   0.50 16.14  ? 13  GLN A CA  1 
ATOM   128 C C   . GLN A 1 17 ? 0.573   1.038   9.027   1.00 22.16  ? 13  GLN A C   1 
ATOM   129 O O   . GLN A 1 17 ? -0.243  1.448   8.190   1.00 19.33  ? 13  GLN A O   1 
ATOM   130 C CB  A GLN A 1 17 ? -0.356  0.109   11.143  0.50 16.28  ? 13  GLN A CB  1 
ATOM   131 C CB  B GLN A 1 17 ? -0.338  0.098   11.133  0.50 16.09  ? 13  GLN A CB  1 
ATOM   132 C CG  A GLN A 1 17 ? -0.562  -1.135  11.986  0.50 38.27  ? 13  GLN A CG  1 
ATOM   133 C CG  B GLN A 1 17 ? -0.857  -1.154  11.753  0.50 13.58  ? 13  GLN A CG  1 
ATOM   134 C CD  A GLN A 1 17 ? -2.024  -1.501  12.140  0.50 26.86  ? 13  GLN A CD  1 
ATOM   135 C CD  B GLN A 1 17 ? -1.303  -0.948  13.145  0.50 16.96  ? 13  GLN A CD  1 
ATOM   136 O OE1 A GLN A 1 17 ? -2.790  -1.476  11.176  0.50 30.23  ? 13  GLN A OE1 1 
ATOM   137 O OE1 B GLN A 1 17 ? -0.859  -0.015  13.834  0.50 19.96  ? 13  GLN A OE1 1 
ATOM   138 N NE2 A GLN A 1 17 ? -2.410  -1.900  13.341  0.50 33.57  ? 13  GLN A NE2 1 
ATOM   139 N NE2 B GLN A 1 17 ? -2.137  -1.863  13.626  0.50 22.30  ? 13  GLN A NE2 1 
ATOM   140 N N   . GLU A 1 18 ? 1.718   1.672   9.293   1.00 17.92  ? 14  GLU A N   1 
ATOM   141 C CA  . GLU A 1 18 ? 2.071   2.870   8.538   1.00 21.80  ? 14  GLU A CA  1 
ATOM   142 C C   . GLU A 1 18 ? 2.437   2.540   7.092   1.00 19.67  ? 14  GLU A C   1 
ATOM   143 O O   . GLU A 1 18 ? 2.089   3.316   6.193   1.00 21.08  ? 14  GLU A O   1 
ATOM   144 C CB  . GLU A 1 18 ? 3.174   3.643   9.261   1.00 23.58  ? 14  GLU A CB  1 
ATOM   145 C CG  . GLU A 1 18 ? 3.685   4.837   8.445   1.00 35.74  ? 14  GLU A CG  1 
ATOM   146 C CD  . GLU A 1 18 ? 2.596   5.873   8.102   1.00 93.95  ? 14  GLU A CD  1 
ATOM   147 O OE1 . GLU A 1 18 ? 2.774   6.588   7.081   1.00 30.98  ? 14  GLU A OE1 1 
ATOM   148 O OE2 . GLU A 1 18 ? 1.554   5.951   8.802   1.00 35.66  ? 14  GLU A OE2 1 
ATOM   149 N N   . LYS A 1 19 ? 3.043   1.382   6.821   1.00 17.36  ? 15  LYS A N   1 
ATOM   150 C CA  . LYS A 1 19 ? 3.263   0.997   5.426   1.00 15.55  ? 15  LYS A CA  1 
ATOM   151 C C   . LYS A 1 19 ? 1.948   0.876   4.658   1.00 19.59  ? 15  LYS A C   1 
ATOM   152 O O   . LYS A 1 19 ? 1.859   1.302   3.493   1.00 18.61  ? 15  LYS A O   1 
ATOM   153 C CB  . LYS A 1 19 ? 4.017   -0.320  5.365   1.00 18.26  ? 15  LYS A CB  1 
ATOM   154 C CG  . LYS A 1 19 ? 4.582   -0.690  4.004   1.00 24.92  ? 15  LYS A CG  1 
ATOM   155 C CD  . LYS A 1 19 ? 5.402   -1.956  4.119   1.00 29.51  ? 15  LYS A CD  1 
ATOM   156 C CE  . LYS A 1 19 ? 6.073   -2.307  2.783   1.00 32.95  ? 15  LYS A CE  1 
ATOM   157 N NZ  . LYS A 1 19 ? 6.733   -3.654  2.805   1.00 35.93  ? 15  LYS A NZ  1 
ATOM   158 N N   . VAL A 1 20 ? 0.916   0.284   5.272   1.00 17.47  ? 16  VAL A N   1 
ATOM   159 C CA  . VAL A 1 20 ? -0.391  0.207   4.624   1.00 18.21  ? 16  VAL A CA  1 
ATOM   160 C C   . VAL A 1 20 ? -0.936  1.608   4.373   1.00 20.93  ? 16  VAL A C   1 
ATOM   161 O O   . VAL A 1 20 ? -1.447  1.917   3.286   1.00 20.38  ? 16  VAL A O   1 
ATOM   162 C CB  . VAL A 1 20 ? -1.367  -0.614  5.479   1.00 16.94  ? 16  VAL A CB  1 
ATOM   163 C CG1 . VAL A 1 20 ? -2.776  -0.500  4.907   1.00 20.19  ? 16  VAL A CG1 1 
ATOM   164 C CG2 . VAL A 1 20 ? -0.957  -2.068  5.491   1.00 18.65  ? 16  VAL A CG2 1 
ATOM   165 N N   . HIS A 1 21 ? -0.845  2.484   5.373   1.00 18.71  ? 17  HIS A N   1 
ATOM   166 C CA  . HIS A 1 21 ? -1.368  3.842   5.219   1.00 21.38  ? 17  HIS A CA  1 
ATOM   167 C C   . HIS A 1 21 ? -0.674  4.585   4.095   1.00 22.70  ? 17  HIS A C   1 
ATOM   168 O O   . HIS A 1 21 ? -1.327  5.251   3.281   1.00 21.25  ? 17  HIS A O   1 
ATOM   169 C CB  . HIS A 1 21 ? -1.242  4.638   6.529   1.00 24.14  ? 17  HIS A CB  1 
ATOM   170 C CG  . HIS A 1 21 ? -2.098  4.117   7.640   1.00 62.61  ? 17  HIS A CG  1 
ATOM   171 N ND1 . HIS A 1 21 ? -3.350  3.585   7.414   1.00 79.41  ? 17  HIS A ND1 1 
ATOM   172 C CD2 . HIS A 1 21 ? -1.897  4.049   8.978   1.00 73.76  ? 17  HIS A CD2 1 
ATOM   173 C CE1 . HIS A 1 21 ? -3.885  3.219   8.564   1.00 80.39  ? 17  HIS A CE1 1 
ATOM   174 N NE2 . HIS A 1 21 ? -3.017  3.471   9.527   1.00 86.47  ? 17  HIS A NE2 1 
ATOM   175 N N   . GLU A 1 22 ? 0.648   4.509   4.042   1.00 19.56  ? 18  GLU A N   1 
ATOM   176 C CA  . GLU A 1 22 ? 1.353   5.244   3.005   1.00 18.04  ? 18  GLU A CA  1 
ATOM   177 C C   . GLU A 1 22 ? 1.027   4.681   1.621   1.00 13.90  ? 18  GLU A C   1 
ATOM   178 O O   . GLU A 1 22 ? 0.885   5.436   0.656   1.00 18.01  ? 18  GLU A O   1 
ATOM   179 C CB  . GLU A 1 22 ? 2.848   5.242   3.273   1.00 23.07  ? 18  GLU A CB  1 
ATOM   180 C CG  . GLU A 1 22 ? 3.668   5.824   2.131   1.00 33.31  ? 18  GLU A CG  1 
ATOM   181 C CD  . GLU A 1 22 ? 3.567   7.335   2.013   1.00 64.50  ? 18  GLU A CD  1 
ATOM   182 O OE1 . GLU A 1 22 ? 2.828   7.975   2.807   1.00 44.36  ? 18  GLU A OE1 1 
ATOM   183 O OE2 . GLU A 1 22 ? 4.213   7.877   1.089   1.00 55.91  ? 18  GLU A OE2 1 
ATOM   184 N N   . LEU A 1 23 ? 0.856   3.363   1.487   1.00 13.98  ? 19  LEU A N   1 
ATOM   185 C CA  . LEU A 1 23 ? 0.454   2.829   0.192   1.00 14.49  ? 19  LEU A CA  1 
ATOM   186 C C   . LEU A 1 23 ? -0.949  3.284   -0.185  1.00 21.07  ? 19  LEU A C   1 
ATOM   187 O O   . LEU A 1 23 ? -1.221  3.528   -1.368  1.00 16.66  ? 19  LEU A O   1 
ATOM   188 C CB  . LEU A 1 23 ? 0.543   1.309   0.240   1.00 16.83  ? 19  LEU A CB  1 
ATOM   189 C CG  . LEU A 1 23 ? 1.975   0.793   0.210   1.00 18.23  ? 19  LEU A CG  1 
ATOM   190 C CD1 . LEU A 1 23 ? 1.972   -0.668  0.640   1.00 16.70  ? 19  LEU A CD1 1 
ATOM   191 C CD2 . LEU A 1 23 ? 2.614   0.935   -1.174  1.00 23.68  ? 19  LEU A CD2 1 
ATOM   192 N N   . GLU A 1 24 ? -1.858  3.377   0.791   1.00 16.56  ? 20  GLU A N   1 
ATOM   193 C CA  . GLU A 1 24 ? -3.190  3.866   0.494   1.00 17.44  ? 20  GLU A CA  1 
ATOM   194 C C   . GLU A 1 24 ? -3.137  5.312   0.054   1.00 18.53  ? 20  GLU A C   1 
ATOM   195 O O   . GLU A 1 24 ? -3.874  5.705   -0.869  1.00 16.80  ? 20  GLU A O   1 
ATOM   196 C CB  . GLU A 1 24 ? -4.069  3.693   1.724   1.00 19.02  ? 20  GLU A CB  1 
ATOM   197 C CG  . GLU A 1 24 ? -4.429  2.246   1.967   1.00 19.69  ? 20  GLU A CG  1 
ATOM   198 C CD  . GLU A 1 24 ? -5.303  2.083   3.189   1.00 61.69  ? 20  GLU A CD  1 
ATOM   199 O OE1 . GLU A 1 24 ? -5.050  2.803   4.180   1.00 41.16  ? 20  GLU A OE1 1 
ATOM   200 O OE2 . GLU A 1 24 ? -6.180  1.199   3.201   1.00 41.17  ? 20  GLU A OE2 1 
ATOM   201 N N   . ARG A 1 25 ? -2.259  6.110   0.665   1.00 17.75  ? 21  ARG A N   1 
ATOM   202 C CA  A ARG A 1 25 ? -2.130  7.493   0.220   0.53 19.35  ? 21  ARG A CA  1 
ATOM   203 C CA  B ARG A 1 25 ? -2.102  7.494   0.234   0.47 19.33  ? 21  ARG A CA  1 
ATOM   204 C C   . ARG A 1 25 ? -1.611  7.560   -1.207  1.00 17.77  ? 21  ARG A C   1 
ATOM   205 O O   . ARG A 1 25 ? -2.146  8.331   -2.033  1.00 19.30  ? 21  ARG A O   1 
ATOM   206 C CB  A ARG A 1 25 ? -1.247  8.312   1.165   0.53 21.26  ? 21  ARG A CB  1 
ATOM   207 C CB  B ARG A 1 25 ? -1.146  8.241   1.162   0.47 21.79  ? 21  ARG A CB  1 
ATOM   208 C CG  A ARG A 1 25 ? -1.972  8.665   2.448   0.53 36.41  ? 21  ARG A CG  1 
ATOM   209 C CG  B ARG A 1 25 ? -1.065  9.723   0.861   0.47 19.76  ? 21  ARG A CG  1 
ATOM   210 C CD  A ARG A 1 25 ? -1.165  9.514   3.420   0.53 31.94  ? 21  ARG A CD  1 
ATOM   211 C CD  B ARG A 1 25 ? 0.075   10.409  1.605   0.47 29.16  ? 21  ARG A CD  1 
ATOM   212 N NE  A ARG A 1 25 ? 0.139   8.963   3.781   0.53 39.23  ? 21  ARG A NE  1 
ATOM   213 N NE  B ARG A 1 25 ? 1.379   9.963   1.135   0.47 23.49  ? 21  ARG A NE  1 
ATOM   214 C CZ  A ARG A 1 25 ? 0.425   8.454   4.979   0.53 26.92  ? 21  ARG A CZ  1 
ATOM   215 C CZ  B ARG A 1 25 ? 1.935   10.361  -0.003  0.47 23.28  ? 21  ARG A CZ  1 
ATOM   216 N NH1 A ARG A 1 25 ? -0.509  8.382   5.922   0.53 33.49  ? 21  ARG A NH1 1 
ATOM   217 N NH1 B ARG A 1 25 ? 1.304   11.226  -0.781  0.47 28.94  ? 21  ARG A NH1 1 
ATOM   218 N NH2 A ARG A 1 25 ? 1.632   7.997   5.229   0.53 17.98  ? 21  ARG A NH2 1 
ATOM   219 N NH2 B ARG A 1 25 ? 3.115   9.888   -0.369  0.47 32.64  ? 21  ARG A NH2 1 
ATOM   220 N N   . GLN A 1 26 ? -0.591  6.761   -1.530  1.00 17.09  ? 22  GLN A N   1 
ATOM   221 C CA  . GLN A 1 26 ? -0.058  6.721   -2.887  1.00 17.67  ? 22  GLN A CA  1 
ATOM   222 C C   . GLN A 1 26 ? -1.102  6.218   -3.864  1.00 17.04  ? 22  GLN A C   1 
ATOM   223 O O   . GLN A 1 26 ? -1.145  6.678   -5.008  1.00 18.58  ? 22  GLN A O   1 
ATOM   224 C CB  . GLN A 1 26 ? 1.171   5.828   -2.931  1.00 18.29  ? 22  GLN A CB  1 
ATOM   225 C CG  . GLN A 1 26 ? 2.415   6.490   -2.304  1.00 42.42  ? 22  GLN A CG  1 
ATOM   226 C CD  . GLN A 1 26 ? 3.587   5.534   -2.142  1.00 47.74  ? 22  GLN A CD  1 
ATOM   227 O OE1 . GLN A 1 26 ? 3.402   4.327   -1.994  1.00 43.12  ? 22  GLN A OE1 1 
ATOM   228 N NE2 . GLN A 1 26 ? 4.799   6.075   -2.138  1.00 71.36  ? 22  GLN A NE2 1 
ATOM   229 N N   . ASN A 1 27 ? -1.978  5.313   -3.432  1.00 16.01  ? 23  ASN A N   1 
ATOM   230 C CA  . ASN A 1 27 ? -2.993  4.796   -4.337  1.00 13.99  ? 23  ASN A CA  1 
ATOM   231 C C   . ASN A 1 27 ? -3.952  5.931   -4.693  1.00 14.21  ? 23  ASN A C   1 
ATOM   232 O O   . ASN A 1 27 ? -4.393  6.095   -5.855  1.00 14.46  ? 23  ASN A O   1 
ATOM   233 C CB  . ASN A 1 27 ? -3.724  3.627   -3.646  1.00 13.85  ? 23  ASN A CB  1 
ATOM   234 C CG  . ASN A 1 27 ? -4.838  3.032   -4.492  1.00 15.42  ? 23  ASN A CG  1 
ATOM   235 O OD1 . ASN A 1 27 ? -6.037  3.273   -4.231  1.00 23.92  ? 23  ASN A OD1 1 
ATOM   236 N ND2 . ASN A 1 27 ? -4.461  2.208   -5.466  1.00 19.17  ? 23  ASN A ND2 1 
ATOM   237 N N   . GLU A 1 28 ? -4.287  6.720   -3.697  1.00 15.26  ? 24  GLU A N   1 
ATOM   238 C CA  . GLU A 1 28 ? -5.188  7.840   -3.891  1.00 14.07  ? 24  GLU A CA  1 
ATOM   239 C C   . GLU A 1 28 ? -4.583  8.887   -4.815  1.00 18.77  ? 24  GLU A C   1 
ATOM   240 O O   . GLU A 1 28 ? -5.282  9.439   -5.673  1.00 16.97  ? 24  GLU A O   1 
ATOM   241 C CB  . GLU A 1 28 ? -5.570  8.439   -2.538  1.00 19.47  ? 24  GLU A CB  1 
ATOM   242 C CG  . GLU A 1 28 ? -6.654  7.637   -1.893  1.00 55.22  ? 24  GLU A CG  1 
ATOM   243 C CD  . GLU A 1 28 ? -7.967  7.815   -2.648  1.00 70.15  ? 24  GLU A CD  1 
ATOM   244 O OE1 . GLU A 1 28 ? -8.128  8.870   -3.301  1.00 71.21  ? 24  GLU A OE1 1 
ATOM   245 O OE2 . GLU A 1 28 ? -8.818  6.896   -2.613  1.00 76.49  ? 24  GLU A OE2 1 
ATOM   246 N N   . VAL A 1 29 ? -3.281  9.132   -4.694  1.00 16.87  ? 25  VAL A N   1 
ATOM   247 C CA  . VAL A 1 29 ? -2.629  10.082  -5.579  1.00 17.73  ? 25  VAL A CA  1 
ATOM   248 C C   . VAL A 1 29 ? -2.687  9.601   -7.019  1.00 15.97  ? 25  VAL A C   1 
ATOM   249 O O   . VAL A 1 29 ? -2.980  10.382  -7.940  1.00 14.74  ? 25  VAL A O   1 
ATOM   250 C CB  . VAL A 1 29 ? -1.186  10.333  -5.141  1.00 20.43  ? 25  VAL A CB  1 
ATOM   251 C CG1 . VAL A 1 29 ? -0.394  11.019  -6.267  1.00 20.85  ? 25  VAL A CG1 1 
ATOM   252 C CG2 . VAL A 1 29 ? -1.193  11.114  -3.856  1.00 21.71  ? 25  VAL A CG2 1 
ATOM   253 N N   . LEU A 1 30 ? -2.395  8.318   -7.237  1.00 13.46  ? 26  LEU A N   1 
ATOM   254 C CA  . LEU A 1 30 ? -2.465  7.749   -8.587  1.00 12.09  ? 26  LEU A CA  1 
ATOM   255 C C   . LEU A 1 30 ? -3.889  7.854   -9.152  1.00 13.72  ? 26  LEU A C   1 
ATOM   256 O O   . LEU A 1 30 ? -4.070  8.196   -10.327 1.00 14.66  ? 26  LEU A O   1 
ATOM   257 C CB  . LEU A 1 30 ? -1.954  6.292   -8.552  1.00 13.08  ? 26  LEU A CB  1 
ATOM   258 C CG  . LEU A 1 30 ? -0.451  6.275   -8.311  1.00 13.34  ? 26  LEU A CG  1 
ATOM   259 C CD1 . LEU A 1 30 ? -0.043  4.833   -7.960  1.00 17.93  ? 26  LEU A CD1 1 
ATOM   260 C CD2 . LEU A 1 30 ? 0.315   6.720   -9.538  1.00 19.30  ? 26  LEU A CD2 1 
ATOM   261 N N   . LYS A 1 31 ? -4.911  7.528   -8.351  1.00 12.81  ? 27  LYS A N   1 
ATOM   262 C CA  . LYS A 1 31 ? -6.283  7.585   -8.841  1.00 12.33  ? 27  LYS A CA  1 
ATOM   263 C C   . LYS A 1 31 ? -6.628  9.006   -9.232  1.00 12.31  ? 27  LYS A C   1 
ATOM   264 O O   . LYS A 1 31 ? -7.261  9.263   -10.270 1.00 14.91  ? 27  LYS A O   1 
ATOM   265 C CB  . LYS A 1 31 ? -7.272  7.107   -7.779  1.00 14.85  ? 27  LYS A CB  1 
ATOM   266 C CG  . LYS A 1 31 ? -7.343  5.560   -7.666  1.00 19.51  ? 27  LYS A CG  1 
ATOM   267 C CD  . LYS A 1 31 ? -8.160  5.011   -6.461  1.00 22.68  ? 27  LYS A CD  1 
ATOM   268 C CE  . LYS A 1 31 ? -8.297  3.485   -6.534  1.00 33.64  ? 27  LYS A CE  1 
ATOM   269 N NZ  . LYS A 1 31 ? -8.639  2.843   -5.219  1.00 42.76  ? 27  LYS A NZ  1 
ATOM   270 N N   . ASN A 1 32 ? -6.179  9.952   -8.433  1.00 13.07  ? 28  ASN A N   1 
ATOM   271 C CA  . ASN A 1 32 ? -6.445  11.358  -8.734  1.00 14.92  ? 28  ASN A CA  1 
ATOM   272 C C   . ASN A 1 32 ? -5.726  11.823  -9.992  1.00 14.42  ? 28  ASN A C   1 
ATOM   273 O O   . ASN A 1 32 ? -6.229  12.702  -10.715 1.00 15.84  ? 28  ASN A O   1 
ATOM   274 C CB  . ASN A 1 32 ? -6.097  12.228  -7.520  1.00 17.92  ? 28  ASN A CB  1 
ATOM   275 C CG  . ASN A 1 32 ? -7.101  12.080  -6.425  1.00 25.22  ? 28  ASN A CG  1 
ATOM   276 O OD1 . ASN A 1 32 ? -8.258  11.699  -6.675  1.00 25.32  ? 28  ASN A OD1 1 
ATOM   277 N ND2 . ASN A 1 32 ? -6.685  12.376  -5.192  1.00 31.68  ? 28  ASN A ND2 1 
ATOM   278 N N   . ARG A 1 33 ? -4.547  11.268  -10.283 1.00 12.30  ? 29  ARG A N   1 
ATOM   279 C CA  . ARG A 1 33 ? -3.866  11.639  -11.510 1.00 14.36  ? 29  ARG A CA  1 
ATOM   280 C C   . ARG A 1 33 ? -4.646  11.132  -12.711 1.00 16.12  ? 29  ARG A C   1 
ATOM   281 O O   . ARG A 1 33 ? -4.702  11.796  -13.760 1.00 15.52  ? 29  ARG A O   1 
ATOM   282 C CB  . ARG A 1 33 ? -2.431  11.069  -11.547 1.00 13.56  ? 29  ARG A CB  1 
ATOM   283 C CG  . ARG A 1 33 ? -1.431  11.906  -10.777 1.00 17.65  ? 29  ARG A CG  1 
ATOM   284 C CD  . ARG A 1 33 ? 0.021   11.444  -10.970 1.00 22.60  ? 29  ARG A CD  1 
ATOM   285 N NE  . ARG A 1 33 ? 0.832   12.011  -9.916  1.00 23.26  ? 29  ARG A NE  1 
ATOM   286 C CZ  . ARG A 1 33 ? 1.944   11.452  -9.463  1.00 62.94  ? 29  ARG A CZ  1 
ATOM   287 N NH1 . ARG A 1 33 ? 2.403   10.347  -10.039 1.00 36.28  ? 29  ARG A NH1 1 
ATOM   288 N NH2 . ARG A 1 33 ? 2.612   12.022  -8.468  1.00 40.40  ? 29  ARG A NH2 1 
ATOM   289 N N   . LEU A 1 34 ? -5.196  9.923   -12.584 1.00 14.08  ? 30  LEU A N   1 
ATOM   290 C CA  . LEU A 1 34 ? -6.001  9.359   -13.670 1.00 15.34  ? 30  LEU A CA  1 
ATOM   291 C C   . LEU A 1 34 ? -7.287  10.139  -13.873 1.00 13.85  ? 30  LEU A C   1 
ATOM   292 O O   . LEU A 1 34 ? -7.660  10.438  -15.022 1.00 14.94  ? 30  LEU A O   1 
ATOM   293 C CB  . LEU A 1 34 ? -6.263  7.873   -13.401 1.00 16.63  ? 30  LEU A CB  1 
ATOM   294 C CG  . LEU A 1 34 ? -5.054  6.977   -13.708 1.00 21.98  ? 30  LEU A CG  1 
ATOM   295 C CD1 . LEU A 1 34 ? -4.961  5.695   -12.892 1.00 18.75  ? 30  LEU A CD1 1 
ATOM   296 C CD2 . LEU A 1 34 ? -4.984  6.617   -15.187 1.00 20.10  ? 30  LEU A CD2 1 
ATOM   297 N N   . ILE A 1 35 ? -7.993  10.455  -12.785 1.00 13.83  ? 31  ILE A N   1 
ATOM   298 C CA  . ILE A 1 35 ? -9.162  11.327  -12.870 1.00 17.48  ? 31  ILE A CA  1 
ATOM   299 C C   . ILE A 1 35 ? -8.797  12.622  -13.583 1.00 13.50  ? 31  ILE A C   1 
ATOM   300 O O   . ILE A 1 35 ? -9.496  13.049  -14.518 1.00 16.09  ? 31  ILE A O   1 
ATOM   301 C CB  . ILE A 1 35 ? -9.735  11.598  -11.461 1.00 13.55  ? 31  ILE A CB  1 
ATOM   302 C CG1 . ILE A 1 35 ? -10.540 10.418  -10.974 1.00 16.87  ? 31  ILE A CG1 1 
ATOM   303 C CG2 . ILE A 1 35 ? -10.710 12.808  -11.473 1.00 19.85  ? 31  ILE A CG2 1 
ATOM   304 C CD1 . ILE A 1 35 ? -10.624 10.326  -9.461  1.00 25.27  ? 31  ILE A CD1 1 
ATOM   305 N N   . SER A 1 36 ? -7.737  13.303  -13.112 1.00 13.29  ? 32  SER A N   1 
ATOM   306 C CA  . SER A 1 36 ? -7.337  14.585  -13.692 1.00 15.63  ? 32  SER A CA  1 
ATOM   307 C C   . SER A 1 36 ? -7.082  14.478  -15.195 1.00 14.69  ? 32  SER A C   1 
ATOM   308 O O   . SER A 1 36 ? -7.532  15.336  -15.967 1.00 14.18  ? 32  SER A O   1 
ATOM   309 C CB  . SER A 1 36 ? -6.128  15.096  -12.945 1.00 19.34  ? 32  SER A CB  1 
ATOM   310 O OG  . SER A 1 36 ? -5.756  16.351  -13.486 1.00 31.39  ? 32  SER A OG  1 
ATOM   311 N N   . ALA A 1 37 ? -6.317  13.458  -15.632 1.00 14.04  ? 33  ALA A N   1 
ATOM   312 C CA  . ALA A 1 37 ? -6.022  13.301  -17.052 1.00 12.37  ? 33  ALA A CA  1 
ATOM   313 C C   . ALA A 1 37 ? -7.287  13.083  -17.865 1.00 15.00  ? 33  ALA A C   1 
ATOM   314 O O   . ALA A 1 37 ? -7.415  13.597  -18.994 1.00 12.63  ? 33  ALA A O   1 
ATOM   315 C CB  . ALA A 1 37 ? -5.016  12.153  -17.255 1.00 12.78  ? 33  ALA A CB  1 
ATOM   316 N N   . LYS A 1 38 ? -8.228  12.312  -17.314 1.00 13.29  ? 34  LYS A N   1 
ATOM   317 C CA  . LYS A 1 38 ? -9.447  12.023  -18.044 1.00 13.87  ? 34  LYS A CA  1 
ATOM   318 C C   . LYS A 1 38 ? -10.296 13.262  -18.150 1.00 13.68  ? 34  LYS A C   1 
ATOM   319 O O   . LYS A 1 38 ? -10.915 13.505  -19.195 1.00 16.63  ? 34  LYS A O   1 
ATOM   320 C CB  . LYS A 1 38 ? -10.248 10.933  -17.330 1.00 14.90  ? 34  LYS A CB  1 
ATOM   321 C CG  . LYS A 1 38 ? -9.746  9.579   -17.557 1.00 18.67  ? 34  LYS A CG  1 
ATOM   322 C CD  . LYS A 1 38 ? -10.348 8.611   -16.567 1.00 24.17  ? 34  LYS A CD  1 
ATOM   323 C CE  . LYS A 1 38 ? -9.540  7.363   -16.533 1.00 33.60  ? 34  LYS A CE  1 
ATOM   324 N NZ  . LYS A 1 38 ? -10.325 6.231   -15.919 1.00 24.25  ? 34  LYS A NZ  1 
ATOM   325 N N   . GLN A 1 39 ? -10.356 14.042  -17.077 1.00 14.27  ? 35  GLN A N   1 
ATOM   326 C CA  . GLN A 1 39 ? -11.055 15.312  -17.124 1.00 20.42  ? 35  GLN A CA  1 
ATOM   327 C C   . GLN A 1 39 ? -10.457 16.217  -18.186 1.00 19.68  ? 35  GLN A C   1 
ATOM   328 O O   . GLN A 1 39 ? -11.188 16.896  -18.922 1.00 20.30  ? 35  GLN A O   1 
ATOM   329 C CB  . GLN A 1 39 ? -10.967 15.966  -15.755 1.00 20.33  ? 35  GLN A CB  1 
ATOM   330 C CG  . GLN A 1 39 ? -11.678 17.274  -15.595 1.00 23.97  ? 35  GLN A CG  1 
ATOM   331 C CD  . GLN A 1 39 ? -11.796 17.627  -14.110 1.00 62.28  ? 35  GLN A CD  1 
ATOM   332 O OE1 . GLN A 1 39 ? -12.034 16.747  -13.273 1.00 49.06  ? 35  GLN A OE1 1 
ATOM   333 N NE2 . GLN A 1 39 ? -11.588 18.901  -13.775 1.00 61.09  ? 35  GLN A NE2 1 
ATOM   334 N N   . GLN A 1 40 ? -9.125  16.208  -18.316 1.00 12.44  ? 36  GLN A N   1 
ATOM   335 C CA  . GLN A 1 40 ? -8.501  17.109  -19.282 1.00 17.20  ? 36  GLN A CA  1 
ATOM   336 C C   . GLN A 1 40 ? -8.804  16.672  -20.711 1.00 20.07  ? 36  GLN A C   1 
ATOM   337 O O   . GLN A 1 40 ? -9.075  17.514  -21.582 1.00 19.27  ? 36  GLN A O   1 
ATOM   338 C CB  . GLN A 1 40 ? -7.018  17.146  -19.005 1.00 19.17  ? 36  GLN A CB  1 
ATOM   339 C CG  . GLN A 1 40 ? -6.396  18.408  -19.425 1.00 32.98  ? 36  GLN A CG  1 
ATOM   340 C CD  . GLN A 1 40 ? -4.924  18.430  -19.131 1.00 28.07  ? 36  GLN A CD  1 
ATOM   341 O OE1 . GLN A 1 40 ? -4.440  17.743  -18.218 1.00 28.56  ? 36  GLN A OE1 1 
ATOM   342 N NE2 . GLN A 1 40 ? -4.188  19.201  -19.939 1.00 29.08  ? 36  GLN A NE2 1 
ATOM   343 N N   . LEU A 1 41 ? -8.828  15.348  -20.953 1.00 15.41  ? 37  LEU A N   1 
ATOM   344 C CA  . LEU A 1 41 ? -9.121  14.769  -22.274 1.00 12.59  ? 37  LEU A CA  1 
ATOM   345 C C   . LEU A 1 41 ? -10.563 14.963  -22.685 1.00 22.30  ? 37  LEU A C   1 
ATOM   346 O O   . LEU A 1 41 ? -10.848 14.935  -23.891 1.00 23.60  ? 37  LEU A O   1 
ATOM   347 C CB  . LEU A 1 41 ? -8.807  13.274  -22.261 1.00 14.53  ? 37  LEU A CB  1 
ATOM   348 C CG  . LEU A 1 41 ? -7.328  13.039  -22.366 1.00 14.81  ? 37  LEU A CG  1 
ATOM   349 C CD1 . LEU A 1 41 ? -6.909  11.608  -21.918 1.00 15.35  ? 37  LEU A CD1 1 
ATOM   350 C CD2 . LEU A 1 41 ? -6.837  13.243  -23.804 1.00 17.89  ? 37  LEU A CD2 1 
ATOM   351 N N   . GLN A 1 42 ? -11.476 15.120  -21.716 1.00 19.69  ? 38  GLN A N   1 
ATOM   352 C CA  . GLN A 1 42 ? -12.895 15.184  -22.033 1.00 21.43  ? 38  GLN A CA  1 
ATOM   353 C C   . GLN A 1 42 ? -13.323 16.557  -22.512 1.00 36.20  ? 38  GLN A C   1 
ATOM   354 O O   . GLN A 1 42 ? -14.323 16.645  -23.237 1.00 35.19  ? 38  GLN A O   1 
ATOM   355 C CB  . GLN A 1 42 ? -13.730 14.756  -20.824 1.00 17.72  ? 38  GLN A CB  1 
ATOM   356 C CG  . GLN A 1 42 ? -13.713 13.274  -20.715 1.00 20.20  ? 38  GLN A CG  1 
ATOM   357 C CD  . GLN A 1 42 ? -14.691 12.757  -19.677 1.00 17.88  ? 38  GLN A CD  1 
ATOM   358 O OE1 . GLN A 1 42 ? -15.096 13.495  -18.749 1.00 17.34  ? 38  GLN A OE1 1 
ATOM   359 N NE2 . GLN A 1 42 ? -15.066 11.486  -19.778 1.00 24.46  ? 38  GLN A NE2 1 
ATOM   360 N N   . VAL A 1 43 ? -12.596 17.617  -22.143 1.00 36.44  ? 39  VAL A N   1 
ATOM   361 C CA  . VAL A 1 43 ? -12.961 18.957  -22.598 1.00 70.44  ? 39  VAL A CA  1 
ATOM   362 C C   . VAL A 1 43 ? -12.975 19.038  -24.130 1.00 82.55  ? 39  VAL A C   1 
ATOM   363 O O   . VAL A 1 43 ? -12.219 18.341  -24.825 1.00 58.79  ? 39  VAL A O   1 
ATOM   364 C CB  . VAL A 1 43 ? -12.018 20.017  -22.006 1.00 66.55  ? 39  VAL A CB  1 
ATOM   365 C CG1 . VAL A 1 43 ? -12.522 21.407  -22.318 1.00 42.43  ? 39  VAL A CG1 1 
ATOM   366 C CG2 . VAL A 1 43 ? -11.932 19.861  -20.508 1.00 35.25  ? 39  VAL A CG2 1 
ATOM   367 N N   . GLN A 1 44 ? -13.853 19.900  -24.648 1.00 70.24  ? 40  GLN A N   1 
ATOM   368 C CA  . GLN A 1 44 ? -14.009 20.164  -26.084 1.00 98.00  ? 40  GLN A CA  1 
ATOM   369 C C   . GLN A 1 44 ? -14.493 18.914  -26.814 1.00 95.76  ? 40  GLN A C   1 
ATOM   370 O O   . GLN A 1 44 ? -15.675 18.567  -26.756 1.00 98.80  ? 40  GLN A O   1 
ATOM   371 C CB  . GLN A 1 44 ? -12.697 20.678  -26.707 1.00 60.34  ? 40  GLN A CB  1 
ATOM   372 N N   . GLY B 1 1  ? 10.524  -20.410 15.832  1.00 90.76  ? -3  GLY B N   1 
ATOM   373 C CA  . GLY B 1 1  ? 11.383  -21.556 16.069  1.00 67.29  ? -3  GLY B CA  1 
ATOM   374 C C   . GLY B 1 1  ? 10.612  -22.791 16.502  1.00 71.44  ? -3  GLY B C   1 
ATOM   375 O O   . GLY B 1 1  ? 10.387  -23.687 15.696  1.00 48.34  ? -3  GLY B O   1 
ATOM   376 N N   . PRO B 1 2  ? 10.202  -22.837 17.776  1.00 45.33  ? -2  PRO B N   1 
ATOM   377 C CA  . PRO B 1 2  ? 9.538   -24.045 18.297  1.00 76.91  ? -2  PRO B CA  1 
ATOM   378 C C   . PRO B 1 2  ? 8.112   -24.262 17.790  1.00 84.12  ? -2  PRO B C   1 
ATOM   379 O O   . PRO B 1 2  ? 7.519   -25.292 18.133  1.00 94.63  ? -2  PRO B O   1 
ATOM   380 C CB  . PRO B 1 2  ? 9.552   -23.824 19.819  1.00 66.12  ? -2  PRO B CB  1 
ATOM   381 C CG  . PRO B 1 2  ? 9.627   -22.342 19.976  1.00 45.29  ? -2  PRO B CG  1 
ATOM   382 C CD  . PRO B 1 2  ? 10.494  -21.867 18.843  1.00 73.42  ? -2  PRO B CD  1 
ATOM   383 N N   . GLY B 1 3  ? 7.539   -23.350 17.004  1.00 48.91  ? -1  GLY B N   1 
ATOM   384 C CA  . GLY B 1 3  ? 6.213   -23.567 16.446  1.00 35.20  ? -1  GLY B CA  1 
ATOM   385 C C   . GLY B 1 3  ? 5.044   -23.072 17.288  1.00 34.49  ? -1  GLY B C   1 
ATOM   386 O O   . GLY B 1 3  ? 3.888   -23.236 16.874  1.00 51.94  ? -1  GLY B O   1 
ATOM   387 N N   . SER B 1 4  ? 5.317   -22.507 18.461  1.00 36.06  ? 0   SER B N   1 
ATOM   388 C CA  . SER B 1 4  ? 4.305   -21.835 19.262  1.00 27.52  ? 0   SER B CA  1 
ATOM   389 C C   . SER B 1 4  ? 3.919   -20.526 18.594  1.00 25.18  ? 0   SER B C   1 
ATOM   390 O O   . SER B 1 4  ? 4.768   -19.661 18.364  1.00 29.27  ? 0   SER B O   1 
ATOM   391 C CB  . SER B 1 4  ? 4.834   -21.522 20.662  1.00 28.58  ? 0   SER B CB  1 
ATOM   392 O OG  . SER B 1 4  ? 5.429   -22.659 21.273  1.00 44.74  ? 0   SER B OG  1 
ATOM   393 N N   . ARG B 1 5  ? 2.633   -20.336 18.345  1.00 24.08  ? 1   ARG B N   1 
ATOM   394 C CA  . ARG B 1 5  ? 2.185   -19.115 17.697  1.00 22.16  ? 1   ARG B CA  1 
ATOM   395 C C   . ARG B 1 5  ? 0.858   -18.718 18.312  1.00 20.73  ? 1   ARG B C   1 
ATOM   396 O O   . ARG B 1 5  ? 0.072   -19.576 18.708  1.00 21.71  ? 1   ARG B O   1 
ATOM   397 C CB  . ARG B 1 5  ? 2.032   -19.316 16.200  1.00 25.15  ? 1   ARG B CB  1 
ATOM   398 C CG  . ARG B 1 5  ? 0.980   -20.373 15.960  1.00 27.66  ? 1   ARG B CG  1 
ATOM   399 C CD  . ARG B 1 5  ? 0.324   -20.305 14.603  1.00 50.78  ? 1   ARG B CD  1 
ATOM   400 N NE  . ARG B 1 5  ? -0.563  -21.451 14.434  1.00 48.16  ? 1   ARG B NE  1 
ATOM   401 C CZ  . ARG B 1 5  ? -0.806  -22.051 13.274  1.00 88.58  ? 1   ARG B CZ  1 
ATOM   402 N NH1 . ARG B 1 5  ? -0.223  -21.611 12.166  1.00 106.23 ? 1   ARG B NH1 1 
ATOM   403 N NH2 . ARG B 1 5  ? -1.631  -23.091 13.217  1.00 49.99  ? 1   ARG B NH2 1 
ATOM   404 N N   . ASP B 1 6  ? 0.617   -17.416 18.410  1.00 18.82  ? 2   ASP B N   1 
ATOM   405 C CA  . ASP B 1 6  ? -0.694  -16.901 18.762  1.00 17.92  ? 2   ASP B CA  1 
ATOM   406 C C   . ASP B 1 6  ? -1.483  -16.776 17.464  1.00 18.21  ? 2   ASP B C   1 
ATOM   407 O O   . ASP B 1 6  ? -1.139  -15.961 16.594  1.00 17.55  ? 2   ASP B O   1 
ATOM   408 C CB  . ASP B 1 6  ? -0.538  -15.571 19.474  1.00 17.40  ? 2   ASP B CB  1 
ATOM   409 C CG  . ASP B 1 6  ? -1.811  -15.048 19.957  1.00 16.35  ? 2   ASP B CG  1 
ATOM   410 O OD1 . ASP B 1 6  ? -2.685  -14.831 19.118  1.00 17.27  ? 2   ASP B OD1 1 
ATOM   411 O OD2 . ASP B 1 6  ? -1.956  -14.869 21.183  1.00 30.84  ? 2   ASP B OD2 1 
ATOM   412 N N   . VAL B 1 7  ? -2.518  -17.608 17.311  1.00 14.07  ? 3   VAL B N   1 
ATOM   413 C CA  . VAL B 1 7  ? -3.178  -17.763 16.020  1.00 15.03  ? 3   VAL B CA  1 
ATOM   414 C C   . VAL B 1 7  ? -3.805  -16.458 15.591  1.00 20.24  ? 3   VAL B C   1 
ATOM   415 O O   . VAL B 1 7  ? -3.656  -16.028 14.443  1.00 20.66  ? 3   VAL B O   1 
ATOM   416 C CB  . VAL B 1 7  ? -4.239  -18.883 16.110  1.00 21.41  ? 3   VAL B CB  1 
ATOM   417 C CG1 . VAL B 1 7  ? -5.048  -18.956 14.830  1.00 26.84  ? 3   VAL B CG1 1 
ATOM   418 C CG2 . VAL B 1 7  ? -3.533  -20.218 16.419  1.00 19.98  ? 3   VAL B CG2 1 
ATOM   419 N N   . GLU B 1 8  ? -4.500  -15.787 16.518  1.00 16.82  ? 4   GLU B N   1 
ATOM   420 C CA  . GLU B 1 8  ? -5.154  -14.554 16.103  1.00 17.41  ? 4   GLU B CA  1 
ATOM   421 C C   . GLU B 1 8  ? -4.146  -13.452 15.743  1.00 15.06  ? 4   GLU B C   1 
ATOM   422 O O   . GLU B 1 8  ? -4.310  -12.781 14.710  1.00 20.30  ? 4   GLU B O   1 
ATOM   423 C CB  . GLU B 1 8  ? -6.171  -14.069 17.128  1.00 26.88  ? 4   GLU B CB  1 
ATOM   424 C CG  . GLU B 1 8  ? -5.715  -13.396 18.399  1.00 46.93  ? 4   GLU B CG  1 
ATOM   425 C CD  . GLU B 1 8  ? -6.913  -13.150 19.344  1.00 86.39  ? 4   GLU B CD  1 
ATOM   426 O OE1 . GLU B 1 8  ? -7.994  -12.762 18.843  1.00 49.62  ? 4   GLU B OE1 1 
ATOM   427 O OE2 . GLU B 1 8  ? -6.804  -13.359 20.571  1.00 32.75  ? 4   GLU B OE2 1 
ATOM   428 N N   . MET B 1 9  ? -3.055  -13.311 16.503  1.00 15.44  ? 5   MET B N   1 
ATOM   429 C CA  A MET B 1 9  ? -2.038  -12.316 16.164  0.44 14.54  ? 5   MET B CA  1 
ATOM   430 C CA  B MET B 1 9  ? -2.051  -12.311 16.132  0.56 14.60  ? 5   MET B CA  1 
ATOM   431 C C   . MET B 1 9  ? -1.414  -12.625 14.799  1.00 13.69  ? 5   MET B C   1 
ATOM   432 O O   . MET B 1 9  ? -1.236  -11.725 13.959  1.00 17.25  ? 5   MET B O   1 
ATOM   433 C CB  A MET B 1 9  ? -0.995  -12.276 17.300  0.44 21.41  ? 5   MET B CB  1 
ATOM   434 C CB  B MET B 1 9  ? -0.946  -12.211 17.164  0.56 16.70  ? 5   MET B CB  1 
ATOM   435 C CG  A MET B 1 9  ? 0.032   -11.149 17.308  0.44 14.37  ? 5   MET B CG  1 
ATOM   436 C CG  B MET B 1 9  ? -1.367  -11.489 18.336  0.56 18.82  ? 5   MET B CG  1 
ATOM   437 S SD  A MET B 1 9  ? 1.005   -11.152 18.853  0.44 17.60  ? 5   MET B SD  1 
ATOM   438 S SD  B MET B 1 9  ? 0.035   -11.483 19.392  0.56 33.05  ? 5   MET B SD  1 
ATOM   439 C CE  A MET B 1 9  ? -0.253  -10.744 20.058  0.44 53.42  ? 5   MET B CE  1 
ATOM   440 C CE  B MET B 1 9  ? 1.039   -10.474 18.294  0.56 15.10  ? 5   MET B CE  1 
ATOM   441 N N   . GLU B 1 10 ? -1.065  -13.895 14.566  1.00 17.16  ? 6   GLU B N   1 
ATOM   442 C CA  . GLU B 1 10 ? -0.420  -14.274 13.307  1.00 16.58  ? 6   GLU B CA  1 
ATOM   443 C C   . GLU B 1 10 ? -1.336  -14.012 12.120  1.00 20.49  ? 6   GLU B C   1 
ATOM   444 O O   . GLU B 1 10 ? -0.887  -13.547 11.066  1.00 17.82  ? 6   GLU B O   1 
ATOM   445 C CB  . GLU B 1 10 ? -0.006  -15.744 13.356  1.00 21.66  ? 6   GLU B CB  1 
ATOM   446 C CG  . GLU B 1 10 ? 1.090   -16.072 14.352  1.00 65.44  ? 6   GLU B CG  1 
ATOM   447 C CD  . GLU B 1 10 ? 2.477   -15.803 13.834  1.00 55.85  ? 6   GLU B CD  1 
ATOM   448 O OE1 . GLU B 1 10 ? 3.443   -16.083 14.582  1.00 70.96  ? 6   GLU B OE1 1 
ATOM   449 O OE2 . GLU B 1 10 ? 2.592   -15.301 12.689  1.00 89.92  ? 6   GLU B OE2 1 
ATOM   450 N N   . GLU B 1 11 ? -2.636  -14.240 12.288  1.00 15.18  ? 7   GLU B N   1 
ATOM   451 C CA  . GLU B 1 11 ? -3.571  -14.020 11.187  1.00 15.65  ? 7   GLU B CA  1 
ATOM   452 C C   . GLU B 1 11 ? -3.714  -12.538 10.880  1.00 19.91  ? 7   GLU B C   1 
ATOM   453 O O   . GLU B 1 11 ? -3.742  -12.162 9.696   1.00 21.46  ? 7   GLU B O   1 
ATOM   454 C CB  . GLU B 1 11 ? -4.942  -14.641 11.499  1.00 20.82  ? 7   GLU B CB  1 
ATOM   455 C CG  . GLU B 1 11 ? -5.007  -16.197 11.537  1.00 41.41  ? 7   GLU B CG  1 
ATOM   456 C CD  . GLU B 1 11 ? -4.653  -16.869 10.190  1.00 74.54  ? 7   GLU B CD  1 
ATOM   457 O OE1 . GLU B 1 11 ? -3.642  -17.598 10.102  1.00 45.48  ? 7   GLU B OE1 1 
ATOM   458 O OE2 . GLU B 1 11 ? -5.418  -16.685 9.213   1.00 75.40  ? 7   GLU B OE2 1 
ATOM   459 N N   . MET B 1 12 ? -3.732  -11.680 11.918  1.00 17.18  ? 8   MET B N   1 
ATOM   460 C CA  . MET B 1 12 ? -3.826  -10.235 11.698  1.00 14.11  ? 8   MET B CA  1 
ATOM   461 C C   . MET B 1 12 ? -2.566  -9.726  11.014  1.00 14.51  ? 8   MET B C   1 
ATOM   462 O O   . MET B 1 12 ? -2.647  -8.914  10.106  1.00 14.83  ? 8   MET B O   1 
ATOM   463 C CB  . MET B 1 12 ? -4.017  -9.595  13.050  1.00 14.81  ? 8   MET B CB  1 
ATOM   464 C CG  . MET B 1 12 ? -5.519  -9.661  13.420  1.00 19.93  ? 8   MET B CG  1 
ATOM   465 S SD  . MET B 1 12 ? -5.974  -8.620  14.814  1.00 21.46  ? 8   MET B SD  1 
ATOM   466 C CE  . MET B 1 12 ? -4.982  -9.365  16.095  1.00 20.93  ? 8   MET B CE  1 
ATOM   467 N N   . ILE B 1 13 ? -1.402  -10.198 11.453  1.00 13.82  ? 9   ILE B N   1 
ATOM   468 C CA  . ILE B 1 13 ? -0.156  -9.772  10.801  1.00 13.59  ? 9   ILE B CA  1 
ATOM   469 C C   . ILE B 1 13 ? -0.146  -10.219 9.345   1.00 15.42  ? 9   ILE B C   1 
ATOM   470 O O   . ILE B 1 13 ? 0.180   -9.435  8.453   1.00 15.23  ? 9   ILE B O   1 
ATOM   471 C CB  . ILE B 1 13 ? 1.086   -10.306 11.537  1.00 13.83  ? 9   ILE B CB  1 
ATOM   472 C CG1 . ILE B 1 13 ? 1.180   -9.676  12.915  1.00 14.06  ? 9   ILE B CG1 1 
ATOM   473 C CG2 . ILE B 1 13 ? 2.365   -9.906  10.707  1.00 14.15  ? 9   ILE B CG2 1 
ATOM   474 C CD1 . ILE B 1 13 ? 2.103   -10.453 13.880  1.00 14.89  ? 9   ILE B CD1 1 
ATOM   475 N N   . GLU B 1 14 ? -0.545  -11.466 9.066   1.00 16.62  ? 10  GLU B N   1 
ATOM   476 C CA  . GLU B 1 14 ? -0.570  -11.919 7.669   1.00 15.18  ? 10  GLU B CA  1 
ATOM   477 C C   . GLU B 1 14 ? -1.579  -11.141 6.838   1.00 19.94  ? 10  GLU B C   1 
ATOM   478 O O   . GLU B 1 14 ? -1.322  -10.871 5.665   1.00 17.60  ? 10  GLU B O   1 
ATOM   479 C CB  . GLU B 1 14 ? -0.891  -13.407 7.578   1.00 17.91  ? 10  GLU B CB  1 
ATOM   480 C CG  . GLU B 1 14 ? 0.241   -14.303 7.989   1.00 31.92  ? 10  GLU B CG  1 
ATOM   481 C CD  . GLU B 1 14 ? -0.115  -15.783 7.924   1.00 76.46  ? 10  GLU B CD  1 
ATOM   482 O OE1 . GLU B 1 14 ? 0.660   -16.591 8.487   1.00 57.61  ? 10  GLU B OE1 1 
ATOM   483 O OE2 . GLU B 1 14 ? -1.171  -16.138 7.342   1.00 51.61  ? 10  GLU B OE2 1 
ATOM   484 N N   . GLN B 1 15 ? -2.714  -10.745 7.414   1.00 15.54  ? 11  GLN B N   1 
ATOM   485 C CA  . GLN B 1 15 ? -3.702  -9.989  6.661   1.00 16.79  ? 11  GLN B CA  1 
ATOM   486 C C   . GLN B 1 15 ? -3.148  -8.615  6.296   1.00 22.46  ? 11  GLN B C   1 
ATOM   487 O O   . GLN B 1 15 ? -3.380  -8.116  5.183   1.00 19.19  ? 11  GLN B O   1 
ATOM   488 C CB  . GLN B 1 15 ? -4.970  -9.854  7.502   1.00 23.86  ? 11  GLN B CB  1 
ATOM   489 C CG  . GLN B 1 15 ? -5.830  -11.083 7.529   1.00 33.16  ? 11  GLN B CG  1 
ATOM   490 C CD  . GLN B 1 15 ? -6.772  -11.088 8.728   1.00 52.96  ? 11  GLN B CD  1 
ATOM   491 O OE1 . GLN B 1 15 ? -6.945  -10.070 9.406   1.00 43.96  ? 11  GLN B OE1 1 
ATOM   492 N NE2 . GLN B 1 15 ? -7.357  -12.250 9.017   1.00 44.62  ? 11  GLN B NE2 1 
ATOM   493 N N   . LEU B 1 16 ? -2.403  -7.989  7.219   1.00 16.58  ? 12  LEU B N   1 
ATOM   494 C CA  . LEU B 1 16 ? -1.795  -6.691  6.930   1.00 15.81  ? 12  LEU B CA  1 
ATOM   495 C C   . LEU B 1 16 ? -0.724  -6.830  5.858   1.00 15.91  ? 12  LEU B C   1 
ATOM   496 O O   . LEU B 1 16 ? -0.630  -6.003  4.949   1.00 14.13  ? 12  LEU B O   1 
ATOM   497 C CB  . LEU B 1 16 ? -1.224  -6.085  8.227   1.00 17.21  ? 12  LEU B CB  1 
ATOM   498 C CG  . LEU B 1 16 ? -2.248  -5.422  9.148   1.00 19.65  ? 12  LEU B CG  1 
ATOM   499 C CD1 . LEU B 1 16 ? -1.605  -5.185  10.490  1.00 30.40  ? 12  LEU B CD1 1 
ATOM   500 C CD2 . LEU B 1 16 ? -2.667  -4.091  8.562   1.00 23.46  ? 12  LEU B CD2 1 
ATOM   501 N N   . GLN B 1 17 ? 0.106   -7.863  5.947   1.00 15.52  ? 13  GLN B N   1 
ATOM   502 C CA  . GLN B 1 17 ? 1.130   -8.063  4.930   1.00 17.35  ? 13  GLN B CA  1 
ATOM   503 C C   . GLN B 1 17 ? 0.506   -8.354  3.565   1.00 17.33  ? 13  GLN B C   1 
ATOM   504 O O   . GLN B 1 17 ? 1.055   -7.941  2.533   1.00 16.43  ? 13  GLN B O   1 
ATOM   505 C CB  . GLN B 1 17 ? 2.095   -9.178  5.380   1.00 15.51  ? 13  GLN B CB  1 
ATOM   506 C CG  . GLN B 1 17 ? 2.880   -8.766  6.598   1.00 14.83  ? 13  GLN B CG  1 
ATOM   507 C CD  . GLN B 1 17 ? 3.672   -9.920  7.191   1.00 17.27  ? 13  GLN B CD  1 
ATOM   508 O OE1 . GLN B 1 17 ? 3.271   -11.098 7.074   1.00 20.61  ? 13  GLN B OE1 1 
ATOM   509 N NE2 . GLN B 1 17 ? 4.742   -9.608  7.882   1.00 19.09  ? 13  GLN B NE2 1 
ATOM   510 N N   . GLU B 1 18 ? -0.652  -9.028  3.534   1.00 15.85  ? 14  GLU B N   1 
ATOM   511 C CA  . GLU B 1 18 ? -1.294  -9.280  2.259   1.00 17.90  ? 14  GLU B CA  1 
ATOM   512 C C   . GLU B 1 18 ? -1.896  -8.000  1.723   1.00 21.85  ? 14  GLU B C   1 
ATOM   513 O O   . GLU B 1 18 ? -1.881  -7.772  0.502   1.00 18.76  ? 14  GLU B O   1 
ATOM   514 C CB  . GLU B 1 18 ? -2.343  -10.380 2.401   1.00 19.54  ? 14  GLU B CB  1 
ATOM   515 C CG  . GLU B 1 18 ? -3.122  -10.695 1.116   1.00 71.53  ? 14  GLU B CG  1 
ATOM   516 C CD  . GLU B 1 18 ? -2.244  -10.841 -0.123  1.00 72.30  ? 14  GLU B CD  1 
ATOM   517 O OE1 . GLU B 1 18 ? -1.241  -11.583 -0.077  1.00 55.31  ? 14  GLU B OE1 1 
ATOM   518 O OE2 . GLU B 1 18 ? -2.577  -10.221 -1.157  1.00 50.86  ? 14  GLU B OE2 1 
ATOM   519 N N   . LYS B 1 19 ? -2.394  -7.128  2.612   1.00 17.42  ? 15  LYS B N   1 
ATOM   520 C CA  . LYS B 1 19 ? -2.863  -5.815  2.183   1.00 16.54  ? 15  LYS B CA  1 
ATOM   521 C C   . LYS B 1 19 ? -1.755  -4.994  1.557   1.00 15.05  ? 15  LYS B C   1 
ATOM   522 O O   . LYS B 1 19 ? -1.988  -4.292  0.562   1.00 17.14  ? 15  LYS B O   1 
ATOM   523 C CB  . LYS B 1 19 ? -3.482  -5.084  3.363   1.00 18.48  ? 15  LYS B CB  1 
ATOM   524 C CG  . LYS B 1 19 ? -4.512  -4.072  2.985   1.00 30.50  ? 15  LYS B CG  1 
ATOM   525 C CD  . LYS B 1 19 ? -5.117  -3.486  4.257   1.00 36.14  ? 15  LYS B CD  1 
ATOM   526 C CE  . LYS B 1 19 ? -6.222  -2.467  3.969   1.00 46.50  ? 15  LYS B CE  1 
ATOM   527 N NZ  . LYS B 1 19 ? -6.224  -1.336  4.943   1.00 52.56  ? 15  LYS B NZ  1 
ATOM   528 N N   . VAL B 1 20 ? -0.557  -5.036  2.136   1.00 15.25  ? 16  VAL B N   1 
ATOM   529 C CA  . VAL B 1 20 ? 0.578   -4.341  1.527   1.00 15.68  ? 16  VAL B CA  1 
ATOM   530 C C   . VAL B 1 20 ? 0.802   -4.864  0.111   1.00 18.56  ? 16  VAL B C   1 
ATOM   531 O O   . VAL B 1 20 ? 0.906   -4.090  -0.838  1.00 16.33  ? 16  VAL B O   1 
ATOM   532 C CB  . VAL B 1 20 ? 1.849   -4.522  2.395   1.00 18.33  ? 16  VAL B CB  1 
ATOM   533 C CG1 . VAL B 1 20 ? 3.111   -4.058  1.685   1.00 16.38  ? 16  VAL B CG1 1 
ATOM   534 C CG2 . VAL B 1 20 ? 1.748   -3.782  3.705   1.00 17.44  ? 16  VAL B CG2 1 
ATOM   535 N N   . HIS B 1 21 ? 0.887   -6.185  -0.041  1.00 14.61  ? 17  HIS B N   1 
ATOM   536 C CA  . HIS B 1 21 ? 1.108   -6.790  -1.351  1.00 18.13  ? 17  HIS B CA  1 
ATOM   537 C C   . HIS B 1 21 ? 0.021   -6.364  -2.325  1.00 16.98  ? 17  HIS B C   1 
ATOM   538 O O   . HIS B 1 21 ? 0.311   -6.027  -3.475  1.00 17.58  ? 17  HIS B O   1 
ATOM   539 C CB  . HIS B 1 21 ? 1.157   -8.320  -1.225  1.00 21.27  ? 17  HIS B CB  1 
ATOM   540 C CG  . HIS B 1 21 ? 2.471   -8.809  -0.728  1.00 38.53  ? 17  HIS B CG  1 
ATOM   541 N ND1 . HIS B 1 21 ? 2.584   -9.782  0.245   1.00 65.79  ? 17  HIS B ND1 1 
ATOM   542 C CD2 . HIS B 1 21 ? 3.734   -8.409  -1.013  1.00 38.96  ? 17  HIS B CD2 1 
ATOM   543 C CE1 . HIS B 1 21 ? 3.862   -9.981  0.516   1.00 36.68  ? 17  HIS B CE1 1 
ATOM   544 N NE2 . HIS B 1 21 ? 4.580   -9.164  -0.234  1.00 46.81  ? 17  HIS B NE2 1 
ATOM   545 N N   . GLU B 1 22 ? -1.240  -6.387  -1.897  1.00 16.01  ? 18  GLU B N   1 
ATOM   546 C CA  . GLU B 1 22 ? -2.323  -6.021  -2.805  1.00 15.47  ? 18  GLU B CA  1 
ATOM   547 C C   . GLU B 1 22 ? -2.219  -4.557  -3.223  1.00 17.53  ? 18  GLU B C   1 
ATOM   548 O O   . GLU B 1 22 ? -2.461  -4.207  -4.397  1.00 14.64  ? 18  GLU B O   1 
ATOM   549 C CB  . GLU B 1 22 ? -3.680  -6.294  -2.124  1.00 18.49  ? 18  GLU B CB  1 
ATOM   550 C CG  . GLU B 1 22 ? -4.905  -5.830  -2.915  1.00 19.46  ? 18  GLU B CG  1 
ATOM   551 C CD  . GLU B 1 22 ? -5.054  -6.608  -4.203  1.00 31.15  ? 18  GLU B CD  1 
ATOM   552 O OE1 . GLU B 1 22 ? -4.495  -7.722  -4.287  1.00 43.56  ? 18  GLU B OE1 1 
ATOM   553 O OE2 . GLU B 1 22 ? -5.722  -6.113  -5.135  1.00 29.62  ? 18  GLU B OE2 1 
ATOM   554 N N   . LEU B 1 23 ? -1.936  -3.659  -2.259  1.00 13.54  ? 19  LEU B N   1 
ATOM   555 C CA  . LEU B 1 23 ? -1.786  -2.251  -2.598  1.00 13.88  ? 19  LEU B CA  1 
ATOM   556 C C   . LEU B 1 23 ? -0.588  -2.026  -3.511  1.00 13.92  ? 19  LEU B C   1 
ATOM   557 O O   . LEU B 1 23 ? -0.670  -1.235  -4.459  1.00 15.12  ? 19  LEU B O   1 
ATOM   558 C CB  . LEU B 1 23 ? -1.689  -1.381  -1.337  1.00 16.63  ? 19  LEU B CB  1 
ATOM   559 C CG  . LEU B 1 23 ? -3.030  -1.131  -0.644  1.00 16.49  ? 19  LEU B CG  1 
ATOM   560 C CD1 . LEU B 1 23 ? -2.851  -0.707  0.799   1.00 21.98  ? 19  LEU B CD1 1 
ATOM   561 C CD2 . LEU B 1 23 ? -3.876  -0.121  -1.395  1.00 22.09  ? 19  LEU B CD2 1 
ATOM   562 N N   . GLU B 1 24 ? 0.514   -2.730  -3.268  1.00 15.32  ? 20  GLU B N   1 
ATOM   563 C CA  . GLU B 1 24 ? 1.649   -2.617  -4.185  1.00 16.80  ? 20  GLU B CA  1 
ATOM   564 C C   . GLU B 1 24 ? 1.249   -3.051  -5.596  1.00 15.11  ? 20  GLU B C   1 
ATOM   565 O O   . GLU B 1 24 ? 1.584   -2.360  -6.572  1.00 16.32  ? 20  GLU B O   1 
ATOM   566 C CB  . GLU B 1 24 ? 2.846   -3.434  -3.669  1.00 17.09  ? 20  GLU B CB  1 
ATOM   567 C CG  . GLU B 1 24 ? 3.422   -2.831  -2.423  1.00 17.18  ? 20  GLU B CG  1 
ATOM   568 C CD  . GLU B 1 24 ? 4.492   -3.645  -1.755  1.00 32.52  ? 20  GLU B CD  1 
ATOM   569 O OE1 . GLU B 1 24 ? 4.422   -4.896  -1.818  1.00 33.82  ? 20  GLU B OE1 1 
ATOM   570 O OE2 . GLU B 1 24 ? 5.348   -3.014  -1.083  1.00 32.43  ? 20  GLU B OE2 1 
ATOM   571 N N   . ARG B 1 25 ? 0.485   -4.150  -5.719  1.00 14.28  ? 21  ARG B N   1 
ATOM   572 C CA  . ARG B 1 25 ? 0.049   -4.603  -7.037  1.00 14.89  ? 21  ARG B CA  1 
ATOM   573 C C   . ARG B 1 25 ? -0.837  -3.569  -7.689  1.00 19.05  ? 21  ARG B C   1 
ATOM   574 O O   . ARG B 1 25 ? -0.627  -3.219  -8.846  1.00 18.16  ? 21  ARG B O   1 
ATOM   575 C CB  . ARG B 1 25 ? -0.661  -5.957  -6.975  1.00 19.51  ? 21  ARG B CB  1 
ATOM   576 C CG  . ARG B 1 25 ? 0.273   -7.087  -6.606  1.00 27.34  ? 21  ARG B CG  1 
ATOM   577 C CD  . ARG B 1 25 ? -0.381  -8.433  -6.837  1.00 48.50  ? 21  ARG B CD  1 
ATOM   578 N NE  . ARG B 1 25 ? -1.490  -8.597  -5.914  1.00 34.40  ? 21  ARG B NE  1 
ATOM   579 C CZ  . ARG B 1 25 ? -1.358  -9.249  -4.763  1.00 59.66  ? 21  ARG B CZ  1 
ATOM   580 N NH1 . ARG B 1 25 ? -2.386  -9.365  -3.941  1.00 25.83  ? 21  ARG B NH1 1 
ATOM   581 N NH2 . ARG B 1 25 ? -0.177  -9.776  -4.430  1.00 35.94  ? 21  ARG B NH2 1 
ATOM   582 N N   . GLN B 1 26 ? -1.819  -3.059  -6.945  1.00 13.46  ? 22  GLN B N   1 
ATOM   583 C CA  . GLN B 1 26 ? -2.749  -2.071  -7.473  1.00 17.51  ? 22  GLN B CA  1 
ATOM   584 C C   . GLN B 1 26 ? -2.042  -0.810  -7.899  1.00 15.40  ? 22  GLN B C   1 
ATOM   585 O O   . GLN B 1 26 ? -2.392  -0.216  -8.944  1.00 14.52  ? 22  GLN B O   1 
ATOM   586 C CB  . GLN B 1 26 ? -3.801  -1.758  -6.416  1.00 16.43  ? 22  GLN B CB  1 
ATOM   587 C CG  . GLN B 1 26 ? -4.872  -2.820  -6.335  1.00 19.50  ? 22  GLN B CG  1 
ATOM   588 C CD  . GLN B 1 26 ? -5.925  -2.495  -5.316  1.00 33.73  ? 22  GLN B CD  1 
ATOM   589 O OE1 . GLN B 1 26 ? -6.407  -1.357  -5.241  1.00 36.20  ? 22  GLN B OE1 1 
ATOM   590 N NE2 . GLN B 1 26 ? -6.338  -3.507  -4.558  1.00 27.28  ? 22  GLN B NE2 1 
ATOM   591 N N   . ASN B 1 27 ? -1.059  -0.361  -7.114  1.00 12.88  ? 23  ASN B N   1 
ATOM   592 C CA  . ASN B 1 27 ? -0.369  0.874   -7.470  1.00 12.20  ? 23  ASN B CA  1 
ATOM   593 C C   . ASN B 1 27 ? 0.499   0.690   -8.706  1.00 16.07  ? 23  ASN B C   1 
ATOM   594 O O   . ASN B 1 27 ? 0.628   1.629   -9.507  1.00 15.84  ? 23  ASN B O   1 
ATOM   595 C CB  . ASN B 1 27 ? 0.468   1.380   -6.290  1.00 14.73  ? 23  ASN B CB  1 
ATOM   596 C CG  . ASN B 1 27 ? -0.390  1.911   -5.133  1.00 21.86  ? 23  ASN B CG  1 
ATOM   597 O OD1 . ASN B 1 27 ? -1.608  2.089   -5.248  1.00 17.79  ? 23  ASN B OD1 1 
ATOM   598 N ND2 . ASN B 1 27 ? 0.256   2.207   -4.012  1.00 19.61  ? 23  ASN B ND2 1 
ATOM   599 N N   . GLU B 1 28 ? 1.082   -0.511  -8.883  1.00 15.00  ? 24  GLU B N   1 
ATOM   600 C CA  . GLU B 1 28 ? 1.855   -0.827  -10.095 1.00 16.41  ? 24  GLU B CA  1 
ATOM   601 C C   . GLU B 1 28 ? 0.964   -0.706  -11.313 1.00 16.98  ? 24  GLU B C   1 
ATOM   602 O O   . GLU B 1 28 ? 1.334   -0.091  -12.316 1.00 16.99  ? 24  GLU B O   1 
ATOM   603 C CB  . GLU B 1 28 ? 2.434   -2.243  -9.984  1.00 18.96  ? 24  GLU B CB  1 
ATOM   604 C CG  . GLU B 1 28 ? 3.757   -2.351  -9.265  1.00 51.36  ? 24  GLU B CG  1 
ATOM   605 C CD  . GLU B 1 28 ? 4.690   -1.238  -9.622  1.00 81.16  ? 24  GLU B CD  1 
ATOM   606 O OE1 . GLU B 1 28 ? 5.024   -1.167  -10.823 1.00 35.89  ? 24  GLU B OE1 1 
ATOM   607 O OE2 . GLU B 1 28 ? 5.046   -0.426  -8.742  1.00 44.22  ? 24  GLU B OE2 1 
ATOM   608 N N   . VAL B 1 29 ? -0.266  -1.200  -11.210 1.00 14.37  ? 25  VAL B N   1 
ATOM   609 C CA  . VAL B 1 29 ? -1.183  -1.155  -12.348 1.00 15.52  ? 25  VAL B CA  1 
ATOM   610 C C   . VAL B 1 29 ? -1.514  0.274   -12.686 1.00 14.95  ? 25  VAL B C   1 
ATOM   611 O O   . VAL B 1 29 ? -1.493  0.632   -13.860 1.00 14.16  ? 25  VAL B O   1 
ATOM   612 C CB  . VAL B 1 29 ? -2.471  -1.940  -12.069 1.00 16.26  ? 25  VAL B CB  1 
ATOM   613 C CG1 . VAL B 1 29 ? -3.601  -1.600  -13.125 1.00 16.75  ? 25  VAL B CG1 1 
ATOM   614 C CG2 . VAL B 1 29 ? -2.170  -3.435  -12.030 1.00 20.64  ? 25  VAL B CG2 1 
ATOM   615 N N   . LEU B 1 30 ? -1.847  1.102   -11.680 1.00 14.70  ? 26  LEU B N   1 
ATOM   616 C CA  . LEU B 1 30 ? -2.224  2.492   -11.958 1.00 14.18  ? 26  LEU B CA  1 
ATOM   617 C C   . LEU B 1 30 ? -1.065  3.262   -12.558 1.00 14.06  ? 26  LEU B C   1 
ATOM   618 O O   . LEU B 1 30 ? -1.248  4.002   -13.546 1.00 12.69  ? 26  LEU B O   1 
ATOM   619 C CB  . LEU B 1 30 ? -2.754  3.169   -10.672 1.00 14.26  ? 26  LEU B CB  1 
ATOM   620 C CG  . LEU B 1 30 ? -3.995  2.505   -10.104 1.00 14.61  ? 26  LEU B CG  1 
ATOM   621 C CD1 . LEU B 1 30 ? -4.479  3.253   -8.860  1.00 22.76  ? 26  LEU B CD1 1 
ATOM   622 C CD2 . LEU B 1 30 ? -5.131  2.454   -11.133 1.00 17.99  ? 26  LEU B CD2 1 
ATOM   623 N N   . LYS B 1 31 ? 0.124   3.112   -11.984 1.00 13.36  ? 27  LYS B N   1 
ATOM   624 C CA  . LYS B 1 31 ? 1.317   3.759   -12.535 1.00 12.23  ? 27  LYS B CA  1 
ATOM   625 C C   . LYS B 1 31 ? 1.542   3.336   -13.966 1.00 14.56  ? 27  LYS B C   1 
ATOM   626 O O   . LYS B 1 31 ? 1.823   4.172   -14.833 1.00 15.08  ? 27  LYS B O   1 
ATOM   627 C CB  . LYS B 1 31 ? 2.541   3.392   -11.696 1.00 16.24  ? 27  LYS B CB  1 
ATOM   628 C CG  . LYS B 1 31 ? 3.851   3.800   -12.291 1.00 41.52  ? 27  LYS B CG  1 
ATOM   629 C CD  . LYS B 1 31 ? 5.000   3.344   -11.407 1.00 69.62  ? 27  LYS B CD  1 
ATOM   630 C CE  . LYS B 1 31 ? 4.941   1.849   -11.157 1.00 66.63  ? 27  LYS B CE  1 
ATOM   631 N NZ  . LYS B 1 31 ? 5.329   1.044   -12.364 1.00 36.74  ? 27  LYS B NZ  1 
ATOM   632 N N   . ASN B 1 32 ? 1.337   2.043   -14.265 1.00 13.83  ? 28  ASN B N   1 
ATOM   633 C CA  . ASN B 1 32 ? 1.619   1.589   -15.624 1.00 13.48  ? 28  ASN B CA  1 
ATOM   634 C C   . ASN B 1 32 ? 0.552   2.056   -16.608 1.00 15.29  ? 28  ASN B C   1 
ATOM   635 O O   . ASN B 1 32 ? 0.851   2.314   -17.775 1.00 14.85  ? 28  ASN B O   1 
ATOM   636 C CB  . ASN B 1 32 ? 1.779   0.080   -15.626 1.00 15.23  ? 28  ASN B CB  1 
ATOM   637 C CG  . ASN B 1 32 ? 3.124   -0.331  -15.048 1.00 21.35  ? 28  ASN B CG  1 
ATOM   638 O OD1 . ASN B 1 32 ? 4.031   0.500   -14.977 1.00 24.31  ? 28  ASN B OD1 1 
ATOM   639 N ND2 . ASN B 1 32 ? 3.230   -1.558  -14.558 1.00 25.82  ? 28  ASN B ND2 1 
ATOM   640 N N   . ARG B 1 33 ? -0.689  2.256   -16.146 1.00 12.60  ? 29  ARG B N   1 
ATOM   641 C CA  . ARG B 1 33 ? -1.711  2.857   -16.995 1.00 14.19  ? 29  ARG B CA  1 
ATOM   642 C C   . ARG B 1 33 ? -1.317  4.289   -17.359 1.00 13.76  ? 29  ARG B C   1 
ATOM   643 O O   . ARG B 1 33 ? -1.494  4.719   -18.503 1.00 11.95  ? 29  ARG B O   1 
ATOM   644 C CB  . ARG B 1 33 ? -3.084  2.814   -16.287 1.00 12.95  ? 29  ARG B CB  1 
ATOM   645 C CG  . ARG B 1 33 ? -3.699  1.477   -16.201 1.00 14.06  ? 29  ARG B CG  1 
ATOM   646 C CD  . ARG B 1 33 ? -5.109  1.522   -15.594 1.00 16.05  ? 29  ARG B CD  1 
ATOM   647 N NE  . ARG B 1 33 ? -5.557  0.157   -15.402 1.00 17.27  ? 29  ARG B NE  1 
ATOM   648 C CZ  . ARG B 1 33 ? -6.591  -0.218  -14.640 1.00 19.18  ? 29  ARG B CZ  1 
ATOM   649 N NH1 . ARG B 1 33 ? -7.288  0.722   -14.017 1.00 22.14  ? 29  ARG B NH1 1 
ATOM   650 N NH2 . ARG B 1 33 ? -6.911  -1.509  -14.501 1.00 22.28  ? 29  ARG B NH2 1 
ATOM   651 N N   . LEU B 1 34 ? -0.840  5.051   -16.379 1.00 12.60  ? 30  LEU B N   1 
ATOM   652 C CA  . LEU B 1 34 ? -0.416  6.432   -16.642 1.00 10.50  ? 30  LEU B CA  1 
ATOM   653 C C   . LEU B 1 34 ? 0.750   6.447   -17.629 1.00 10.63  ? 30  LEU B C   1 
ATOM   654 O O   . LEU B 1 34 ? 0.729   7.240   -18.590 1.00 11.61  ? 30  LEU B O   1 
ATOM   655 C CB  . LEU B 1 34 ? -0.056  7.157   -15.321 1.00 14.21  ? 30  LEU B CB  1 
ATOM   656 C CG  . LEU B 1 34 ? -1.255  7.512   -14.458 1.00 13.29  ? 30  LEU B CG  1 
ATOM   657 C CD1 . LEU B 1 34 ? -0.878  7.706   -12.979 1.00 19.71  ? 30  LEU B CD1 1 
ATOM   658 C CD2 . LEU B 1 34 ? -1.930  8.793   -14.928 1.00 19.55  ? 30  LEU B CD2 1 
ATOM   659 N N   . ILE B 1 35 ? 1.777   5.593   -17.421 1.00 11.78  ? 31  ILE B N   1 
ATOM   660 C CA  . ILE B 1 35 ? 2.911   5.475   -18.345 1.00 11.89  ? 31  ILE B CA  1 
ATOM   661 C C   . ILE B 1 35 ? 2.433   5.139   -19.747 1.00 13.45  ? 31  ILE B C   1 
ATOM   662 O O   . ILE B 1 35 ? 2.903   5.726   -20.728 1.00 13.24  ? 31  ILE B O   1 
ATOM   663 C CB  . ILE B 1 35 ? 3.930   4.434   -17.870 1.00 11.44  ? 31  ILE B CB  1 
ATOM   664 C CG1 . ILE B 1 35 ? 4.657   4.944   -16.610 1.00 14.52  ? 31  ILE B CG1 1 
ATOM   665 C CG2 . ILE B 1 35 ? 4.922   4.143   -18.972 1.00 18.08  ? 31  ILE B CG2 1 
ATOM   666 C CD1 . ILE B 1 35 ? 5.420   3.872   -15.816 1.00 18.30  ? 31  ILE B CD1 1 
ATOM   667 N N   . SER B 1 36 ? 1.480   4.192   -19.860 1.00 11.61  ? 32  SER B N   1 
ATOM   668 C CA  . SER B 1 36 ? 0.970   3.787   -21.165 1.00 12.40  ? 32  SER B CA  1 
ATOM   669 C C   . SER B 1 36 ? 0.330   4.955   -21.873 1.00 12.80  ? 32  SER B C   1 
ATOM   670 O O   . SER B 1 36 ? 0.498   5.139   -23.083 1.00 14.64  ? 32  SER B O   1 
ATOM   671 C CB  . SER B 1 36 ? -0.047  2.666   -20.979 1.00 15.76  ? 32  SER B CB  1 
ATOM   672 O OG  . SER B 1 36 ? -0.437  2.133   -22.235 1.00 22.57  ? 32  SER B OG  1 
ATOM   673 N N   . ALA B 1 37 ? -0.470  5.738   -21.152 1.00 11.22  ? 33  ALA B N   1 
ATOM   674 C CA  . ALA B 1 37 ? -1.090  6.861   -21.817 1.00 10.90  ? 33  ALA B CA  1 
ATOM   675 C C   . ALA B 1 37 ? -0.057  7.900   -22.265 1.00 11.69  ? 33  ALA B C   1 
ATOM   676 O O   . ALA B 1 37 ? -0.170  8.442   -23.370 1.00 12.28  ? 33  ALA B O   1 
ATOM   677 C CB  . ALA B 1 37 ? -2.156  7.427   -20.870 1.00 11.23  ? 33  ALA B CB  1 
ATOM   678 N N   . LYS B 1 38 ? 0.932   8.208   -21.431 1.00 11.34  ? 34  LYS B N   1 
ATOM   679 C CA  . LYS B 1 38 ? 1.990   9.130   -21.853 1.00 10.09  ? 34  LYS B CA  1 
ATOM   680 C C   . LYS B 1 38 ? 2.699   8.603   -23.083 1.00 12.09  ? 34  LYS B C   1 
ATOM   681 O O   . LYS B 1 38 ? 3.002   9.377   -23.999 1.00 14.12  ? 34  LYS B O   1 
ATOM   682 C CB  . LYS B 1 38 ? 2.975   9.301   -20.717 1.00 12.27  ? 34  LYS B CB  1 
ATOM   683 C CG  . LYS B 1 38 ? 2.465   10.189  -19.666 1.00 17.83  ? 34  LYS B CG  1 
ATOM   684 C CD  . LYS B 1 38 ? 3.490   10.220  -18.556 1.00 24.78  ? 34  LYS B CD  1 
ATOM   685 C CE  . LYS B 1 38 ? 3.587   11.594  -17.983 1.00 31.28  ? 34  LYS B CE  1 
ATOM   686 N NZ  . LYS B 1 38 ? 4.618   11.580  -16.893 1.00 25.32  ? 34  LYS B NZ  1 
ATOM   687 N N   . GLN B 1 39 ? 2.999   7.305   -23.124 1.00 12.32  ? 35  GLN B N   1 
ATOM   688 C CA  . GLN B 1 39 ? 3.654   6.730   -24.294 1.00 13.08  ? 35  GLN B CA  1 
ATOM   689 C C   . GLN B 1 39 ? 2.788   6.899   -25.530 1.00 14.97  ? 35  GLN B C   1 
ATOM   690 O O   . GLN B 1 39 ? 3.301   7.210   -26.609 1.00 16.54  ? 35  GLN B O   1 
ATOM   691 C CB  . GLN B 1 39 ? 3.977   5.240   -24.085 1.00 14.23  ? 35  GLN B CB  1 
ATOM   692 C CG  . GLN B 1 39 ? 4.996   4.716   -25.141 1.00 14.99  ? 35  GLN B CG  1 
ATOM   693 C CD  . GLN B 1 39 ? 6.375   5.398   -25.061 1.00 15.69  ? 35  GLN B CD  1 
ATOM   694 O OE1 . GLN B 1 39 ? 7.026   5.320   -24.020 1.00 19.66  ? 35  GLN B OE1 1 
ATOM   695 N NE2 . GLN B 1 39 ? 6.821   6.026   -26.143 1.00 18.86  ? 35  GLN B NE2 1 
ATOM   696 N N   . GLN B 1 40 ? 1.472   6.702   -25.394 1.00 13.28  ? 36  GLN B N   1 
ATOM   697 C CA  . GLN B 1 40 ? 0.570   6.861   -26.537 1.00 14.55  ? 36  GLN B CA  1 
ATOM   698 C C   . GLN B 1 40 ? 0.559   8.301   -27.017 1.00 14.61  ? 36  GLN B C   1 
ATOM   699 O O   . GLN B 1 40 ? 0.450   8.552   -28.221 1.00 15.65  ? 36  GLN B O   1 
ATOM   700 C CB  . GLN B 1 40 ? -0.836  6.405   -26.176 1.00 13.73  ? 36  GLN B CB  1 
ATOM   701 C CG  . GLN B 1 40 ? -1.849  6.380   -27.340 1.00 22.74  ? 36  GLN B CG  1 
ATOM   702 C CD  . GLN B 1 40 ? -1.423  5.514   -28.504 1.00 55.84  ? 36  GLN B CD  1 
ATOM   703 O OE1 . GLN B 1 40 ? -0.939  4.391   -28.321 1.00 33.68  ? 36  GLN B OE1 1 
ATOM   704 N NE2 . GLN B 1 40 ? -1.634  6.015   -29.715 1.00 29.86  ? 36  GLN B NE2 1 
ATOM   705 N N   . LEU B 1 41 ? 0.652   9.262   -26.086 1.00 12.37  ? 37  LEU B N   1 
ATOM   706 C CA  . LEU B 1 41 ? 0.729   10.675  -26.469 1.00 15.59  ? 37  LEU B CA  1 
ATOM   707 C C   . LEU B 1 41 ? 2.006   10.987  -27.251 1.00 18.13  ? 37  LEU B C   1 
ATOM   708 O O   . LEU B 1 41 ? 2.040   11.991  -27.980 1.00 21.51  ? 37  LEU B O   1 
ATOM   709 C CB  . LEU B 1 41 ? 0.584   11.522  -25.199 1.00 13.80  ? 37  LEU B CB  1 
ATOM   710 C CG  . LEU B 1 41 ? -0.830  11.563  -24.649 1.00 14.79  ? 37  LEU B CG  1 
ATOM   711 C CD1 . LEU B 1 41 ? -0.899  12.001  -23.172 1.00 18.75  ? 37  LEU B CD1 1 
ATOM   712 C CD2 . LEU B 1 41 ? -1.687  12.487  -25.553 1.00 18.29  ? 37  LEU B CD2 1 
ATOM   713 N N   . GLN B 1 42 ? 3.007   10.088  -27.213 1.00 17.12  ? 38  GLN B N   1 
ATOM   714 C CA  . GLN B 1 42 ? 4.254   10.259  -27.978 1.00 18.57  ? 38  GLN B CA  1 
ATOM   715 C C   . GLN B 1 42 ? 4.183   9.661   -29.376 1.00 21.99  ? 38  GLN B C   1 
ATOM   716 O O   . GLN B 1 42 ? 5.139   9.831   -30.152 1.00 32.52  ? 38  GLN B O   1 
ATOM   717 C CB  . GLN B 1 42 ? 5.435   9.630   -27.243 1.00 22.93  ? 38  GLN B CB  1 
ATOM   718 C CG  . GLN B 1 42 ? 5.681   10.179  -25.884 1.00 25.76  ? 38  GLN B CG  1 
ATOM   719 C CD  . GLN B 1 42 ? 5.826   11.657  -25.879 1.00 37.11  ? 38  GLN B CD  1 
ATOM   720 O OE1 . GLN B 1 42 ? 6.810   12.195  -26.398 1.00 26.56  ? 38  GLN B OE1 1 
ATOM   721 N NE2 . GLN B 1 42 ? 4.856   12.346  -25.283 1.00 46.56  ? 38  GLN B NE2 1 
ATOM   722 N N   . VAL B 1 43 ? 3.100   8.977   -29.725 1.00 22.51  ? 39  VAL B N   1 
ATOM   723 C CA  . VAL B 1 43 ? 2.982   8.394   -31.051 1.00 28.88  ? 39  VAL B CA  1 
ATOM   724 C C   . VAL B 1 43 ? 2.989   9.519   -32.075 1.00 63.52  ? 39  VAL B C   1 
ATOM   725 O O   . VAL B 1 43 ? 2.124   10.406  -32.054 1.00 53.45  ? 39  VAL B O   1 
ATOM   726 C CB  . VAL B 1 43 ? 1.724   7.531   -31.140 1.00 34.21  ? 39  VAL B CB  1 
ATOM   727 C CG1 . VAL B 1 43 ? 1.401   7.215   -32.602 1.00 37.87  ? 39  VAL B CG1 1 
ATOM   728 C CG2 . VAL B 1 43 ? 1.915   6.239   -30.358 1.00 28.84  ? 39  VAL B CG2 1 
ATOM   729 N N   . GLN B 1 44 ? 3.989   9.503   -32.953 1.00 65.97  ? 40  GLN B N   1 
ATOM   730 C CA  . GLN B 1 44 ? 4.147   10.522  -33.979 1.00 79.37  ? 40  GLN B CA  1 
ATOM   731 C C   . GLN B 1 44 ? 3.875   9.930   -35.358 1.00 61.15  ? 40  GLN B C   1 
ATOM   732 O O   . GLN B 1 44 ? 2.729   9.624   -35.691 1.00 56.53  ? 40  GLN B O   1 
ATOM   733 C CB  . GLN B 1 44 ? 5.552   11.123  -33.917 1.00 48.67  ? 40  GLN B CB  1 
HETATM 734 O O   . HOH C 2 .  ? 0.112   1.129   15.962  1.00 39.02  ? 101 HOH A O   1 
HETATM 735 O O   . HOH C 2 .  ? -3.844  -3.347  12.097  1.00 48.29  ? 102 HOH A O   1 
HETATM 736 O O   . HOH C 2 .  ? 2.585   -2.279  24.781  1.00 32.60  ? 103 HOH A O   1 
HETATM 737 O O   . HOH C 2 .  ? 0.780   3.316   12.422  1.00 41.80  ? 104 HOH A O   1 
HETATM 738 O O   . HOH C 2 .  ? 14.512  -3.218  17.846  1.00 33.04  ? 105 HOH A O   1 
HETATM 739 O O   . HOH C 2 .  ? -4.298  16.127  -16.134 1.00 30.79  ? 106 HOH A O   1 
HETATM 740 O O   . HOH C 2 .  ? 14.520  -8.853  19.711  1.00 24.63  ? 107 HOH A O   1 
HETATM 741 O O   . HOH C 2 .  ? -13.712 17.729  -19.034 1.00 36.48  ? 108 HOH A O   1 
HETATM 742 O O   . HOH C 2 .  ? 8.411   -6.655  33.476  1.00 37.37  ? 109 HOH A O   1 
HETATM 743 O O   . HOH C 2 .  ? -15.028 15.887  -17.549 1.00 21.82  ? 110 HOH A O   1 
HETATM 744 O O   . HOH C 2 .  ? -4.329  13.661  -5.148  1.00 34.26  ? 111 HOH A O   1 
HETATM 745 O O   . HOH C 2 .  ? -17.430 16.869  -25.627 1.00 36.95  ? 112 HOH A O   1 
HETATM 746 O O   . HOH C 2 .  ? -12.272 13.823  -25.902 1.00 45.64  ? 113 HOH A O   1 
HETATM 747 O O   . HOH C 2 .  ? -2.741  0.461   8.567   1.00 36.24  ? 114 HOH A O   1 
HETATM 748 O O   . HOH C 2 .  ? 12.731  -2.575  29.777  1.00 22.75  ? 115 HOH A O   1 
HETATM 749 O O   . HOH C 2 .  ? 0.979   8.659   8.763   1.00 48.43  ? 116 HOH A O   1 
HETATM 750 O O   . HOH C 2 .  ? 5.348   6.685   6.053   1.00 43.97  ? 117 HOH A O   1 
HETATM 751 O O   . HOH C 2 .  ? -2.819  13.133  -7.615  1.00 25.26  ? 118 HOH A O   1 
HETATM 752 O O   . HOH C 2 .  ? 7.189   -4.102  10.708  1.00 35.27  ? 119 HOH A O   1 
HETATM 753 O O   . HOH C 2 .  ? 4.834   5.897   27.361  1.00 35.60  ? 120 HOH A O   1 
HETATM 754 O O   . HOH C 2 .  ? 6.420   1.983   7.537   1.00 33.63  ? 121 HOH A O   1 
HETATM 755 O O   . HOH C 2 .  ? -8.972  7.103   -11.002 1.00 23.18  ? 122 HOH A O   1 
HETATM 756 O O   . HOH C 2 .  ? 5.384   3.292   -0.160  1.00 47.43  ? 123 HOH A O   1 
HETATM 757 O O   . HOH C 2 .  ? -2.614  13.604  -14.628 1.00 25.40  ? 124 HOH A O   1 
HETATM 758 O O   . HOH C 2 .  ? 4.028   -4.383  25.165  1.00 26.55  ? 125 HOH A O   1 
HETATM 759 O O   . HOH C 2 .  ? -7.975  14.773  -9.651  1.00 29.37  ? 126 HOH A O   1 
HETATM 760 O O   . HOH C 2 .  ? -10.571 4.011   -14.036 1.00 49.67  ? 127 HOH A O   1 
HETATM 761 O O   . HOH C 2 .  ? -1.283  12.623  -0.559  1.00 50.65  ? 128 HOH A O   1 
HETATM 762 O O   . HOH C 2 .  ? -3.307  10.833  -0.930  1.00 40.79  ? 129 HOH A O   1 
HETATM 763 O O   . HOH C 2 .  ? -10.542 7.219   -13.126 1.00 31.88  ? 130 HOH A O   1 
HETATM 764 O O   . HOH C 2 .  ? 8.199   -9.926  24.479  1.00 36.63  ? 131 HOH A O   1 
HETATM 765 O O   . HOH C 2 .  ? 5.035   -5.683  4.360   1.00 34.69  ? 132 HOH A O   1 
HETATM 766 O O   . HOH C 2 .  ? 6.889   -1.792  33.946  1.00 44.87  ? 133 HOH A O   1 
HETATM 767 O O   . HOH C 2 .  ? -9.607  14.189  -8.108  1.00 44.28  ? 134 HOH A O   1 
HETATM 768 O O   . HOH C 2 .  ? 3.987   0.265   31.039  1.00 44.88  ? 135 HOH A O   1 
HETATM 769 O O   . HOH C 2 .  ? 1.976   7.868   -5.724  1.00 34.16  ? 136 HOH A O   1 
HETATM 770 O O   . HOH C 2 .  ? 2.530   -4.836  27.534  1.00 27.90  ? 137 HOH A O   1 
HETATM 771 O O   . HOH C 2 .  ? 1.147   8.188   11.486  1.00 40.01  ? 138 HOH A O   1 
HETATM 772 O O   . HOH C 2 .  ? -12.684 16.263  -9.749  1.00 42.57  ? 139 HOH A O   1 
HETATM 773 O O   . HOH C 2 .  ? 0.413   14.407  -2.516  1.00 47.29  ? 140 HOH A O   1 
HETATM 774 O O   . HOH C 2 .  ? -5.863  7.659   1.680   1.00 44.24  ? 141 HOH A O   1 
HETATM 775 O O   . HOH C 2 .  ? 5.743   3.824   5.327   1.00 38.95  ? 142 HOH A O   1 
HETATM 776 O O   . HOH C 2 .  ? 5.965   4.040   11.861  1.00 46.65  ? 143 HOH A O   1 
HETATM 777 O O   . HOH C 2 .  ? -8.892  15.745  -5.609  1.00 40.32  ? 144 HOH A O   1 
HETATM 778 O O   . HOH C 2 .  ? -18.209 21.708  -25.072 1.00 37.61  ? 145 HOH A O   1 
HETATM 779 O O   . HOH C 2 .  ? 3.768   3.700   -6.323  1.00 48.62  ? 146 HOH A O   1 
HETATM 780 O O   . HOH C 2 .  ? 3.332   6.503   -6.320  1.00 41.59  ? 147 HOH A O   1 
HETATM 781 O O   . HOH C 2 .  ? 4.979   0.703   -4.117  1.00 44.34  ? 148 HOH A O   1 
HETATM 782 O O   . HOH C 2 .  ? 7.304   3.880   9.835   1.00 44.88  ? 149 HOH A O   1 
HETATM 783 O O   . HOH C 2 .  ? -5.411  10.058  0.928   1.00 36.30  ? 150 HOH A O   1 
HETATM 784 O O   . HOH C 2 .  ? -10.438 18.354  -9.070  1.00 42.58  ? 151 HOH A O   1 
HETATM 785 O O   . HOH D 2 .  ? 6.314   -26.904 17.933  1.00 33.89  ? 101 HOH B O   1 
HETATM 786 O O   . HOH D 2 .  ? -7.384  -16.091 9.520   1.00 49.25  ? 102 HOH B O   1 
HETATM 787 O O   . HOH D 2 .  ? 5.594   -2.414  -12.774 1.00 32.05  ? 103 HOH B O   1 
HETATM 788 O O   . HOH D 2 .  ? 7.006   -23.064 23.115  1.00 36.38  ? 104 HOH B O   1 
HETATM 789 O O   . HOH D 2 .  ? 5.628   2.032   -8.412  1.00 45.59  ? 105 HOH B O   1 
HETATM 790 O O   . HOH D 2 .  ? -1.453  -16.189 23.338  1.00 25.23  ? 106 HOH B O   1 
HETATM 791 O O   . HOH D 2 .  ? 6.893   3.381   -22.324 1.00 25.46  ? 107 HOH B O   1 
HETATM 792 O O   . HOH D 2 .  ? -2.055  -14.033 -0.424  1.00 58.32  ? 108 HOH B O   1 
HETATM 793 O O   . HOH D 2 .  ? -8.777  -11.094 16.992  1.00 40.20  ? 109 HOH B O   1 
HETATM 794 O O   . HOH D 2 .  ? 2.903   -12.569 4.891   1.00 38.87  ? 110 HOH B O   1 
HETATM 795 O O   . HOH D 2 .  ? 8.702   11.227  -27.999 1.00 22.66  ? 111 HOH B O   1 
HETATM 796 O O   . HOH D 2 .  ? 0.157   -0.425  -22.728 1.00 42.98  ? 112 HOH B O   1 
HETATM 797 O O   . HOH D 2 .  ? -4.329  -7.359  -7.059  1.00 45.90  ? 113 HOH B O   1 
HETATM 798 O O   . HOH D 2 .  ? 3.717   -7.576  2.629   1.00 30.26  ? 114 HOH B O   1 
HETATM 799 O O   . HOH D 2 .  ? 3.735   -0.768  -6.268  1.00 26.36  ? 115 HOH B O   1 
HETATM 800 O O   . HOH D 2 .  ? -6.538  0.583   -7.132  1.00 23.48  ? 116 HOH B O   1 
HETATM 801 O O   . HOH D 2 .  ? -1.556  2.676   -26.291 1.00 49.29  ? 117 HOH B O   1 
HETATM 802 O O   . HOH D 2 .  ? 0.346   -11.611 -2.337  1.00 36.72  ? 118 HOH B O   1 
HETATM 803 O O   . HOH D 2 .  ? -7.513  0.463   -3.475  1.00 42.14  ? 119 HOH B O   1 
HETATM 804 O O   . HOH D 2 .  ? -3.533  4.094   -20.268 1.00 15.32  ? 120 HOH B O   1 
HETATM 805 O O   . HOH D 2 .  ? 7.159   11.704  -30.471 1.00 40.18  ? 121 HOH B O   1 
HETATM 806 O O   . HOH D 2 .  ? -5.581  -8.630  3.535   1.00 23.78  ? 122 HOH B O   1 
HETATM 807 O O   . HOH D 2 .  ? 2.580   -9.566  -5.004  1.00 42.67  ? 123 HOH B O   1 
HETATM 808 O O   . HOH D 2 .  ? 0.381   -12.541 4.136   1.00 38.57  ? 124 HOH B O   1 
HETATM 809 O O   . HOH D 2 .  ? 1.129   3.125   -24.992 1.00 21.85  ? 125 HOH B O   1 
HETATM 810 O O   . HOH D 2 .  ? 10.197  -17.590 16.099  1.00 32.36  ? 126 HOH B O   1 
HETATM 811 O O   . HOH D 2 .  ? -5.059  -7.363  10.200  1.00 30.02  ? 127 HOH B O   1 
HETATM 812 O O   . HOH D 2 .  ? -4.756  -2.225  -16.791 1.00 27.33  ? 128 HOH B O   1 
HETATM 813 O O   . HOH D 2 .  ? 2.712   -6.911  -4.835  1.00 43.61  ? 129 HOH B O   1 
HETATM 814 O O   . HOH D 2 .  ? -8.574  -5.795  -4.719  1.00 38.19  ? 130 HOH B O   1 
HETATM 815 O O   . HOH D 2 .  ? -8.749  -2.174  -12.333 1.00 31.25  ? 131 HOH B O   1 
HETATM 816 O O   . HOH D 2 .  ? 0.524   -5.246  -10.622 1.00 28.39  ? 132 HOH B O   1 
HETATM 817 O O   . HOH D 2 .  ? 5.412   8.903   -15.926 1.00 42.13  ? 133 HOH B O   1 
HETATM 818 O O   . HOH D 2 .  ? 3.066   1.076   -19.295 1.00 26.47  ? 134 HOH B O   1 
HETATM 819 O O   . HOH D 2 .  ? 7.611   -20.596 18.187  1.00 43.20  ? 135 HOH B O   1 
HETATM 820 O O   . HOH D 2 .  ? -5.257  -0.846  -9.620  1.00 30.75  ? 136 HOH B O   1 
HETATM 821 O O   . HOH D 2 .  ? -5.089  -1.272  7.735   1.00 41.78  ? 137 HOH B O   1 
HETATM 822 O O   . HOH D 2 .  ? 3.277   2.276   -4.444  1.00 34.93  ? 138 HOH B O   1 
HETATM 823 O O   . HOH D 2 .  ? 1.880   3.653   -27.366 1.00 29.91  ? 139 HOH B O   1 
HETATM 824 O O   . HOH D 2 .  ? 5.999   -6.905  7.122   1.00 47.22  ? 140 HOH B O   1 
HETATM 825 O O   . HOH D 2 .  ? -5.960  -4.413  -14.939 1.00 32.98  ? 141 HOH B O   1 
HETATM 826 O O   . HOH D 2 .  ? -0.574  10.393  -33.582 1.00 37.44  ? 142 HOH B O   1 
HETATM 827 O O   . HOH D 2 .  ? 3.250   6.692   -13.632 1.00 37.41  ? 143 HOH B O   1 
HETATM 828 O O   . HOH D 2 .  ? 2.851   -24.362 22.002  1.00 34.90  ? 144 HOH B O   1 
HETATM 829 O O   . HOH D 2 .  ? -7.450  -12.444 14.276  1.00 39.21  ? 145 HOH B O   1 
HETATM 830 O O   . HOH D 2 .  ? 6.985   -0.822  -2.729  1.00 48.33  ? 146 HOH B O   1 
HETATM 831 O O   . HOH D 2 .  ? -8.636  -4.150  -2.300  1.00 50.82  ? 147 HOH B O   1 
HETATM 832 O O   . HOH D 2 .  ? 8.922   -18.149 13.945  1.00 44.72  ? 148 HOH B O   1 
HETATM 833 O O   . HOH D 2 .  ? -10.604 -11.846 8.107   1.00 38.64  ? 149 HOH B O   1 
HETATM 834 O O   . HOH D 2 .  ? -1.705  -0.147  -24.624 1.00 40.52  ? 150 HOH B O   1 
HETATM 835 O O   . HOH D 2 .  ? -5.489  -7.774  0.761   1.00 29.01  ? 151 HOH B O   1 
HETATM 836 O O   . HOH D 2 .  ? 3.744   -5.389  -7.031  1.00 39.43  ? 152 HOH B O   1 
HETATM 837 O O   . HOH D 2 .  ? 3.245   8.308   -15.278 1.00 43.43  ? 153 HOH B O   1 
HETATM 838 O O   . HOH D 2 .  ? -10.446 -8.605  9.537   1.00 34.22  ? 154 HOH B O   1 
HETATM 839 O O   . HOH D 2 .  ? 13.526  -22.583 13.823  1.00 51.62  ? 155 HOH B O   1 
HETATM 840 O O   . HOH D 2 .  ? 4.147   3.663   -28.557 1.00 33.08  ? 156 HOH B O   1 
HETATM 841 O O   . HOH D 2 .  ? -1.553  -14.421 3.393   1.00 47.39  ? 157 HOH B O   1 
HETATM 842 O O   . HOH D 2 .  ? -1.463  -6.948  -11.111 1.00 32.43  ? 158 HOH B O   1 
HETATM 843 O O   . HOH D 2 .  ? 6.998   -25.248 24.563  1.00 39.88  ? 159 HOH B O   1 
HETATM 844 O O   . HOH D 2 .  ? -8.104  4.437   -11.540 1.00 31.38  ? 160 HOH B O   1 
HETATM 845 O O   . HOH D 2 .  ? 2.710   -6.314  -9.774  1.00 30.51  ? 161 HOH B O   1 
# 
loop_
_atom_site_anisotrop.id 
_atom_site_anisotrop.type_symbol 
_atom_site_anisotrop.pdbx_label_atom_id 
_atom_site_anisotrop.pdbx_label_alt_id 
_atom_site_anisotrop.pdbx_label_comp_id 
_atom_site_anisotrop.pdbx_label_asym_id 
_atom_site_anisotrop.pdbx_label_seq_id 
_atom_site_anisotrop.pdbx_PDB_ins_code 
_atom_site_anisotrop.U[1][1] 
_atom_site_anisotrop.U[2][2] 
_atom_site_anisotrop.U[3][3] 
_atom_site_anisotrop.U[1][2] 
_atom_site_anisotrop.U[1][3] 
_atom_site_anisotrop.U[2][3] 
_atom_site_anisotrop.pdbx_auth_seq_id 
_atom_site_anisotrop.pdbx_auth_comp_id 
_atom_site_anisotrop.pdbx_auth_asym_id 
_atom_site_anisotrop.pdbx_auth_atom_id 
1   N N   . GLY A 1  ? 0.9467 0.8514 0.5422 -0.0062 -0.2532 -0.0793 -3 GLY A N   
2   C CA  . GLY A 1  ? 1.0435 0.8912 0.6290 0.0006  -0.2648 -0.0529 -3 GLY A CA  
3   C C   . GLY A 1  ? 0.6702 0.5748 0.3343 -0.0088 -0.2117 -0.0517 -3 GLY A C   
4   O O   . GLY A 1  ? 0.7555 0.7137 0.4610 -0.0378 -0.1529 -0.0553 -3 GLY A O   
5   N N   . PRO A 2  ? 0.7419 0.6295 0.4266 0.0167  -0.2325 -0.0468 -2 PRO A N   
6   C CA  . PRO A 2  ? 1.0084 0.9498 0.7728 0.0106  -0.1831 -0.0469 -2 PRO A CA  
7   C C   . PRO A 2  ? 0.5754 0.4994 0.3308 -0.0378 -0.1255 -0.0185 -2 PRO A C   
8   O O   . PRO A 2  ? 0.7458 0.6065 0.4287 -0.0684 -0.1272 0.0076  -2 PRO A O   
9   C CB  . PRO A 2  ? 0.8476 0.7483 0.6103 0.0438  -0.2246 -0.0398 -2 PRO A CB  
10  C CG  . PRO A 2  ? 0.7688 0.6170 0.4850 0.0740  -0.2815 -0.0451 -2 PRO A CG  
11  C CD  . PRO A 2  ? 0.9474 0.7607 0.5947 0.0469  -0.2857 -0.0359 -2 PRO A CD  
12  N N   . GLY A 3  ? 0.4566 0.4379 0.2814 -0.0468 -0.0770 -0.0287 -1 GLY A N   
13  C CA  . GLY A 3  ? 0.5232 0.4975 0.3523 -0.0809 -0.0289 -0.0131 -1 GLY A CA  
14  C C   . GLY A 3  ? 0.4508 0.3786 0.2662 -0.0868 -0.0320 0.0136  -1 GLY A C   
15  O O   . GLY A 3  ? 0.4901 0.3941 0.3093 -0.0610 -0.0649 0.0202  -1 GLY A O   
16  N N   . SER A 4  ? 0.4592 0.3811 0.2610 -0.1222 0.0033  0.0243  0  SER A N   
17  C CA  . SER A 4  ? 0.4711 0.3625 0.2644 -0.1365 0.0077  0.0453  0  SER A CA  
18  C C   . SER A 4  ? 0.4036 0.3143 0.2686 -0.1094 0.0145  0.0412  0  SER A C   
19  O O   . SER A 4  ? 0.4246 0.3004 0.2823 -0.1046 -0.0027 0.0594  0  SER A O   
20  C CB  . SER A 4  ? 0.4998 0.4113 0.2802 -0.1811 0.0502  0.0433  0  SER A CB  
21  O OG  . SER A 4  ? 0.6813 0.6513 0.5328 -0.1738 0.0893  0.0172  0  SER A OG  
22  N N   . ARG A 5  ? 0.3358 0.2914 0.2596 -0.0950 0.0359  0.0189  1  ARG A N   
23  C CA  . ARG A 5  ? 0.2812 0.2445 0.2600 -0.0777 0.0437  0.0161  1  ARG A CA  
24  C C   . ARG A 5  ? 0.2670 0.2325 0.2602 -0.0483 0.0123  0.0124  1  ARG A C   
25  O O   . ARG A 5  ? 0.2754 0.2647 0.2618 -0.0383 -0.0042 -0.0037 1  ARG A O   
26  C CB  . ARG A 5  ? 0.2415 0.2333 0.2593 -0.0808 0.0745  -0.0065 1  ARG A CB  
27  C CG  . ARG A 5  ? 0.2477 0.2473 0.2708 -0.0981 0.1029  -0.0136 1  ARG A CG  
28  C CD  . ARG A 5  ? 0.2541 0.2670 0.2979 -0.0956 0.1201  -0.0405 1  ARG A CD  
29  N NE  . ARG A 5  ? 0.2661 0.2593 0.3370 -0.0805 0.1142  -0.0449 1  ARG A NE  
30  C CZ  . ARG A 5  ? 0.2838 0.2630 0.3561 -0.0808 0.1194  -0.0650 1  ARG A CZ  
31  N NH1 . ARG A 5  ? 0.2739 0.2625 0.3307 -0.0890 0.1306  -0.0838 1  ARG A NH1 
32  N NH2 . ARG A 5  ? 0.3147 0.2637 0.3920 -0.0731 0.1092  -0.0656 1  ARG A NH2 
33  N N   . ASP A 6  ? 0.2454 0.1952 0.2627 -0.0341 0.0045  0.0218  2  ASP A N   
34  C CA  . ASP A 6  ? 0.2223 0.1891 0.2665 -0.0068 -0.0177 0.0099  2  ASP A CA  
35  C C   . ASP A 6  ? 0.1725 0.1644 0.2599 -0.0135 0.0104  -0.0050 2  ASP A C   
36  O O   . ASP A 6  ? 0.1553 0.1254 0.2629 -0.0121 0.0187  0.0048  2  ASP A O   
37  C CB  . ASP A 6  ? 0.2494 0.1741 0.2826 0.0116  -0.0480 0.0294  2  ASP A CB  
38  C CG  . ASP A 6  ? 0.3605 0.3114 0.4204 0.0445  -0.0760 0.0095  2  ASP A CG  
39  O OD1 . ASP A 6  ? 0.2760 0.2858 0.3705 0.0443  -0.0620 -0.0191 2  ASP A OD1 
40  O OD2 . ASP A 6  ? 0.4487 0.3627 0.4933 0.0672  -0.1111 0.0201  2  ASP A OD2 
41  N N   . VAL A 7  ? 0.2162 0.1905 0.2047 0.0015  0.0017  -0.0174 3  VAL A N   
42  C CA  . VAL A 7  ? 0.2075 0.1458 0.1720 0.0025  -0.0090 -0.0209 3  VAL A CA  
43  C C   . VAL A 7  ? 0.1937 0.1378 0.1772 -0.0152 -0.0056 -0.0156 3  VAL A C   
44  O O   . VAL A 7  ? 0.2315 0.1656 0.2073 -0.0113 -0.0089 -0.0168 3  VAL A O   
45  C CB  . VAL A 7  ? 0.2949 0.1865 0.2283 -0.0016 -0.0255 -0.0237 3  VAL A CB  
46  C CG1 . VAL A 7  ? 0.3998 0.2525 0.3092 -0.0032 -0.0402 -0.0247 3  VAL A CG1 
47  C CG2 . VAL A 7  ? 0.3160 0.1966 0.2224 0.0219  -0.0303 -0.0310 3  VAL A CG2 
48  N N   . GLU A 8  ? 0.1836 0.1445 0.1898 -0.0321 0.0015  -0.0096 4  GLU A N   
49  C CA  . GLU A 8  ? 0.1823 0.1486 0.2007 -0.0432 0.0049  -0.0047 4  GLU A CA  
50  C C   . GLU A 8  ? 0.1536 0.1385 0.1833 -0.0360 0.0096  -0.0062 4  GLU A C   
51  O O   . GLU A 8  ? 0.1878 0.1653 0.2142 -0.0367 0.0075  -0.0059 4  GLU A O   
52  C CB  . GLU A 8  ? 0.2735 0.2535 0.3072 -0.0565 0.0114  0.0023  4  GLU A CB  
53  C CG  . GLU A 8  ? 0.4961 0.4885 0.5381 -0.0538 0.0139  0.0072  4  GLU A CG  
54  C CD  . GLU A 8  ? 0.2761 0.2814 0.3246 -0.0488 0.0148  0.0154  4  GLU A CD  
55  O OE1 . GLU A 8  ? 0.3413 0.3571 0.3917 -0.0449 0.0145  0.0156  4  GLU A OE1 
56  O OE2 . GLU A 8  ? 0.4080 0.4093 0.4559 -0.0482 0.0189  0.0186  4  GLU A OE2 
57  N N   . MET A 9  ? 0.1721 0.1826 0.2157 -0.0301 0.0139  -0.0053 5  MET A N   
58  C CA  . MET A 9  ? 0.1687 0.1979 0.2228 -0.0256 0.0140  -0.0019 5  MET A CA  
59  C C   . MET A 9  ? 0.1212 0.1413 0.1593 -0.0125 0.0104  -0.0040 5  MET A C   
60  O O   . MET A 9  ? 0.1417 0.1612 0.1818 -0.0144 0.0088  -0.0022 5  MET A O   
61  C CB  . MET A 9  ? 0.1302 0.1935 0.2034 -0.0223 0.0164  0.0052  5  MET A CB  
62  C CG  . MET A 9  ? 0.1875 0.2756 0.2755 -0.0215 0.0127  0.0155  5  MET A CG  
63  S SD  . MET A 9  ? 0.2677 0.3435 0.3637 -0.0392 0.0059  0.0174  5  MET A SD  
64  C CE  . MET A 9  ? 0.2450 0.3351 0.3490 -0.0413 0.0031  0.0219  5  MET A CE  
65  N N   . GLU A 10 ? 0.1597 0.1701 0.1783 0.0025  0.0083  -0.0080 6  GLU A N   
66  C CA  . GLU A 10 ? 0.1975 0.1950 0.1941 0.0195  0.0042  -0.0108 6  GLU A CA  
67  C C   . GLU A 10 ? 0.1976 0.1665 0.1853 0.0098  -0.0011 -0.0141 6  GLU A C   
68  O O   . GLU A 10 ? 0.1885 0.1611 0.1758 0.0142  -0.0011 -0.0126 6  GLU A O   
69  C CB  . GLU A 10 ? 0.2138 0.1914 0.1798 0.0395  -0.0010 -0.0171 6  GLU A CB  
70  C CG  . GLU A 10 ? 0.1983 0.2079 0.1715 0.0530  0.0050  -0.0128 6  GLU A CG  
71  C CD  . GLU A 10 ? 0.2555 0.2391 0.1911 0.0762  -0.0018 -0.0209 6  GLU A CD  
72  O OE1 . GLU A 10 ? 0.3665 0.3001 0.2687 0.0786  -0.0142 -0.0299 6  GLU A OE1 
73  O OE2 . GLU A 10 ? 0.3048 0.3174 0.2425 0.0930  0.0035  -0.0169 6  GLU A OE2 
74  N N   . GLU A 11 ? 0.1892 0.1354 0.1732 -0.0049 -0.0054 -0.0156 7  GLU A N   
75  C CA  . GLU A 11 ? 0.1981 0.1227 0.1753 -0.0140 -0.0116 -0.0147 7  GLU A CA  
76  C C   . GLU A 11 ? 0.1941 0.1368 0.1905 -0.0219 -0.0051 -0.0109 7  GLU A C   
77  O O   . GLU A 11 ? 0.2265 0.1621 0.2186 -0.0208 -0.0076 -0.0109 7  GLU A O   
78  C CB  . GLU A 11 ? 0.2269 0.1302 0.1971 -0.0281 -0.0197 -0.0106 7  GLU A CB  
79  C CG  . GLU A 11 ? 0.4031 0.2863 0.3655 -0.0370 -0.0300 -0.0048 7  GLU A CG  
80  C CD  . GLU A 11 ? 0.9754 0.8814 0.9581 -0.0457 -0.0217 0.0027  7  GLU A CD  
81  O OE1 . GLU A 11 ? 0.4232 0.3519 0.4219 -0.0492 -0.0113 0.0053  7  GLU A OE1 
82  O OE2 . GLU A 11 ? 0.5556 0.4545 0.5350 -0.0473 -0.0269 0.0063  7  GLU A OE2 
83  N N   . MET A 12 ? 0.1715 0.1350 0.1861 -0.0282 0.0017  -0.0081 8  MET A N   
84  C CA  . MET A 12 ? 0.1544 0.1259 0.1787 -0.0331 0.0041  -0.0058 8  MET A CA  
85  C C   . MET A 12 ? 0.1745 0.1537 0.2005 -0.0264 0.0024  -0.0058 8  MET A C   
86  O O   . MET A 12 ? 0.2001 0.1734 0.2236 -0.0274 0.0006  -0.0056 8  MET A O   
87  C CB  . MET A 12 ? 0.2030 0.1878 0.2397 -0.0387 0.0078  -0.0036 8  MET A CB  
88  C CG  . MET A 12 ? 0.1950 0.1756 0.2299 -0.0451 0.0109  -0.0006 8  MET A CG  
89  S SD  . MET A 12 ? 0.2656 0.2586 0.3113 -0.0485 0.0147  0.0007  8  MET A SD  
90  C CE  . MET A 12 ? 0.3112 0.3061 0.3531 -0.0513 0.0191  0.0078  8  MET A CE  
91  N N   . ILE A 13 ? 0.1638 0.1601 0.1943 -0.0184 0.0031  -0.0034 9  ILE A N   
92  C CA  . ILE A 13 ? 0.1548 0.1664 0.1893 -0.0123 0.0015  0.0022  9  ILE A CA  
93  C C   . ILE A 13 ? 0.1962 0.1915 0.2137 -0.0033 0.0003  -0.0019 9  ILE A C   
94  O O   . ILE A 13 ? 0.1778 0.1743 0.1968 -0.0045 -0.0013 0.0006  9  ILE A O   
95  C CB  . ILE A 13 ? 0.1209 0.1650 0.1655 -0.0031 0.0032  0.0114  9  ILE A CB  
96  C CG1 . ILE A 13 ? 0.1205 0.1820 0.1858 -0.0159 0.0013  0.0181  9  ILE A CG1 
97  C CG2 . ILE A 13 ? 0.1320 0.1989 0.1801 0.0052  0.0018  0.0224  9  ILE A CG2 
98  C CD1 . ILE A 13 ? 0.1146 0.2134 0.1932 -0.0075 0.0032  0.0293  9  ILE A CD1 
99  N N   . GLU A 14 ? 0.1976 0.1744 0.1965 0.0058  -0.0013 -0.0079 10 GLU A N   
100 C CA  . GLU A 14 ? 0.2633 0.2181 0.2412 0.0155  -0.0057 -0.0120 10 GLU A CA  
101 C C   . GLU A 14 ? 0.2646 0.2050 0.2458 0.0022  -0.0085 -0.0127 10 GLU A C   
102 O O   . GLU A 14 ? 0.2628 0.1985 0.2387 0.0062  -0.0100 -0.0127 10 GLU A O   
103 C CB  . GLU A 14 ? 0.2947 0.2212 0.2471 0.0246  -0.0127 -0.0185 10 GLU A CB  
104 C CG  . GLU A 14 ? 0.5965 0.4879 0.5166 0.0379  -0.0230 -0.0241 10 GLU A CG  
105 C CD  . GLU A 14 ? 1.1218 1.0263 1.0280 0.0638  -0.0191 -0.0233 10 GLU A CD  
106 O OE1 . GLU A 14 ? 1.4039 1.2773 1.2737 0.0840  -0.0279 -0.0297 10 GLU A OE1 
107 O OE2 . GLU A 14 ? 1.2835 1.2281 1.2118 0.0653  -0.0091 -0.0147 10 GLU A OE2 
108 N N   . GLN A 15 ? 0.2181 0.1547 0.2073 -0.0117 -0.0085 -0.0116 11 GLN A N   
109 C CA  . GLN A 15 ? 0.2699 0.2005 0.2618 -0.0203 -0.0101 -0.0088 11 GLN A CA  
110 C C   . GLN A 15 ? 0.2398 0.1830 0.2402 -0.0196 -0.0068 -0.0081 11 GLN A C   
111 O O   . GLN A 15 ? 0.2689 0.2068 0.2665 -0.0194 -0.0087 -0.0075 11 GLN A O   
112 C CB  . GLN A 15 ? 0.2930 0.2263 0.2912 -0.0305 -0.0087 -0.0040 11 GLN A CB  
113 C CG  . GLN A 15 ? 0.4345 0.3689 0.4342 -0.0354 -0.0100 0.0032  11 GLN A CG  
114 C CD  . GLN A 15 ? 1.1977 1.1405 1.2016 -0.0424 -0.0083 0.0127  11 GLN A CD  
115 O OE1 . GLN A 15 ? 0.5917 0.5320 0.5957 -0.0469 -0.0092 0.0136  11 GLN A OE1 
116 N NE2 . GLN A 15 ? 0.9325 0.8882 0.9389 -0.0415 -0.0056 0.0216  11 GLN A NE2 
117 N N   . LEU A 16 ? 0.1951 0.1535 0.2055 -0.0205 -0.0044 -0.0066 12 LEU A N   
118 C CA  . LEU A 16 ? 0.1877 0.1517 0.2028 -0.0225 -0.0065 -0.0042 12 LEU A CA  
119 C C   . LEU A 16 ? 0.2203 0.1907 0.2341 -0.0160 -0.0073 -0.0017 12 LEU A C   
120 O O   . LEU A 16 ? 0.2159 0.1819 0.2277 -0.0170 -0.0092 -0.0014 12 LEU A O   
121 C CB  . LEU A 16 ? 0.1915 0.1657 0.2161 -0.0279 -0.0094 -0.0003 12 LEU A CB  
122 C CG  . LEU A 16 ? 0.2501 0.2257 0.2774 -0.0329 -0.0182 0.0053  12 LEU A CG  
123 C CD1 . LEU A 16 ? 0.2606 0.2159 0.2747 -0.0320 -0.0211 0.0002  12 LEU A CD1 
124 C CD2 . LEU A 16 ? 0.2463 0.2262 0.2810 -0.0407 -0.0258 0.0106  12 LEU A CD2 
125 N N   . GLN A 17 ? 0.1954 0.1774 0.2081 -0.0069 -0.0053 0.0007  13 GLN A N   
126 C CA  A GLN A 17 ? 0.2023 0.1943 0.2106 0.0039  -0.0045 0.0052  13 GLN A CA  
127 C CA  B GLN A 17 ? 0.2044 0.1963 0.2127 0.0038  -0.0045 0.0052  13 GLN A CA  
128 C C   . GLN A 17 ? 0.2931 0.2621 0.2868 0.0078  -0.0056 -0.0016 13 GLN A C   
129 O O   . GLN A 17 ? 0.2560 0.2293 0.2492 0.0107  -0.0054 0.0014  13 GLN A O   
130 C CB  A GLN A 17 ? 0.2020 0.2114 0.2051 0.0201  -0.0013 0.0097  13 GLN A CB  
131 C CB  B GLN A 17 ? 0.1997 0.2088 0.2030 0.0197  -0.0013 0.0096  13 GLN A CB  
132 C CG  A GLN A 17 ? 0.4652 0.5023 0.4864 0.0149  -0.0010 0.0193  13 GLN A CG  
133 C CG  B GLN A 17 ? 0.1504 0.1919 0.1736 0.0146  -0.0015 0.0219  13 GLN A CG  
134 C CD  A GLN A 17 ? 0.3029 0.3807 0.3372 0.0204  -0.0012 0.0383  13 GLN A CD  
135 C CD  B GLN A 17 ? 0.1867 0.2512 0.2066 0.0320  0.0026  0.0279  13 GLN A CD  
136 O OE1 A GLN A 17 ? 0.3418 0.4263 0.3806 0.0162  -0.0039 0.0459  13 GLN A OE1 
137 O OE1 B GLN A 17 ? 0.2383 0.2837 0.2363 0.0470  0.0043  0.0178  13 GLN A OE1 
138 N NE2 A GLN A 17 ? 0.3745 0.4838 0.4173 0.0286  0.0009  0.0493  13 GLN A NE2 
139 N NE2 B GLN A 17 ? 0.2339 0.3392 0.2741 0.0303  0.0018  0.0459  13 GLN A NE2 
140 N N   . GLU A 18 ? 0.2507 0.1964 0.2339 0.0061  -0.0086 -0.0083 14 GLU A N   
141 C CA  . GLU A 18 ? 0.3110 0.2348 0.2825 0.0063  -0.0138 -0.0114 14 GLU A CA  
142 C C   . GLU A 18 ? 0.2791 0.2065 0.2619 -0.0044 -0.0131 -0.0090 14 GLU A C   
143 O O   . GLU A 18 ? 0.2996 0.2221 0.2792 -0.0026 -0.0151 -0.0086 14 GLU A O   
144 C CB  . GLU A 18 ? 0.3471 0.2447 0.3040 0.0045  -0.0221 -0.0142 14 GLU A CB  
145 C CG  . GLU A 18 ? 0.5117 0.3867 0.4594 -0.0003 -0.0322 -0.0128 14 GLU A CG  
146 C CD  . GLU A 18 ? 1.2582 1.1216 1.1899 0.0132  -0.0351 -0.0160 14 GLU A CD  
147 O OE1 . GLU A 18 ? 0.4634 0.3180 0.3956 0.0075  -0.0408 -0.0134 14 GLU A OE1 
148 O OE2 . GLU A 18 ? 0.5224 0.3904 0.4422 0.0308  -0.0309 -0.0193 14 GLU A OE2 
149 N N   . LYS A 19 ? 0.2435 0.1795 0.2368 -0.0124 -0.0108 -0.0074 15 LYS A N   
150 C CA  . LYS A 19 ? 0.2182 0.1571 0.2156 -0.0160 -0.0105 -0.0056 15 LYS A CA  
151 C C   . LYS A 19 ? 0.2665 0.2118 0.2660 -0.0136 -0.0105 -0.0049 15 LYS A C   
152 O O   . LYS A 19 ? 0.2550 0.1985 0.2536 -0.0132 -0.0112 -0.0044 15 LYS A O   
153 C CB  . LYS A 19 ? 0.2505 0.1929 0.2504 -0.0191 -0.0092 -0.0050 15 LYS A CB  
154 C CG  . LYS A 19 ? 0.3362 0.2786 0.3320 -0.0166 -0.0093 -0.0032 15 LYS A CG  
155 C CD  . LYS A 19 ? 0.3963 0.3380 0.3868 -0.0144 -0.0084 -0.0031 15 LYS A CD  
156 C CE  . LYS A 19 ? 0.4435 0.3859 0.4228 -0.0045 -0.0080 -0.0007 15 LYS A CE  
157 N NZ  . LYS A 19 ? 0.4879 0.4240 0.4533 0.0035  -0.0085 -0.0020 15 LYS A NZ  
158 N N   . VAL A 20 ? 0.2344 0.1910 0.2383 -0.0128 -0.0105 -0.0019 16 VAL A N   
159 C CA  . VAL A 20 ? 0.2392 0.2062 0.2466 -0.0127 -0.0122 0.0039  16 VAL A CA  
160 C C   . VAL A 20 ? 0.2755 0.2424 0.2774 -0.0042 -0.0091 0.0036  16 VAL A C   
161 O O   . VAL A 20 ? 0.2680 0.2357 0.2706 -0.0050 -0.0096 0.0053  16 VAL A O   
162 C CB  . VAL A 20 ? 0.2133 0.2007 0.2297 -0.0144 -0.0145 0.0140  16 VAL A CB  
163 C CG1 . VAL A 20 ? 0.2469 0.2516 0.2687 -0.0146 -0.0167 0.0256  16 VAL A CG1 
164 C CG2 . VAL A 20 ? 0.2357 0.2176 0.2557 -0.0248 -0.0217 0.0151  16 VAL A CG2 
165 N N   . HIS A 21 ? 0.2521 0.2143 0.2446 0.0055  -0.0073 0.0010  17 HIS A N   
166 C CA  . HIS A 21 ? 0.2926 0.2472 0.2725 0.0169  -0.0071 -0.0003 17 HIS A CA  
167 C C   . HIS A 21 ? 0.3157 0.2531 0.2938 0.0109  -0.0108 -0.0042 17 HIS A C   
168 O O   . HIS A 21 ? 0.2974 0.2359 0.2741 0.0142  -0.0103 -0.0028 17 HIS A O   
169 C CB  . HIS A 21 ? 0.3385 0.2798 0.2989 0.0314  -0.0088 -0.0044 17 HIS A CB  
170 C CG  . HIS A 21 ? 0.8174 0.7834 0.7783 0.0435  -0.0039 0.0024  17 HIS A CG  
171 N ND1 . HIS A 21 ? 1.0145 1.0147 0.9880 0.0461  0.0010  0.0155  17 HIS A ND1 
172 C CD2 . HIS A 21 ? 0.9619 0.9276 0.9131 0.0539  -0.0037 0.0009  17 HIS A CD2 
173 C CE1 . HIS A 21 ? 1.0186 1.0435 0.9924 0.0579  0.0042  0.0242  17 HIS A CE1 
174 N NE2 . HIS A 21 ? 1.1070 1.1113 1.0671 0.0639  0.0022  0.0140  17 HIS A NE2 
175 N N   . GLU A 22 ? 0.2792 0.2050 0.2589 0.0023  -0.0146 -0.0063 18 GLU A N   
176 C CA  . GLU A 22 ? 0.2623 0.1799 0.2434 -0.0033 -0.0192 -0.0047 18 GLU A CA  
177 C C   . GLU A 22 ? 0.2009 0.1338 0.1932 -0.0064 -0.0151 -0.0023 18 GLU A C   
178 O O   . GLU A 22 ? 0.2525 0.1854 0.2464 -0.0064 -0.0165 -0.0005 18 GLU A O   
179 C CB  . GLU A 22 ? 0.3276 0.2387 0.3103 -0.0117 -0.0246 -0.0012 18 GLU A CB  
180 C CG  . GLU A 22 ? 0.4535 0.3687 0.4435 -0.0183 -0.0295 0.0072  18 GLU A CG  
181 C CD  . GLU A 22 ? 0.8579 0.7538 0.8390 -0.0194 -0.0410 0.0096  18 GLU A CD  
182 O OE1 . GLU A 22 ? 0.6158 0.4901 0.5795 -0.0112 -0.0450 0.0024  18 GLU A OE1 
183 O OE2 . GLU A 22 ? 0.7437 0.6469 0.7339 -0.0265 -0.0470 0.0200  18 GLU A OE2 
184 N N   . LEU A 23 ? 0.1971 0.1395 0.1944 -0.0085 -0.0120 -0.0024 19 LEU A N   
185 C CA  . LEU A 23 ? 0.2007 0.1489 0.2009 -0.0096 -0.0118 -0.0013 19 LEU A CA  
186 C C   . LEU A 23 ? 0.2814 0.2359 0.2832 -0.0078 -0.0108 0.0011  19 LEU A C   
187 O O   . LEU A 23 ? 0.2242 0.1810 0.2277 -0.0082 -0.0109 0.0021  19 LEU A O   
188 C CB  . LEU A 23 ? 0.2316 0.1783 0.2295 -0.0119 -0.0141 -0.0021 19 LEU A CB  
189 C CG  . LEU A 23 ? 0.2518 0.1953 0.2454 -0.0099 -0.0138 -0.0032 19 LEU A CG  
190 C CD1 . LEU A 23 ? 0.2370 0.1731 0.2243 -0.0110 -0.0176 -0.0052 19 LEU A CD1 
191 C CD2 . LEU A 23 ? 0.3211 0.2680 0.3106 -0.0036 -0.0133 -0.0011 19 LEU A CD2 
192 N N   . GLU A 24 ? 0.2223 0.1837 0.2235 -0.0044 -0.0091 0.0040  20 GLU A N   
193 C CA  . GLU A 24 ? 0.2289 0.2027 0.2312 -0.0002 -0.0068 0.0103  20 GLU A CA  
194 C C   . GLU A 24 ? 0.2476 0.2127 0.2436 0.0065  -0.0054 0.0070  20 GLU A C   
195 O O   . GLU A 24 ? 0.2223 0.1947 0.2214 0.0069  -0.0037 0.0104  20 GLU A O   
196 C CB  . GLU A 24 ? 0.2435 0.2339 0.2453 0.0069  -0.0045 0.0179  20 GLU A CB  
197 C CG  . GLU A 24 ? 0.2440 0.2480 0.2561 -0.0032 -0.0092 0.0267  20 GLU A CG  
198 C CD  . GLU A 24 ? 0.7657 0.7965 0.7816 0.0043  -0.0068 0.0395  20 GLU A CD  
199 O OE1 . GLU A 24 ? 0.5099 0.5384 0.5154 0.0187  -0.0016 0.0345  20 GLU A OE1 
200 O OE2 . GLU A 24 ? 0.4943 0.5478 0.5221 -0.0040 -0.0122 0.0558  20 GLU A OE2 
201 N N   . ARG A 25 ? 0.2469 0.1941 0.2335 0.0102  -0.0085 0.0015  21 ARG A N   
202 C CA  A ARG A 25 ? 0.2746 0.2072 0.2532 0.0140  -0.0124 -0.0003 21 ARG A CA  
203 C CA  B ARG A 25 ? 0.2745 0.2068 0.2530 0.0139  -0.0126 -0.0004 21 ARG A CA  
204 C C   . ARG A 25 ? 0.2488 0.1864 0.2401 0.0046  -0.0137 0.0017  21 ARG A C   
205 O O   . ARG A 25 ? 0.2672 0.2067 0.2596 0.0066  -0.0134 0.0033  21 ARG A O   
206 C CB  A ARG A 25 ? 0.3131 0.2189 0.2759 0.0168  -0.0217 -0.0043 21 ARG A CB  
207 C CB  B ARG A 25 ? 0.3192 0.2253 0.2831 0.0157  -0.0219 -0.0042 21 ARG A CB  
208 C CG  A ARG A 25 ? 0.5152 0.4117 0.4565 0.0341  -0.0214 -0.0073 21 ARG A CG  
209 C CG  B ARG A 25 ? 0.3061 0.1885 0.2562 0.0190  -0.0319 -0.0048 21 ARG A CG  
210 C CD  A ARG A 25 ? 0.4786 0.3388 0.3960 0.0385  -0.0345 -0.0125 21 ARG A CD  
211 C CD  B ARG A 25 ? 0.4405 0.2914 0.3762 0.0146  -0.0478 -0.0053 21 ARG A CD  
212 N NE  A ARG A 25 ? 0.5695 0.4252 0.4959 0.0238  -0.0396 -0.0118 21 ARG A NE  
213 N NE  B ARG A 25 ? 0.3584 0.2203 0.3137 -0.0028 -0.0514 0.0024  21 ARG A NE  
214 C CZ  A ARG A 25 ? 0.4170 0.2692 0.3365 0.0273  -0.0393 -0.0144 21 ARG A CZ  
215 C CZ  B ARG A 25 ? 0.3474 0.2194 0.3176 -0.0130 -0.0561 0.0115  21 ARG A CZ  
216 N NH1 A ARG A 25 ? 0.5040 0.3599 0.4085 0.0461  -0.0340 -0.0174 21 ARG A NH1 
217 N NH1 B ARG A 25 ? 0.4211 0.2892 0.3896 -0.0101 -0.0586 0.0121  21 ARG A NH1 
218 N NH2 A ARG A 25 ? 0.3016 0.1513 0.2302 0.0134  -0.0436 -0.0121 21 ARG A NH2 
219 N NH2 B ARG A 25 ? 0.4545 0.3444 0.4412 -0.0243 -0.0574 0.0221  21 ARG A NH2 
220 N N   . GLN A 26 ? 0.2359 0.1782 0.2353 -0.0028 -0.0146 0.0026  22 GLN A N   
221 C CA  . GLN A 26 ? 0.2366 0.1893 0.2456 -0.0064 -0.0147 0.0065  22 GLN A CA  
222 C C   . GLN A 26 ? 0.2240 0.1870 0.2362 -0.0051 -0.0102 0.0060  22 GLN A C   
223 O O   . GLN A 26 ? 0.2392 0.2097 0.2571 -0.0050 -0.0099 0.0086  22 GLN A O   
224 C CB  . GLN A 26 ? 0.2416 0.2001 0.2531 -0.0084 -0.0150 0.0088  22 GLN A CB  
225 C CG  . GLN A 26 ? 0.5483 0.5025 0.5609 -0.0131 -0.0217 0.0153  22 GLN A CG  
226 C CD  . GLN A 26 ? 0.6118 0.5761 0.6261 -0.0131 -0.0200 0.0199  22 GLN A CD  
227 O OE1 . GLN A 26 ? 0.5551 0.5193 0.5641 -0.0089 -0.0151 0.0139  22 GLN A OE1 
228 N NE2 . GLN A 26 ? 0.9059 0.8791 0.9265 -0.0182 -0.0260 0.0329  22 GLN A NE2 
229 N N   . ASN A 27 ? 0.2115 0.1760 0.2210 -0.0055 -0.0086 0.0051  23 ASN A N   
230 C CA  . ASN A 27 ? 0.1829 0.1545 0.1942 -0.0076 -0.0086 0.0080  23 ASN A CA  
231 C C   . ASN A 27 ? 0.1820 0.1614 0.1967 -0.0049 -0.0049 0.0116  23 ASN A C   
232 O O   . ASN A 27 ? 0.1816 0.1673 0.2006 -0.0066 -0.0043 0.0136  23 ASN A O   
233 C CB  . ASN A 27 ? 0.1812 0.1542 0.1907 -0.0120 -0.0121 0.0118  23 ASN A CB  
234 C CG  . ASN A 27 ? 0.1992 0.1769 0.2096 -0.0183 -0.0173 0.0190  23 ASN A CG  
235 O OD1 . ASN A 27 ? 0.2996 0.2934 0.3158 -0.0202 -0.0159 0.0295  23 ASN A OD1 
236 N ND2 . ASN A 27 ? 0.2544 0.2180 0.2563 -0.0203 -0.0249 0.0153  23 ASN A ND2 
237 N N   . GLU A 28 ? 0.1974 0.1753 0.2073 0.0015  -0.0026 0.0120  24 GLU A N   
238 C CA  . GLU A 28 ? 0.1818 0.1640 0.1887 0.0087  0.0009  0.0152  24 GLU A CA  
239 C C   . GLU A 28 ? 0.2431 0.2173 0.2526 0.0075  -0.0018 0.0123  24 GLU A C   
240 O O   . GLU A 28 ? 0.2163 0.1986 0.2299 0.0085  0.0011  0.0154  24 GLU A O   
241 C CB  . GLU A 28 ? 0.2571 0.2338 0.2489 0.0220  0.0021  0.0151  24 GLU A CB  
242 C CG  . GLU A 28 ? 0.7013 0.7013 0.6953 0.0256  0.0067  0.0254  24 GLU A CG  
243 C CD  . GLU A 28 ? 0.8806 0.9039 0.8807 0.0269  0.0117  0.0372  24 GLU A CD  
244 O OE1 . GLU A 28 ? 0.8976 0.9149 0.8933 0.0324  0.0138  0.0346  24 GLU A OE1 
245 O OE2 . GLU A 28 ? 0.9494 0.9973 0.9595 0.0207  0.0118  0.0513  24 GLU A OE2 
246 N N   . VAL A 29 ? 0.2231 0.1852 0.2327 0.0039  -0.0080 0.0095  25 VAL A N   
247 C CA  . VAL A 29 ? 0.2323 0.1929 0.2486 0.0002  -0.0132 0.0123  25 VAL A CA  
248 C C   . VAL A 29 ? 0.1985 0.1795 0.2287 -0.0031 -0.0090 0.0153  25 VAL A C   
249 O O   . VAL A 29 ? 0.1784 0.1664 0.2155 -0.0035 -0.0088 0.0185  25 VAL A O   
250 C CB  . VAL A 29 ? 0.2696 0.2203 0.2862 -0.0053 -0.0228 0.0151  25 VAL A CB  
251 C CG1 . VAL A 29 ? 0.2661 0.2289 0.2971 -0.0117 -0.0290 0.0248  25 VAL A CG1 
252 C CG2 . VAL A 29 ? 0.3016 0.2240 0.2991 -0.0011 -0.0312 0.0115  25 VAL A CG2 
253 N N   . LEU A 30 ? 0.1644 0.1517 0.1954 -0.0040 -0.0068 0.0140  26 LEU A N   
254 C CA  . LEU A 30 ? 0.1416 0.1412 0.1768 -0.0031 -0.0050 0.0152  26 LEU A CA  
255 C C   . LEU A 30 ? 0.1603 0.1642 0.1967 -0.0044 -0.0017 0.0160  26 LEU A C   
256 O O   . LEU A 30 ? 0.1665 0.1809 0.2095 -0.0039 -0.0004 0.0182  26 LEU A O   
257 C CB  . LEU A 30 ? 0.1589 0.1537 0.1846 -0.0005 -0.0069 0.0121  26 LEU A CB  
258 C CG  . LEU A 30 ? 0.1601 0.1599 0.1869 0.0029  -0.0083 0.0153  26 LEU A CG  
259 C CD1 . LEU A 30 ? 0.2264 0.2162 0.2388 0.0075  -0.0098 0.0107  26 LEU A CD1 
260 C CD2 . LEU A 30 ? 0.2258 0.2468 0.2607 0.0089  -0.0078 0.0234  26 LEU A CD2 
261 N N   . LYS A 31 ? 0.1514 0.1523 0.1830 -0.0060 -0.0005 0.0170  27 LYS A N   
262 C CA  . LYS A 31 ? 0.1410 0.1522 0.1752 -0.0084 0.0022  0.0231  27 LYS A CA  
263 C C   . LYS A 31 ? 0.1368 0.1547 0.1764 -0.0042 0.0070  0.0248  27 LYS A C   
264 O O   . LYS A 31 ? 0.1639 0.1927 0.2100 -0.0062 0.0095  0.0286  27 LYS A O   
265 C CB  . LYS A 31 ? 0.1722 0.1889 0.2030 -0.0092 0.0027  0.0301  27 LYS A CB  
266 C CG  . LYS A 31 ? 0.2343 0.2454 0.2614 -0.0178 -0.0060 0.0329  27 LYS A CG  
267 C CD  . LYS A 31 ? 0.2704 0.2930 0.2982 -0.0203 -0.0075 0.0441  27 LYS A CD  
268 C CE  . LYS A 31 ? 0.4134 0.4268 0.4377 -0.0325 -0.0214 0.0493  27 LYS A CE  
269 N NZ  . LYS A 31 ? 0.5243 0.5486 0.5517 -0.0353 -0.0246 0.0595  27 LYS A NZ  
270 N N   . ASN A 32 ? 0.1515 0.1591 0.1859 0.0015  0.0063  0.0220  28 ASN A N   
271 C CA  . ASN A 32 ? 0.1758 0.1812 0.2098 0.0064  0.0068  0.0231  28 ASN A CA  
272 C C   . ASN A 32 ? 0.1627 0.1747 0.2106 0.0007  0.0038  0.0242  28 ASN A C   
273 O O   . ASN A 32 ? 0.1768 0.1950 0.2301 0.0016  0.0055  0.0271  28 ASN A O   
274 C CB  . ASN A 32 ? 0.2271 0.2093 0.2443 0.0147  0.0011  0.0193  28 ASN A CB  
275 C CG  . ASN A 32 ? 0.3246 0.3076 0.3261 0.0269  0.0066  0.0208  28 ASN A CG  
276 O OD1 . ASN A 32 ? 0.3169 0.3224 0.3227 0.0290  0.0148  0.0286  28 ASN A OD1 
277 N ND2 . ASN A 32 ? 0.4197 0.3812 0.4027 0.0358  0.0011  0.0160  28 ASN A ND2 
278 N N   . ARG A 33 ? 0.1328 0.1478 0.1870 -0.0033 -0.0003 0.0241  29 ARG A N   
279 C CA  . ARG A 33 ? 0.1484 0.1798 0.2173 -0.0055 -0.0022 0.0294  29 ARG A CA  
280 C C   . ARG A 33 ? 0.1639 0.2106 0.2378 -0.0046 0.0041  0.0296  29 ARG A C   
281 O O   . ARG A 33 ? 0.1473 0.2092 0.2333 -0.0050 0.0052  0.0340  29 ARG A O   
282 C CB  . ARG A 33 ? 0.1348 0.1734 0.2071 -0.0054 -0.0065 0.0331  29 ARG A CB  
283 C CG  . ARG A 33 ? 0.1888 0.2188 0.2631 -0.0104 -0.0168 0.0394  29 ARG A CG  
284 C CD  . ARG A 33 ? 0.2426 0.2912 0.3248 -0.0105 -0.0204 0.0496  29 ARG A CD  
285 N NE  . ARG A 33 ? 0.2566 0.2904 0.3366 -0.0181 -0.0320 0.0557  29 ARG A NE  
286 C CZ  . ARG A 33 ? 0.7565 0.7979 0.8372 -0.0189 -0.0347 0.0627  29 ARG A CZ  
287 N NH1 . ARG A 33 ? 0.4109 0.4752 0.4925 -0.0093 -0.0260 0.0643  29 ARG A NH1 
288 N NH2 . ARG A 33 ? 0.4778 0.5021 0.5550 -0.0282 -0.0476 0.0688  29 ARG A NH2 
289 N N   . LEU A 34 ? 0.1432 0.1846 0.2071 -0.0045 0.0058  0.0259  30 LEU A N   
290 C CA  . LEU A 34 ? 0.1570 0.2053 0.2205 -0.0056 0.0073  0.0268  30 LEU A CA  
291 C C   . LEU A 34 ? 0.1332 0.1899 0.2031 -0.0091 0.0126  0.0316  30 LEU A C   
292 O O   . LEU A 34 ? 0.1403 0.2094 0.2181 -0.0099 0.0148  0.0343  30 LEU A O   
293 C CB  . LEU A 34 ? 0.1834 0.2170 0.2313 -0.0076 0.0017  0.0240  30 LEU A CB  
294 C CG  . LEU A 34 ? 0.2576 0.2834 0.2940 0.0007  -0.0035 0.0189  30 LEU A CG  
295 C CD1 . LEU A 34 ? 0.2295 0.2341 0.2489 -0.0005 -0.0106 0.0150  30 LEU A CD1 
296 C CD2 . LEU A 34 ? 0.2352 0.2642 0.2645 0.0085  -0.0060 0.0179  30 LEU A CD2 
297 N N   . ILE A 35 ? 0.1358 0.1885 0.2010 -0.0086 0.0153  0.0340  31 ILE A N   
298 C CA  . ILE A 35 ? 0.1775 0.2411 0.2455 -0.0067 0.0218  0.0405  31 ILE A CA  
299 C C   . ILE A 35 ? 0.1230 0.1899 0.2001 -0.0042 0.0228  0.0394  31 ILE A C   
300 O O   . ILE A 35 ? 0.1481 0.2293 0.2339 -0.0057 0.0274  0.0440  31 ILE A O   
301 C CB  . ILE A 35 ? 0.1331 0.1926 0.1890 0.0011  0.0245  0.0435  31 ILE A CB  
302 C CG1 . ILE A 35 ? 0.1727 0.2419 0.2262 -0.0037 0.0241  0.0524  31 ILE A CG1 
303 C CG2 . ILE A 35 ? 0.2112 0.2792 0.2637 0.0109  0.0317  0.0494  31 ILE A CG2 
304 C CD1 . ILE A 35 ? 0.2839 0.3502 0.3261 0.0052  0.0249  0.0541  31 ILE A CD1 
305 N N   . SER A 36 ? 0.1252 0.1789 0.2007 -0.0018 0.0167  0.0356  32 SER A N   
306 C CA  . SER A 36 ? 0.1517 0.2061 0.2361 -0.0021 0.0125  0.0379  32 SER A CA  
307 C C   . SER A 36 ? 0.1253 0.2038 0.2291 -0.0069 0.0144  0.0420  32 SER A C   
308 O O   . SER A 36 ? 0.1119 0.2011 0.2258 -0.0076 0.0166  0.0461  32 SER A O   
309 C CB  . SER A 36 ? 0.2066 0.2421 0.2862 -0.0032 0.0004  0.0371  32 SER A CB  
310 O OG  . SER A 36 ? 0.3567 0.3910 0.4451 -0.0065 -0.0084 0.0429  32 SER A OG  
311 N N   . ALA A 37 ? 0.1130 0.2003 0.2201 -0.0074 0.0133  0.0413  33 ALA A N   
312 C CA  . ALA A 37 ? 0.0795 0.1904 0.1999 -0.0061 0.0150  0.0453  33 ALA A CA  
313 C C   . ALA A 37 ? 0.1105 0.2284 0.2312 -0.0075 0.0216  0.0448  33 ALA A C   
314 O O   . ALA A 37 ? 0.0783 0.2021 0.1995 -0.0066 0.0219  0.0441  33 ALA A O   
315 C CB  . ALA A 37 ? 0.0857 0.2004 0.1995 0.0003  0.0122  0.0439  33 ALA A CB  
316 N N   . LYS A 38 ? 0.0976 0.2027 0.2046 -0.0101 0.0232  0.0425  34 LYS A N   
317 C CA  . LYS A 38 ? 0.1024 0.2149 0.2097 -0.0147 0.0267  0.0464  34 LYS A CA  
318 C C   . LYS A 38 ? 0.1006 0.2128 0.2064 -0.0141 0.0308  0.0467  34 LYS A C   
319 O O   . LYS A 38 ? 0.1389 0.2517 0.2412 -0.0151 0.0310  0.0447  34 LYS A O   
320 C CB  . LYS A 38 ? 0.1243 0.2244 0.2173 -0.0201 0.0233  0.0487  34 LYS A CB  
321 C CG  . LYS A 38 ? 0.1825 0.2660 0.2607 -0.0203 0.0133  0.0437  34 LYS A CG  
322 C CD  . LYS A 38 ? 0.2607 0.3308 0.3269 -0.0275 0.0067  0.0478  34 LYS A CD  
323 C CE  . LYS A 38 ? 0.3942 0.4403 0.4420 -0.0248 -0.0049 0.0400  34 LYS A CE  
324 N NZ  . LYS A 38 ? 0.2848 0.3159 0.3206 -0.0363 -0.0170 0.0475  34 LYS A NZ  
325 N N   . GLN A 39 ? 0.1082 0.2185 0.2155 -0.0107 0.0337  0.0497  35 GLN A N   
326 C CA  . GLN A 39 ? 0.1864 0.2973 0.2921 -0.0064 0.0373  0.0518  35 GLN A CA  
327 C C   . GLN A 39 ? 0.1746 0.2858 0.2873 -0.0077 0.0327  0.0483  35 GLN A C   
328 O O   . GLN A 39 ? 0.1837 0.2951 0.2924 -0.0074 0.0340  0.0472  35 GLN A O   
329 C CB  . GLN A 39 ? 0.1916 0.2914 0.2896 0.0026  0.0382  0.0535  35 GLN A CB  
330 C CG  . GLN A 39 ? 0.2420 0.3374 0.3313 0.0129  0.0413  0.0563  35 GLN A CG  
331 C CD  . GLN A 39 ? 0.7448 0.8155 0.8059 0.0281  0.0384  0.0531  35 GLN A CD  
332 O OE1 . GLN A 39 ? 0.5796 0.6525 0.6320 0.0310  0.0413  0.0544  35 GLN A OE1 
333 N NE2 . GLN A 39 ? 0.7442 0.7884 0.7886 0.0384  0.0303  0.0492  35 GLN A NE2 
334 N N   . GLN A 40 ? 0.0794 0.1921 0.2013 -0.0093 0.0263  0.0481  36 GLN A N   
335 C CA  . GLN A 40 ? 0.1367 0.2527 0.2639 -0.0105 0.0206  0.0487  36 GLN A CA  
336 C C   . GLN A 40 ? 0.1754 0.2935 0.2937 -0.0100 0.0225  0.0421  36 GLN A C   
337 O O   . GLN A 40 ? 0.1654 0.2838 0.2831 -0.0104 0.0220  0.0410  36 GLN A O   
338 C CB  . GLN A 40 ? 0.1571 0.2770 0.2942 -0.0120 0.0119  0.0543  36 GLN A CB  
339 C CG  . GLN A 40 ? 0.3285 0.4503 0.4744 -0.0155 0.0028  0.0625  36 GLN A CG  
340 C CD  . GLN A 40 ? 0.2627 0.3885 0.4155 -0.0189 -0.0081 0.0721  36 GLN A CD  
341 O OE1 . GLN A 40 ? 0.2687 0.3929 0.4235 -0.0194 -0.0106 0.0727  36 GLN A OE1 
342 N NE2 . GLN A 40 ? 0.2725 0.4043 0.4278 -0.0215 -0.0146 0.0813  36 GLN A NE2 
343 N N   . LEU A 41 ? 0.1172 0.2372 0.2312 -0.0090 0.0242  0.0392  37 LEU A N   
344 C CA  . LEU A 41 ? 0.0815 0.2052 0.1916 -0.0076 0.0251  0.0363  37 LEU A CA  
345 C C   . LEU A 41 ? 0.2084 0.3264 0.3124 -0.0112 0.0280  0.0350  37 LEU A C   
346 O O   . LEU A 41 ? 0.2233 0.3461 0.3274 -0.0102 0.0277  0.0367  37 LEU A O   
347 C CB  . LEU A 41 ? 0.1033 0.2346 0.2141 -0.0045 0.0246  0.0389  37 LEU A CB  
348 C CG  . LEU A 41 ? 0.1020 0.2443 0.2165 0.0039  0.0218  0.0414  37 LEU A CG  
349 C CD1 . LEU A 41 ? 0.1059 0.2574 0.2201 0.0115  0.0209  0.0438  37 LEU A CD1 
350 C CD2 . LEU A 41 ? 0.1384 0.2903 0.2510 0.0108  0.0209  0.0425  37 LEU A CD2 
351 N N   . GLN A 42 ? 0.1786 0.2910 0.2784 -0.0139 0.0306  0.0363  38 GLN A N   
352 C CA  . GLN A 42 ? 0.2021 0.3148 0.2974 -0.0156 0.0325  0.0412  38 GLN A CA  
353 C C   . GLN A 42 ? 0.3878 0.5027 0.4850 -0.0126 0.0336  0.0444  38 GLN A C   
354 O O   . GLN A 42 ? 0.3744 0.4927 0.4699 -0.0130 0.0340  0.0489  38 GLN A O   
355 C CB  . GLN A 42 ? 0.1578 0.2684 0.2474 -0.0172 0.0347  0.0453  38 GLN A CB  
356 C CG  . GLN A 42 ? 0.1885 0.3009 0.2779 -0.0224 0.0314  0.0503  38 GLN A CG  
357 C CD  . GLN A 42 ? 0.1597 0.2751 0.2444 -0.0250 0.0309  0.0608  38 GLN A CD  
358 O OE1 . GLN A 42 ? 0.1526 0.2712 0.2349 -0.0189 0.0352  0.0638  38 GLN A OE1 
359 N NE2 . GLN A 42 ? 0.2431 0.3601 0.3263 -0.0338 0.0239  0.0695  38 GLN A NE2 
360 N N   . VAL A 43 ? 0.3895 0.5034 0.4916 -0.0104 0.0330  0.0430  39 VAL A N   
361 C CA  . VAL A 43 ? 0.8187 0.9341 0.9236 -0.0084 0.0332  0.0464  39 VAL A CA  
362 C C   . VAL A 43 ? 0.9697 1.0900 1.0769 -0.0089 0.0311  0.0487  39 VAL A C   
363 O O   . VAL A 43 ? 0.6672 0.7908 0.7757 -0.0093 0.0287  0.0475  39 VAL A O   
364 C CB  . VAL A 43 ? 0.7673 0.8813 0.8799 -0.0083 0.0303  0.0460  39 VAL A CB  
365 C CG1 . VAL A 43 ? 0.4604 0.5753 0.5763 -0.0066 0.0306  0.0497  39 VAL A CG1 
366 C CG2 . VAL A 43 ? 0.3701 0.4837 0.4855 -0.0051 0.0327  0.0504  39 VAL A CG2 
367 N N   . GLN A 44 ? 0.8133 0.9353 0.9201 -0.0076 0.0325  0.0526  40 GLN A N   
368 C CA  . GLN A 44 ? 1.1627 1.2896 1.2714 -0.0076 0.0308  0.0554  40 GLN A CA  
369 C C   . GLN A 44 ? 1.1348 1.2644 1.2392 -0.0092 0.0308  0.0549  40 GLN A C   
370 O O   . GLN A 44 ? 1.1744 1.3049 1.2747 -0.0103 0.0321  0.0580  40 GLN A O   
371 C CB  . GLN A 44 ? 0.6821 0.8128 0.7979 -0.0076 0.0266  0.0574  40 GLN A CB  
372 N N   . GLY B 1  ? 0.9659 1.2243 1.2585 0.1473  0.0577  -0.1243 -3 GLY B N   
373 C CA  . GLY B 1  ? 0.6534 0.9213 0.9822 0.1867  0.0587  -0.1241 -3 GLY B CA  
374 C C   . GLY B 1  ? 0.7304 0.9198 1.0643 0.2057  0.0370  -0.1215 -3 GLY B C   
375 O O   . GLY B 1  ? 0.4643 0.5970 0.7754 0.2259  0.0369  -0.1429 -3 GLY B O   
376 N N   . PRO B 2  ? 0.3957 0.5762 0.7503 0.1950  0.0172  -0.0926 -2 PRO B N   
377 C CA  . PRO B 2  ? 0.8197 0.9280 1.1746 0.2064  -0.0053 -0.0831 -2 PRO B CA  
378 C C   . PRO B 2  ? 0.9437 0.9784 1.2740 0.1911  -0.0198 -0.0927 -2 PRO B C   
379 O O   . PRO B 2  ? 1.0997 1.0719 1.4239 0.1938  -0.0405 -0.0830 -2 PRO B O   
380 C CB  . PRO B 2  ? 0.6692 0.7994 1.0437 0.1917  -0.0187 -0.0464 -2 PRO B CB  
381 C CG  . PRO B 2  ? 0.3869 0.5733 0.7606 0.1645  -0.0087 -0.0388 -2 PRO B CG  
382 C CD  . PRO B 2  ? 0.7282 0.9629 1.0987 0.1717  0.0145  -0.0642 -2 PRO B CD  
383 N N   . GLY B 3  ? 0.5086 0.5455 0.8043 0.1646  -0.0099 -0.1029 -1 GLY B N   
384 C CA  . GLY B 3  ? 0.3680 0.3391 0.6302 0.1443  -0.0239 -0.1062 -1 GLY B CA  
385 C C   . GLY B 3  ? 0.3601 0.3272 0.6231 0.1127  -0.0381 -0.0746 -1 GLY B C   
386 O O   . GLY B 3  ? 0.6027 0.5264 0.8447 0.0939  -0.0512 -0.0722 -1 GLY B O   
387 N N   . SER B 4  ? 0.3577 0.3695 0.6431 0.1078  -0.0365 -0.0491 0  SER B N   
388 C CA  . SER B 4  ? 0.2496 0.2671 0.5291 0.0829  -0.0432 -0.0205 0  SER B CA  
389 C C   . SER B 4  ? 0.2267 0.2611 0.4689 0.0634  -0.0307 -0.0287 0  SER B C   
390 O O   . SER B 4  ? 0.2706 0.3416 0.4999 0.0623  -0.0155 -0.0389 0  SER B O   
391 C CB  . SER B 4  ? 0.2432 0.2980 0.5446 0.0852  -0.0437 0.0058  0  SER B CB  
392 O OG  . SER B 4  ? 0.4402 0.4842 0.7758 0.1061  -0.0550 0.0122  0  SER B OG  
393 N N   . ARG B 5  ? 0.2264 0.2375 0.4510 0.0462  -0.0389 -0.0206 1  ARG B N   
394 C CA  . ARG B 5  ? 0.2120 0.2320 0.3981 0.0306  -0.0302 -0.0275 1  ARG B CA  
395 C C   . ARG B 5  ? 0.1952 0.2150 0.3773 0.0185  -0.0387 0.0004  1  ARG B C   
396 O O   . ARG B 5  ? 0.2043 0.2098 0.4109 0.0158  -0.0530 0.0185  1  ARG B O   
397 C CB  . ARG B 5  ? 0.2681 0.2581 0.4293 0.0264  -0.0297 -0.0568 1  ARG B CB  
398 C CG  . ARG B 5  ? 0.3116 0.2571 0.4823 0.0208  -0.0503 -0.0505 1  ARG B CG  
399 C CD  . ARG B 5  ? 0.6272 0.5387 0.7634 0.0069  -0.0561 -0.0696 1  ARG B CD  
400 N NE  . ARG B 5  ? 0.6068 0.4718 0.7514 -0.0020 -0.0806 -0.0613 1  ARG B NE  
401 C CZ  . ARG B 5  ? 1.1459 0.9578 1.2619 -0.0084 -0.0918 -0.0826 1  ARG B CZ  
402 N NH1 . ARG B 5  ? 1.3848 1.1878 1.4637 -0.0042 -0.0775 -0.1148 1  ARG B NH1 
403 N NH2 . ARG B 5  ? 0.6717 0.4365 0.7911 -0.0218 -0.1190 -0.0706 1  ARG B NH2 
404 N N   . ASP B 6  ? 0.1766 0.2130 0.3255 0.0120  -0.0303 0.0054  2  ASP B N   
405 C CA  . ASP B 6  ? 0.1674 0.2075 0.3060 0.0067  -0.0349 0.0279  2  ASP B CA  
406 C C   . ASP B 6  ? 0.1838 0.2049 0.3033 -0.0042 -0.0410 0.0137  2  ASP B C   
407 O O   . ASP B 6  ? 0.1909 0.2043 0.2716 -0.0090 -0.0341 -0.0077 2  ASP B O   
408 C CB  . ASP B 6  ? 0.1682 0.2232 0.2698 0.0102  -0.0247 0.0381  2  ASP B CB  
409 C CG  . ASP B 6  ? 0.1562 0.2186 0.2464 0.0140  -0.0260 0.0618  2  ASP B CG  
410 O OD1 . ASP B 6  ? 0.1730 0.2301 0.2530 0.0093  -0.0305 0.0580  2  ASP B OD1 
411 O OD2 . ASP B 6  ? 0.3351 0.4106 0.4260 0.0232  -0.0224 0.0854  2  ASP B OD2 
412 N N   . VAL B 7  ? 0.1259 0.1700 0.2388 -0.0613 -0.0653 0.0758  3  VAL B N   
413 C CA  . VAL B 7  ? 0.1443 0.1762 0.2505 -0.0654 -0.0730 0.0786  3  VAL B CA  
414 C C   . VAL B 7  ? 0.2067 0.2463 0.3160 -0.0640 -0.0690 0.0799  3  VAL B C   
415 O O   . VAL B 7  ? 0.2172 0.2466 0.3211 -0.0644 -0.0687 0.0781  3  VAL B O   
416 C CB  . VAL B 7  ? 0.2306 0.2566 0.3265 -0.0707 -0.0840 0.0850  3  VAL B CB  
417 C CG1 . VAL B 7  ? 0.3087 0.3213 0.3899 -0.0787 -0.0939 0.0904  3  VAL B CG1 
418 C CG2 . VAL B 7  ? 0.2190 0.2305 0.3095 -0.0737 -0.0889 0.0843  3  VAL B CG2 
419 N N   . GLU B 8  ? 0.1560 0.2110 0.2719 -0.0611 -0.0641 0.0842  4  GLU B N   
420 C CA  . GLU B 8  ? 0.1585 0.2224 0.2807 -0.0594 -0.0592 0.0906  4  GLU B CA  
421 C C   . GLU B 8  ? 0.1376 0.1862 0.2482 -0.0554 -0.0487 0.0800  4  GLU B C   
422 O O   . GLU B 8  ? 0.2081 0.2506 0.3128 -0.0518 -0.0456 0.0793  4  GLU B O   
423 C CB  . GLU B 8  ? 0.2706 0.3516 0.3993 -0.0534 -0.0530 0.1022  4  GLU B CB  
424 C CG  . GLU B 8  ? 0.5300 0.6032 0.6498 -0.0494 -0.0418 0.0975  4  GLU B CG  
425 C CD  . GLU B 8  ? 1.0239 1.1118 1.1467 -0.0396 -0.0345 0.1127  4  GLU B CD  
426 O OE1 . GLU B 8  ? 0.5517 0.6540 0.6795 -0.0300 -0.0301 0.1280  4  GLU B OE1 
427 O OE2 . GLU B 8  ? 0.3452 0.4330 0.4661 -0.0403 -0.0325 0.1126  4  GLU B OE2 
428 N N   . MET B 9  ? 0.1451 0.1893 0.2521 -0.0587 -0.0455 0.0739  5  MET B N   
429 C CA  A MET B 9  ? 0.1417 0.1742 0.2364 -0.0600 -0.0392 0.0680  5  MET B CA  
430 C CA  B MET B 9  ? 0.1425 0.1749 0.2372 -0.0598 -0.0393 0.0680  5  MET B CA  
431 C C   . MET B 9  ? 0.1317 0.1607 0.2278 -0.0575 -0.0417 0.0650  5  MET B C   
432 O O   . MET B 9  ? 0.1821 0.2032 0.2700 -0.0550 -0.0374 0.0620  5  MET B O   
433 C CB  A MET B 9  ? 0.2293 0.2636 0.3206 -0.0697 -0.0393 0.0680  5  MET B CB  
434 C CB  B MET B 9  ? 0.1702 0.2036 0.2608 -0.0694 -0.0390 0.0677  5  MET B CB  
435 C CG  A MET B 9  ? 0.1500 0.1731 0.2230 -0.0785 -0.0361 0.0669  5  MET B CG  
436 C CG  B MET B 9  ? 0.2062 0.2288 0.2803 -0.0726 -0.0340 0.0685  5  MET B CG  
437 S SD  A MET B 9  ? 0.1945 0.2199 0.2543 -0.0900 -0.0383 0.0685  5  MET B SD  
438 S SD  B MET B 9  ? 0.3893 0.4131 0.4534 -0.0869 -0.0373 0.0687  5  MET B SD  
439 C CE  A MET B 9  ? 0.6604 0.6654 0.7039 -0.0934 -0.0337 0.0696  5  MET B CE  
440 C CE  B MET B 9  ? 0.1689 0.1844 0.2203 -0.0921 -0.0365 0.0680  5  MET B CE  
441 N N   . GLU B 10 ? 0.1732 0.2035 0.2754 -0.0568 -0.0470 0.0664  6  GLU B N   
442 C CA  . GLU B 10 ? 0.1720 0.1909 0.2672 -0.0508 -0.0461 0.0647  6  GLU B CA  
443 C C   . GLU B 10 ? 0.2289 0.2350 0.3147 -0.0493 -0.0486 0.0626  6  GLU B C   
444 O O   . GLU B 10 ? 0.2006 0.1977 0.2788 -0.0449 -0.0448 0.0596  6  GLU B O   
445 C CB  . GLU B 10 ? 0.2398 0.2511 0.3322 -0.0473 -0.0484 0.0678  6  GLU B CB  
446 C CG  . GLU B 10 ? 0.7842 0.8135 0.8889 -0.0470 -0.0446 0.0741  6  GLU B CG  
447 C CD  . GLU B 10 ? 0.6594 0.6969 0.7657 -0.0396 -0.0362 0.0810  6  GLU B CD  
448 O OE1 . GLU B 10 ? 0.8394 0.8985 0.9583 -0.0402 -0.0333 0.0920  6  GLU B OE1 
449 O OE2 . GLU B 10 ? 1.0978 1.1242 1.1944 -0.0338 -0.0329 0.0782  6  GLU B OE2 
450 N N   . GLU B 11 ? 0.1597 0.1695 0.2477 -0.0540 -0.0552 0.0671  7  GLU B N   
451 C CA  . GLU B 11 ? 0.1696 0.1740 0.2508 -0.0562 -0.0595 0.0706  7  GLU B CA  
452 C C   . GLU B 11 ? 0.2200 0.2318 0.3047 -0.0508 -0.0504 0.0696  7  GLU B C   
453 O O   . GLU B 11 ? 0.2448 0.2482 0.3225 -0.0498 -0.0501 0.0680  7  GLU B O   
454 C CB  . GLU B 11 ? 0.2297 0.2459 0.3157 -0.0651 -0.0706 0.0831  7  GLU B CB  
455 C CG  . GLU B 11 ? 0.5008 0.4997 0.5729 -0.0747 -0.0833 0.0852  7  GLU B CG  
456 C CD  . GLU B 11 ? 0.9444 0.9038 0.9840 -0.0784 -0.0883 0.0807  7  GLU B CD  
457 O OE1 . GLU B 11 ? 0.5912 0.5238 0.6131 -0.0716 -0.0838 0.0732  7  GLU B OE1 
458 O OE2 . GLU B 11 ? 0.9608 0.9145 0.9894 -0.0876 -0.0959 0.0870  7  GLU B OE2 
459 N N   . MET B 12 ? 0.1808 0.2017 0.2702 -0.0474 -0.0421 0.0701  8  MET B N   
460 C CA  . MET B 12 ? 0.1456 0.1625 0.2280 -0.0413 -0.0314 0.0690  8  MET B CA  
461 C C   . MET B 12 ? 0.1575 0.1623 0.2314 -0.0421 -0.0290 0.0595  8  MET B C   
462 O O   . MET B 12 ? 0.1652 0.1646 0.2337 -0.0386 -0.0250 0.0579  8  MET B O   
463 C CB  . MET B 12 ? 0.1575 0.1726 0.2329 -0.0382 -0.0227 0.0712  8  MET B CB  
464 C CG  . MET B 12 ? 0.2138 0.2455 0.2978 -0.0308 -0.0198 0.0865  8  MET B CG  
465 S SD  . MET B 12 ? 0.2442 0.2631 0.3081 -0.0188 -0.0021 0.0920  8  MET B SD  
466 C CE  . MET B 12 ? 0.2405 0.2530 0.3017 -0.0313 -0.0093 0.0825  8  MET B CE  
467 N N   . ILE B 13 ? 0.1485 0.1535 0.2231 -0.0462 -0.0311 0.0564  9  ILE B N   
468 C CA  . ILE B 13 ? 0.1478 0.1502 0.2184 -0.0467 -0.0292 0.0537  9  ILE B CA  
469 C C   . ILE B 13 ? 0.1732 0.1695 0.2432 -0.0403 -0.0306 0.0521  9  ILE B C   
470 O O   . ILE B 13 ? 0.1735 0.1661 0.2389 -0.0379 -0.0275 0.0497  9  ILE B O   
471 C CB  . ILE B 13 ? 0.1453 0.1587 0.2213 -0.0516 -0.0308 0.0582  9  ILE B CB  
472 C CG1 . ILE B 13 ? 0.1509 0.1641 0.2193 -0.0626 -0.0306 0.0600  9  ILE B CG1 
473 C CG2 . ILE B 13 ? 0.1474 0.1671 0.2233 -0.0504 -0.0287 0.0624  9  ILE B CG2 
474 C CD1 . ILE B 13 ? 0.1524 0.1825 0.2308 -0.0700 -0.0345 0.0678  9  ILE B CD1 
475 N N   . GLU B 14 ? 0.1909 0.1806 0.2598 -0.0388 -0.0359 0.0533  10 GLU B N   
476 C CA  . GLU B 14 ? 0.1831 0.1547 0.2390 -0.0347 -0.0374 0.0516  10 GLU B CA  
477 C C   . GLU B 14 ? 0.2444 0.2149 0.2984 -0.0376 -0.0393 0.0514  10 GLU B C   
478 O O   . GLU B 14 ? 0.2214 0.1809 0.2663 -0.0345 -0.0377 0.0486  10 GLU B O   
479 C CB  . GLU B 14 ? 0.2292 0.1810 0.2706 -0.0363 -0.0441 0.0536  10 GLU B CB  
480 C CG  . GLU B 14 ? 0.4097 0.3559 0.4471 -0.0278 -0.0387 0.0556  10 GLU B CG  
481 C CD  . GLU B 14 ? 0.9920 0.9078 1.0053 -0.0288 -0.0442 0.0570  10 GLU B CD  
482 O OE1 . GLU B 14 ? 0.7549 0.6679 0.7662 -0.0206 -0.0386 0.0608  10 GLU B OE1 
483 O OE2 . GLU B 14 ? 0.6905 0.5854 0.6848 -0.0394 -0.0546 0.0566  10 GLU B OE2 
484 N N   . GLN B 15 ? 0.1810 0.1652 0.2442 -0.0418 -0.0410 0.0569  11 GLN B N   
485 C CA  . GLN B 15 ? 0.1942 0.1845 0.2592 -0.0425 -0.0408 0.0623  11 GLN B CA  
486 C C   . GLN B 15 ? 0.2665 0.2561 0.3306 -0.0358 -0.0306 0.0565  11 GLN B C   
487 O O   . GLN B 15 ? 0.2268 0.2139 0.2883 -0.0349 -0.0300 0.0567  11 GLN B O   
488 C CB  . GLN B 15 ? 0.2729 0.2839 0.3498 -0.0435 -0.0410 0.0754  11 GLN B CB  
489 C CG  . GLN B 15 ? 0.3886 0.4049 0.4664 -0.0547 -0.0548 0.0865  11 GLN B CG  
490 C CD  . GLN B 15 ? 0.6257 0.6675 0.7190 -0.0531 -0.0536 0.1007  11 GLN B CD  
491 O OE1 . GLN B 15 ? 0.5067 0.5581 0.6055 -0.0411 -0.0398 0.1032  11 GLN B OE1 
492 N NE2 . GLN B 15 ? 0.5175 0.5656 0.6121 -0.0648 -0.0672 0.1105  11 GLN B NE2 
493 N N   . LEU B 16 ? 0.1929 0.1819 0.2553 -0.0338 -0.0238 0.0522  12 LEU B N   
494 C CA  . LEU B 16 ? 0.1882 0.1703 0.2419 -0.0317 -0.0166 0.0476  12 LEU B CA  
495 C C   . LEU B 16 ? 0.1907 0.1701 0.2437 -0.0313 -0.0190 0.0432  12 LEU B C   
496 O O   . LEU B 16 ? 0.1704 0.1466 0.2199 -0.0291 -0.0160 0.0410  12 LEU B O   
497 C CB  . LEU B 16 ? 0.2122 0.1874 0.2544 -0.0359 -0.0124 0.0465  12 LEU B CB  
498 C CG  . LEU B 16 ? 0.2498 0.2163 0.2803 -0.0311 -0.0036 0.0508  12 LEU B CG  
499 C CD1 . LEU B 16 ? 0.3969 0.3491 0.4092 -0.0391 -0.0025 0.0491  12 LEU B CD1 
500 C CD2 . LEU B 16 ? 0.3082 0.2603 0.3230 -0.0238 0.0067  0.0513  12 LEU B CD2 
501 N N   . GLN B 17 ? 0.1844 0.1654 0.2401 -0.0311 -0.0224 0.0438  13 GLN B N   
502 C CA  . GLN B 17 ? 0.2091 0.1880 0.2622 -0.0253 -0.0210 0.0438  13 GLN B CA  
503 C C   . GLN B 17 ? 0.2167 0.1806 0.2612 -0.0217 -0.0226 0.0409  13 GLN B C   
504 O O   . GLN B 17 ? 0.2078 0.1683 0.2481 -0.0166 -0.0195 0.0396  13 GLN B O   
505 C CB  . GLN B 17 ? 0.1837 0.1666 0.2389 -0.0210 -0.0203 0.0496  13 GLN B CB  
506 C CG  . GLN B 17 ? 0.1658 0.1680 0.2298 -0.0285 -0.0204 0.0559  13 GLN B CG  
507 C CD  . GLN B 17 ? 0.1910 0.2037 0.2616 -0.0241 -0.0191 0.0652  13 GLN B CD  
508 O OE1 . GLN B 17 ? 0.2399 0.2381 0.3049 -0.0167 -0.0188 0.0635  13 GLN B OE1 
509 N NE2 . GLN B 17 ? 0.2031 0.2393 0.2829 -0.0304 -0.0193 0.0770  13 GLN B NE2 
510 N N   . GLU B 18 ? 0.2022 0.1579 0.2422 -0.0266 -0.0288 0.0421  14 GLU B N   
511 C CA  . GLU B 18 ? 0.2380 0.1776 0.2645 -0.0294 -0.0334 0.0422  14 GLU B CA  
512 C C   . GLU B 18 ? 0.2805 0.2331 0.3166 -0.0307 -0.0311 0.0431  14 GLU B C   
513 O O   . GLU B 18 ? 0.2473 0.1905 0.2750 -0.0304 -0.0316 0.0414  14 GLU B O   
514 C CB  . GLU B 18 ? 0.2660 0.1946 0.2820 -0.0400 -0.0443 0.0480  14 GLU B CB  
515 C CG  . GLU B 18 ? 0.9379 0.8468 0.9331 -0.0505 -0.0534 0.0518  14 GLU B CG  
516 C CD  . GLU B 18 ? 0.9665 0.8442 0.9361 -0.0432 -0.0488 0.0443  14 GLU B CD  
517 O OE1 . GLU B 18 ? 0.7650 0.6196 0.7169 -0.0320 -0.0424 0.0403  14 GLU B OE1 
518 O OE2 . GLU B 18 ? 0.6964 0.5731 0.6629 -0.0470 -0.0502 0.0448  14 GLU B OE2 
519 N N   . LYS B 19 ? 0.2142 0.1843 0.2634 -0.0303 -0.0267 0.0463  15 LYS B N   
520 C CA  . LYS B 19 ? 0.1989 0.1769 0.2526 -0.0273 -0.0203 0.0482  15 LYS B CA  
521 C C   . LYS B 19 ? 0.1837 0.1555 0.2327 -0.0233 -0.0155 0.0402  15 LYS B C   
522 O O   . LYS B 19 ? 0.2101 0.1823 0.2590 -0.0218 -0.0135 0.0400  15 LYS B O   
523 C CB  . LYS B 19 ? 0.2194 0.2059 0.2768 -0.0233 -0.0122 0.0540  15 LYS B CB  
524 C CG  . LYS B 19 ? 0.3677 0.3630 0.4282 -0.0170 -0.0041 0.0636  15 LYS B CG  
525 C CD  . LYS B 19 ? 0.4405 0.4364 0.4963 -0.0081 0.0077  0.0713  15 LYS B CD  
526 C CE  . LYS B 19 ? 0.5682 0.5735 0.6252 0.0045  0.0211  0.0864  15 LYS B CE  
527 N NZ  . LYS B 19 ? 0.6616 0.6423 0.6931 0.0181  0.0394  0.0862  15 LYS B NZ  
528 N N   . VAL B 20 ? 0.1876 0.1579 0.2341 -0.0229 -0.0143 0.0365  16 VAL B N   
529 C CA  . VAL B 20 ? 0.1936 0.1646 0.2375 -0.0213 -0.0121 0.0338  16 VAL B CA  
530 C C   . VAL B 20 ? 0.2328 0.1982 0.2744 -0.0159 -0.0134 0.0325  16 VAL B C   
531 O O   . VAL B 20 ? 0.2046 0.1702 0.2456 -0.0141 -0.0116 0.0305  16 VAL B O   
532 C CB  . VAL B 20 ? 0.2244 0.2032 0.2688 -0.0244 -0.0129 0.0375  16 VAL B CB  
533 C CG1 . VAL B 20 ? 0.1959 0.1846 0.2418 -0.0231 -0.0124 0.0417  16 VAL B CG1 
534 C CG2 . VAL B 20 ? 0.2170 0.1923 0.2532 -0.0333 -0.0122 0.0382  16 VAL B CG2 
535 N N   . HIS B 21 ? 0.1886 0.1432 0.2233 -0.0129 -0.0160 0.0336  17 HIS B N   
536 C CA  . HIS B 21 ? 0.2448 0.1802 0.2638 -0.0069 -0.0157 0.0323  17 HIS B CA  
537 C C   . HIS B 21 ? 0.2337 0.1628 0.2487 -0.0138 -0.0200 0.0306  17 HIS B C   
538 O O   . HIS B 21 ? 0.2461 0.1678 0.2539 -0.0102 -0.0181 0.0285  17 HIS B O   
539 C CB  . HIS B 21 ? 0.2992 0.2104 0.2985 -0.0038 -0.0171 0.0339  17 HIS B CB  
540 C CG  . HIS B 21 ? 0.5152 0.4324 0.5162 0.0089  -0.0092 0.0396  17 HIS B CG  
541 N ND1 . HIS B 21 ? 0.8622 0.7762 0.8612 0.0100  -0.0093 0.0431  17 HIS B ND1 
542 C CD2 . HIS B 21 ? 0.5129 0.4462 0.5214 0.0205  -0.0010 0.0464  17 HIS B CD2 
543 C CE1 . HIS B 21 ? 0.4867 0.4150 0.4920 0.0228  -0.0005 0.0526  17 HIS B CE1 
544 N NE2 . HIS B 21 ? 0.6082 0.5505 0.6200 0.0290  0.0044  0.0565  17 HIS B NE2 
545 N N   . GLU B 22 ? 0.2174 0.1529 0.2379 -0.0236 -0.0257 0.0347  18 GLU B N   
546 C CA  . GLU B 22 ? 0.2100 0.1477 0.2301 -0.0318 -0.0304 0.0397  18 GLU B CA  
547 C C   . GLU B 22 ? 0.2261 0.1798 0.2600 -0.0265 -0.0229 0.0380  18 GLU B C   
548 O O   . GLU B 22 ? 0.1914 0.1427 0.2221 -0.0289 -0.0244 0.0386  18 GLU B O   
549 C CB  . GLU B 22 ? 0.2402 0.1930 0.2693 -0.0419 -0.0367 0.0518  18 GLU B CB  
550 C CG  . GLU B 22 ? 0.2449 0.2136 0.2809 -0.0512 -0.0414 0.0651  18 GLU B CG  
551 C CD  . GLU B 22 ? 0.4102 0.3532 0.4201 -0.0652 -0.0532 0.0663  18 GLU B CD  
552 O OE1 . GLU B 22 ? 0.5887 0.4966 0.5700 -0.0677 -0.0581 0.0590  18 GLU B OE1 
553 O OE2 . GLU B 22 ? 0.3863 0.3398 0.3994 -0.0734 -0.0569 0.0753  18 GLU B OE2 
554 N N   . LEU B 23 ? 0.1679 0.1340 0.2126 -0.0212 -0.0154 0.0367  19 LEU B N   
555 C CA  . LEU B 23 ? 0.1691 0.1409 0.2175 -0.0170 -0.0082 0.0349  19 LEU B CA  
556 C C   . LEU B 23 ? 0.1726 0.1394 0.2167 -0.0139 -0.0082 0.0282  19 LEU B C   
557 O O   . LEU B 23 ? 0.1866 0.1556 0.2323 -0.0128 -0.0063 0.0272  19 LEU B O   
558 C CB  . LEU B 23 ? 0.2051 0.1764 0.2503 -0.0144 -0.0006 0.0349  19 LEU B CB  
559 C CG  . LEU B 23 ? 0.2001 0.1778 0.2485 -0.0109 0.0055  0.0452  19 LEU B CG  
560 C CD1 . LEU B 23 ? 0.2782 0.2438 0.3132 -0.0083 0.0126  0.0443  19 LEU B CD1 
561 C CD2 . LEU B 23 ? 0.2675 0.2523 0.3194 -0.0048 0.0135  0.0529  19 LEU B CD2 
562 N N   . GLU B 24 ? 0.1930 0.1561 0.2330 -0.0112 -0.0094 0.0264  20 GLU B N   
563 C CA  . GLU B 24 ? 0.2124 0.1761 0.2499 -0.0049 -0.0077 0.0256  20 GLU B CA  
564 C C   . GLU B 24 ? 0.1995 0.1482 0.2266 -0.0027 -0.0090 0.0236  20 GLU B C   
565 O O   . GLU B 24 ? 0.2132 0.1652 0.2418 0.0004  -0.0071 0.0222  20 GLU B O   
566 C CB  . GLU B 24 ? 0.2152 0.1825 0.2514 0.0014  -0.0060 0.0309  20 GLU B CB  
567 C CG  . GLU B 24 ? 0.2085 0.1920 0.2524 -0.0056 -0.0070 0.0354  20 GLU B CG  
568 C CD  . GLU B 24 ? 0.3974 0.3931 0.4451 -0.0016 -0.0060 0.0454  20 GLU B CD  
569 O OE1 . GLU B 24 ? 0.4197 0.4039 0.4614 0.0073  -0.0035 0.0462  20 GLU B OE1 
570 O OE2 . GLU B 24 ? 0.3884 0.4026 0.4413 -0.0099 -0.0085 0.0542  20 GLU B OE2 
571 N N   . ARG B 25 ? 0.2000 0.1298 0.2130 -0.0070 -0.0138 0.0242  21 ARG B N   
572 C CA  . ARG B 25 ? 0.2223 0.1288 0.2147 -0.0104 -0.0176 0.0234  21 ARG B CA  
573 C C   . ARG B 25 ? 0.2655 0.1875 0.2709 -0.0186 -0.0202 0.0253  21 ARG B C   
574 O O   . ARG B 25 ? 0.2585 0.1742 0.2575 -0.0170 -0.0194 0.0231  21 ARG B O   
575 C CB  . ARG B 25 ? 0.2994 0.1766 0.2655 -0.0200 -0.0257 0.0260  21 ARG B CB  
576 C CG  . ARG B 25 ? 0.4143 0.2662 0.3585 -0.0084 -0.0205 0.0246  21 ARG B CG  
577 C CD  . ARG B 25 ? 0.7108 0.5181 0.6140 -0.0191 -0.0288 0.0261  21 ARG B CD  
578 N NE  . ARG B 25 ? 0.5212 0.3463 0.4394 -0.0358 -0.0397 0.0317  21 ARG B NE  
579 C CZ  . ARG B 25 ? 0.8390 0.6667 0.7612 -0.0334 -0.0394 0.0328  21 ARG B CZ  
580 N NH1 . ARG B 25 ? 0.3992 0.2459 0.3364 -0.0474 -0.0487 0.0397  21 ARG B NH1 
581 N NH2 . ARG B 25 ? 0.5458 0.3607 0.4590 -0.0157 -0.0287 0.0298  21 ARG B NH2 
582 N N   . GLN B 26 ? 0.1815 0.1248 0.2050 -0.0249 -0.0214 0.0315  22 GLN B N   
583 C CA  . GLN B 26 ? 0.2219 0.1840 0.2594 -0.0292 -0.0206 0.0383  22 GLN B CA  
584 C C   . GLN B 26 ? 0.1898 0.1596 0.2357 -0.0203 -0.0126 0.0321  22 GLN B C   
585 O O   . GLN B 26 ? 0.1756 0.1510 0.2252 -0.0225 -0.0127 0.0342  22 GLN B O   
586 C CB  . GLN B 26 ? 0.1959 0.1793 0.2492 -0.0304 -0.0181 0.0498  22 GLN B CB  
587 C CG  . GLN B 26 ? 0.2350 0.2211 0.2847 -0.0444 -0.0291 0.0631  22 GLN B CG  
588 C CD  . GLN B 26 ? 0.3998 0.4137 0.4683 -0.0422 -0.0247 0.0793  22 GLN B CD  
589 O OE1 . GLN B 26 ? 0.4196 0.4533 0.5026 -0.0325 -0.0133 0.0877  22 GLN B OE1 
590 N NE2 . GLN B 26 ? 0.3189 0.3331 0.3845 -0.0496 -0.0323 0.0860  22 GLN B NE2 
591 N N   . ASN B 27 ? 0.1569 0.1278 0.2046 -0.0130 -0.0072 0.0263  23 ASN B N   
592 C CA  . ASN B 27 ? 0.1454 0.1218 0.1965 -0.0089 -0.0022 0.0225  23 ASN B CA  
593 C C   . ASN B 27 ? 0.1969 0.1696 0.2441 -0.0055 -0.0042 0.0188  23 ASN B C   
594 O O   . ASN B 27 ? 0.1904 0.1693 0.2422 -0.0044 -0.0023 0.0175  23 ASN B O   
595 C CB  . ASN B 27 ? 0.1789 0.1547 0.2262 -0.0083 0.0005  0.0210  23 ASN B CB  
596 C CG  . ASN B 27 ? 0.2720 0.2435 0.3149 -0.0089 0.0062  0.0241  23 ASN B CG  
597 O OD1 . ASN B 27 ? 0.2174 0.1932 0.2653 -0.0063 0.0106  0.0304  23 ASN B OD1 
598 N ND2 . ASN B 27 ? 0.2504 0.2132 0.2814 -0.0122 0.0071  0.0231  23 ASN B ND2 
599 N N   . GLU B 28 ? 0.1915 0.1512 0.2270 -0.0016 -0.0061 0.0183  24 GLU B N   
600 C CA  . GLU B 28 ? 0.2166 0.1661 0.2409 0.0063  -0.0045 0.0171  24 GLU B CA  
601 C C   . GLU B 28 ? 0.2295 0.1690 0.2468 -0.0004 -0.0080 0.0156  24 GLU B C   
602 O O   . GLU B 28 ? 0.2278 0.1709 0.2469 0.0032  -0.0061 0.0140  24 GLU B O   
603 C CB  . GLU B 28 ? 0.2633 0.1904 0.2667 0.0150  -0.0023 0.0189  24 GLU B CB  
604 C CG  . GLU B 28 ? 0.6655 0.6090 0.6771 0.0264  0.0035  0.0258  24 GLU B CG  
605 C CD  . GLU B 28 ? 1.0283 0.9991 1.0565 0.0299  0.0056  0.0307  24 GLU B CD  
606 O OE1 . GLU B 28 ? 0.4591 0.4242 0.4801 0.0386  0.0092  0.0312  24 GLU B OE1 
607 O OE2 . GLU B 28 ? 0.5476 0.5414 0.5913 0.0221  0.0026  0.0345  24 GLU B OE2 
608 N N   . VAL B 29 ? 0.2007 0.1327 0.2125 -0.0126 -0.0144 0.0190  25 VAL B N   
609 C CA  . VAL B 29 ? 0.2200 0.1457 0.2240 -0.0244 -0.0206 0.0226  25 VAL B CA  
610 C C   . VAL B 29 ? 0.1944 0.1492 0.2243 -0.0240 -0.0170 0.0248  25 VAL B C   
611 O O   . VAL B 29 ? 0.1863 0.1389 0.2130 -0.0260 -0.0180 0.0239  25 VAL B O   
612 C CB  . VAL B 29 ? 0.2339 0.1545 0.2296 -0.0419 -0.0309 0.0324  25 VAL B CB  
613 C CG1 . VAL B 29 ? 0.2363 0.1665 0.2337 -0.0592 -0.0391 0.0437  25 VAL B CG1 
614 C CG2 . VAL B 29 ? 0.3163 0.1945 0.2735 -0.0449 -0.0358 0.0295  25 VAL B CG2 
615 N N   . LEU B 30 ? 0.1772 0.1540 0.2275 -0.0210 -0.0115 0.0281  26 LEU B N   
616 C CA  . LEU B 30 ? 0.1585 0.1548 0.2256 -0.0181 -0.0052 0.0315  26 LEU B CA  
617 C C   . LEU B 30 ? 0.1574 0.1524 0.2244 -0.0110 -0.0020 0.0223  26 LEU B C   
618 O O   . LEU B 30 ? 0.1353 0.1382 0.2087 -0.0115 -0.0010 0.0231  26 LEU B O   
619 C CB  . LEU B 30 ? 0.1532 0.1598 0.2287 -0.0128 0.0033  0.0373  26 LEU B CB  
620 C CG  . LEU B 30 ? 0.1523 0.1693 0.2333 -0.0182 0.0012  0.0516  26 LEU B CG  
621 C CD1 . LEU B 30 ? 0.2523 0.2754 0.3369 -0.0076 0.0138  0.0586  26 LEU B CD1 
622 C CD2 . LEU B 30 ? 0.1854 0.2215 0.2765 -0.0283 -0.0039 0.0676  26 LEU B CD2 
623 N N   . LYS B 31 ? 0.1522 0.1416 0.2136 -0.0053 -0.0012 0.0166  27 LYS B N   
624 C CA  . LYS B 31 ? 0.1359 0.1304 0.1986 -0.0001 -0.0002 0.0132  27 LYS B CA  
625 C C   . LYS B 31 ? 0.1690 0.1579 0.2263 0.0026  -0.0020 0.0117  27 LYS B C   
626 O O   . LYS B 31 ? 0.1705 0.1682 0.2343 0.0041  -0.0011 0.0107  27 LYS B O   
627 C CB  . LYS B 31 ? 0.1873 0.1836 0.2463 0.0035  -0.0006 0.0147  27 LYS B CB  
628 C CG  . LYS B 31 ? 0.5020 0.5113 0.5642 0.0086  -0.0009 0.0183  27 LYS B CG  
629 C CD  . LYS B 31 ? 0.8544 0.8741 0.9166 0.0108  -0.0018 0.0269  27 LYS B CD  
630 C CE  . LYS B 31 ? 0.8238 0.8303 0.8776 0.0193  0.0011  0.0279  27 LYS B CE  
631 N NZ  . LYS B 31 ? 0.4528 0.4478 0.4953 0.0339  0.0065  0.0297  27 LYS B NZ  
632 N N   . ASN B 32 ? 0.1725 0.1406 0.2123 0.0023  -0.0044 0.0117  28 ASN B N   
633 C CA  . ASN B 32 ? 0.1801 0.1300 0.2020 0.0059  -0.0046 0.0101  28 ASN B CA  
634 C C   . ASN B 32 ? 0.2017 0.1534 0.2261 -0.0066 -0.0094 0.0112  28 ASN B C   
635 O O   . ASN B 32 ? 0.1996 0.1466 0.2180 -0.0043 -0.0088 0.0092  28 ASN B O   
636 C CB  . ASN B 32 ? 0.2254 0.1391 0.2142 0.0094  -0.0045 0.0100  28 ASN B CB  
637 C CG  . ASN B 32 ? 0.3026 0.2188 0.2897 0.0275  0.0038  0.0130  28 ASN B CG  
638 O OD1 . ASN B 32 ? 0.3233 0.2687 0.3317 0.0353  0.0073  0.0168  28 ASN B OD1 
639 N ND2 . ASN B 32 ? 0.3760 0.2657 0.3394 0.0323  0.0060  0.0144  28 ASN B ND2 
640 N N   . ARG B 33 ? 0.1596 0.1236 0.1957 -0.0188 -0.0133 0.0173  29 ARG B N   
641 C CA  . ARG B 33 ? 0.1716 0.1497 0.2179 -0.0301 -0.0167 0.0245  29 ARG B CA  
642 C C   . ARG B 33 ? 0.1516 0.1520 0.2195 -0.0217 -0.0098 0.0217  29 ARG B C   
643 O O   . ARG B 33 ? 0.1260 0.1313 0.1967 -0.0256 -0.0115 0.0229  29 ARG B O   
644 C CB  . ARG B 33 ? 0.1454 0.1418 0.2048 -0.0409 -0.0195 0.0387  29 ARG B CB  
645 C CG  . ARG B 33 ? 0.1734 0.1503 0.2104 -0.0563 -0.0305 0.0455  29 ARG B CG  
646 C CD  . ARG B 33 ? 0.1825 0.1890 0.2382 -0.0677 -0.0340 0.0661  29 ARG B CD  
647 N NE  . ARG B 33 ? 0.2140 0.1985 0.2439 -0.0851 -0.0472 0.0724  29 ARG B NE  
648 C CZ  . ARG B 33 ? 0.2278 0.2329 0.2679 -0.0957 -0.0527 0.0908  29 ARG B CZ  
649 N NH1 . ARG B 33 ? 0.2388 0.2875 0.3149 -0.0862 -0.0427 0.1057  29 ARG B NH1 
650 N NH2 . ARG B 33 ? 0.2854 0.2659 0.2954 -0.1115 -0.0663 0.0939  29 ARG B NH2 
651 N N   . LEU B 34 ? 0.1295 0.1405 0.2088 -0.0127 -0.0032 0.0191  30 LEU B N   
652 C CA  . LEU B 34 ? 0.0948 0.1186 0.1855 -0.0072 0.0021  0.0167  30 LEU B CA  
653 C C   . LEU B 34 ? 0.0985 0.1201 0.1852 -0.0026 -0.0002 0.0106  30 LEU B C   
654 O O   . LEU B 34 ? 0.1049 0.1362 0.1998 -0.0030 0.0002  0.0103  30 LEU B O   
655 C CB  . LEU B 34 ? 0.1429 0.1651 0.2318 -0.0028 0.0076  0.0155  30 LEU B CB  
656 C CG  . LEU B 34 ? 0.1300 0.1538 0.2210 -0.0019 0.0151  0.0237  30 LEU B CG  
657 C CD1 . LEU B 34 ? 0.2211 0.2300 0.2977 0.0009  0.0192  0.0215  30 LEU B CD1 
658 C CD2 . LEU B 34 ? 0.2045 0.2364 0.3020 0.0023  0.0241  0.0299  30 LEU B CD2 
659 N N   . ILE B 35 ? 0.1204 0.1319 0.1953 0.0039  -0.0012 0.0084  31 ILE B N   
660 C CA  . ILE B 35 ? 0.1233 0.1351 0.1935 0.0133  -0.0004 0.0079  31 ILE B CA  
661 C C   . ILE B 35 ? 0.1516 0.1491 0.2103 0.0110  -0.0018 0.0060  31 ILE B C   
662 O O   . ILE B 35 ? 0.1444 0.1506 0.2081 0.0151  -0.0008 0.0055  31 ILE B O   
663 C CB  . ILE B 35 ? 0.1247 0.1279 0.1822 0.0246  0.0025  0.0114  31 ILE B CB  
664 C CG1 . ILE B 35 ? 0.1528 0.1762 0.2228 0.0238  0.0016  0.0166  31 ILE B CG1 
665 C CG2 . ILE B 35 ? 0.2130 0.2132 0.2608 0.0392  0.0073  0.0153  31 ILE B CG2 
666 C CD1 . ILE B 35 ? 0.2043 0.2247 0.2664 0.0324  0.0043  0.0234  31 ILE B CD1 
667 N N   . SER B 36 ? 0.1423 0.1166 0.1824 0.0014  -0.0057 0.0064  32 SER B N   
668 C CA  . SER B 36 ? 0.1664 0.1192 0.1856 -0.0070 -0.0098 0.0063  32 SER B CA  
669 C C   . SER B 36 ? 0.1545 0.1340 0.1979 -0.0156 -0.0120 0.0089  32 SER B C   
670 O O   . SER B 36 ? 0.1822 0.1558 0.2181 -0.0163 -0.0129 0.0074  32 SER B O   
671 C CB  . SER B 36 ? 0.2269 0.1520 0.2201 -0.0231 -0.0176 0.0102  32 SER B CB  
672 O OG  . SER B 36 ? 0.3351 0.2279 0.2946 -0.0355 -0.0237 0.0111  32 SER B OG  
673 N N   . ALA B 37 ? 0.1166 0.1231 0.1865 -0.0210 -0.0114 0.0144  33 ALA B N   
674 C CA  . ALA B 37 ? 0.0970 0.1284 0.1888 -0.0259 -0.0105 0.0195  33 ALA B CA  
675 C C   . ALA B 37 ? 0.0993 0.1423 0.2025 -0.0145 -0.0058 0.0125  33 ALA B C   
676 O O   . ALA B 37 ? 0.1017 0.1533 0.2114 -0.0174 -0.0069 0.0132  33 ALA B O   
677 C CB  . ALA B 37 ? 0.0873 0.1406 0.1988 -0.0284 -0.0062 0.0304  33 ALA B CB  
678 N N   . LYS B 38 ? 0.0936 0.1387 0.1985 -0.0043 -0.0024 0.0083  34 LYS B N   
679 C CA  . LYS B 38 ? 0.0708 0.1287 0.1840 0.0026  -0.0012 0.0056  34 LYS B CA  
680 C C   . LYS B 38 ? 0.1012 0.1530 0.2051 0.0085  -0.0026 0.0040  34 LYS B C   
681 O O   . LYS B 38 ? 0.1192 0.1843 0.2329 0.0099  -0.0029 0.0036  34 LYS B O   
682 C CB  . LYS B 38 ? 0.0983 0.1587 0.2094 0.0072  -0.0009 0.0062  34 LYS B CB  
683 C CG  . LYS B 38 ? 0.1685 0.2280 0.2808 0.0023  0.0018  0.0069  34 LYS B CG  
684 C CD  . LYS B 38 ? 0.2603 0.3177 0.3635 0.0017  -0.0009 0.0088  34 LYS B CD  
685 C CE  . LYS B 38 ? 0.3478 0.3988 0.4418 -0.0051 -0.0004 0.0094  34 LYS B CE  
686 N NZ  . LYS B 38 ? 0.2780 0.3257 0.3584 -0.0118 -0.0065 0.0141  34 LYS B NZ  
687 N N   . GLN B 39 ? 0.1198 0.1477 0.2005 0.0140  -0.0018 0.0036  35 GLN B N   
688 C CA  . GLN B 39 ? 0.1420 0.1527 0.2024 0.0238  0.0009  0.0034  35 GLN B CA  
689 C C   . GLN B 39 ? 0.1710 0.1726 0.2251 0.0119  -0.0032 0.0012  35 GLN B C   
690 O O   . GLN B 39 ? 0.1911 0.1944 0.2430 0.0183  -0.0013 0.0006  35 GLN B O   
691 C CB  . GLN B 39 ? 0.1811 0.1542 0.2055 0.0332  0.0052  0.0042  35 GLN B CB  
692 C CG  . GLN B 39 ? 0.2063 0.1588 0.2042 0.0532  0.0143  0.0071  35 GLN B CG  
693 C CD  . GLN B 39 ? 0.1930 0.1859 0.2172 0.0715  0.0200  0.0172  35 GLN B CD  
694 O OE1 . GLN B 39 ? 0.2323 0.2451 0.2696 0.0778  0.0217  0.0250  35 GLN B OE1 
695 N NE2 . GLN B 39 ? 0.2262 0.2329 0.2576 0.0779  0.0218  0.0196  35 GLN B NE2 
696 N N   . GLN B 40 ? 0.1521 0.1480 0.2044 -0.0064 -0.0093 0.0030  36 GLN B N   
697 C CA  . GLN B 40 ? 0.1707 0.1635 0.2186 -0.0228 -0.0154 0.0060  36 GLN B CA  
698 C C   . GLN B 40 ? 0.1469 0.1778 0.2304 -0.0216 -0.0137 0.0070  36 GLN B C   
699 O O   . GLN B 40 ? 0.1612 0.1917 0.2419 -0.0269 -0.0162 0.0073  36 GLN B O   
700 C CB  . GLN B 40 ? 0.1621 0.1529 0.2067 -0.0443 -0.0234 0.0153  36 GLN B CB  
701 C CG  . GLN B 40 ? 0.2798 0.2685 0.3158 -0.0678 -0.0332 0.0244  36 GLN B CG  
702 C CD  . GLN B 40 ? 0.7329 0.6707 0.7180 -0.0724 -0.0371 0.0187  36 GLN B CD  
703 O OE1 . GLN B 40 ? 0.4830 0.3729 0.4238 -0.0669 -0.0357 0.0129  36 GLN B OE1 
704 N NE2 . GLN B 40 ? 0.4017 0.3449 0.3877 -0.0819 -0.0408 0.0210  36 GLN B NE2 
705 N N   . LEU B 41 ? 0.1000 0.1584 0.2116 -0.0155 -0.0094 0.0077  37 LEU B N   
706 C CA  . LEU B 41 ? 0.1291 0.2091 0.2543 -0.0124 -0.0062 0.0073  37 LEU B CA  
707 C C   . LEU B 41 ? 0.1612 0.2438 0.2839 -0.0023 -0.0058 0.0028  37 LEU B C   
708 O O   . LEU B 41 ? 0.2062 0.2935 0.3177 -0.0028 -0.0048 0.0018  37 LEU B O   
709 C CB  . LEU B 41 ? 0.1075 0.1894 0.2273 -0.0080 -0.0010 0.0073  37 LEU B CB  
710 C CG  . LEU B 41 ? 0.1185 0.2027 0.2408 -0.0132 0.0017  0.0143  37 LEU B CG  
711 C CD1 . LEU B 41 ? 0.1686 0.2508 0.2932 -0.0078 0.0076  0.0163  37 LEU B CD1 
712 C CD2 . LEU B 41 ? 0.1622 0.2523 0.2805 -0.0150 0.0038  0.0165  37 LEU B CD2 
713 N N   . GLN B 42 ? 0.1533 0.2264 0.2707 0.0087  -0.0052 0.0015  38 GLN B N   
714 C CA  . GLN B 42 ? 0.1693 0.2502 0.2862 0.0225  -0.0029 0.0027  38 GLN B CA  
715 C C   . GLN B 42 ? 0.2281 0.2855 0.3218 0.0244  -0.0016 0.0009  38 GLN B C   
716 O O   . GLN B 42 ? 0.3595 0.4239 0.4522 0.0382  0.0022  0.0037  38 GLN B O   
717 C CB  . GLN B 42 ? 0.2278 0.3075 0.3361 0.0380  0.0014  0.0082  38 GLN B CB  
718 C CG  . GLN B 42 ? 0.2576 0.3500 0.3712 0.0317  -0.0018 0.0088  38 GLN B CG  
719 C CD  . GLN B 42 ? 0.4002 0.5011 0.5086 0.0213  -0.0057 0.0037  38 GLN B CD  
720 O OE1 . GLN B 42 ? 0.2655 0.3697 0.3740 0.0228  -0.0079 0.0034  38 GLN B OE1 
721 N NE2 . GLN B 42 ? 0.5217 0.6191 0.6281 0.0117  -0.0052 0.0026  38 GLN B NE2 
722 N N   . VAL B 43 ? 0.2514 0.2807 0.3231 0.0097  -0.0054 -0.0011 39 VAL B N   
723 C CA  . VAL B 43 ? 0.3545 0.3504 0.3924 0.0066  -0.0060 -0.0027 39 VAL B CA  
724 C C   . VAL B 43 ? 0.7749 0.8001 0.8383 0.0035  -0.0080 -0.0026 39 VAL B C   
725 O O   . VAL B 43 ? 0.6274 0.6820 0.7214 -0.0113 -0.0132 -0.0002 39 VAL B O   
726 C CB  . VAL B 43 ? 0.4434 0.4053 0.4509 -0.0172 -0.0143 -0.0013 39 VAL B CB  
727 C CG1 . VAL B 43 ? 0.5130 0.4416 0.4845 -0.0298 -0.0188 -0.0014 39 VAL B CG1 
728 C CG2 . VAL B 43 ? 0.4018 0.3225 0.3714 -0.0117 -0.0116 -0.0024 39 VAL B CG2 
729 N N   . GLN B 44 ? 0.8121 0.8310 0.8636 0.0205  -0.0020 -0.0028 40 GLN B N   
730 C CA  . GLN B 44 ? 0.9650 1.0112 1.0395 0.0198  -0.0036 -0.0027 40 GLN B CA  
731 C C   . GLN B 44 ? 0.7614 0.7671 0.7951 0.0139  -0.0040 -0.0048 40 GLN B C   
732 O O   . GLN B 44 ? 0.7150 0.7007 0.7320 -0.0108 -0.0125 -0.0049 40 GLN B O   
733 C CB  . GLN B 44 ? 0.5581 0.6367 0.6546 0.0424  0.0022  0.0024  40 GLN B CB  
# 
